data_8CCN
#
_entry.id   8CCN
#
_cell.length_a   1.00
_cell.length_b   1.00
_cell.length_c   1.00
_cell.angle_alpha   90.00
_cell.angle_beta   90.00
_cell.angle_gamma   90.00
#
_symmetry.space_group_name_H-M   'P 1'
#
loop_
_entity.id
_entity.type
_entity.pdbx_description
1 polymer Actin-2
2 non-polymer "ADENOSINE-5'-DIPHOSPHATE"
3 non-polymer 'MAGNESIUM ION'
#
_entity_poly.entity_id   1
_entity_poly.type   'polypeptide(L)'
_entity_poly.pdbx_seq_one_letter_code
;GAMSEEAVALVVDNGSGMVKSGLAGDDAPKCVFPSIVGRPKMPNIMIGMEQKECYVGDEAQNKRGILTLKYPIE(HIC)G
IVTNWDDMEKIWHHTFYNELRVSPEEHPVLLTEAPLNPKTNREKMTQIMFETFDVPAMYVSIQAILSLYASGRTTGIVLD
SGDGVSHTVPIYEGYVLPHAINRIDMAGRDLTYHMMKLFTERGHTFTTTAEREIVRDIKEKLCYIAMDYDEELKRSEEHS
DEIEEIYELPDGNLITVGSERFRCPEALFNPTLIGRECPGLHITAYQSIMKCDIDIRKELYNNIVLSGGTTMYNNIGERL
TKEMTNLAPSSMKIKVIAPPERKYSVWIGGSILSSLSTFQQMWITKEEYEDSGPSIVHRKCF
;
_entity_poly.pdbx_strand_id   A,B,C,D,E,F
#
# COMPACT_ATOMS: atom_id res chain seq x y z
N ALA A 7 37.79 31.55 57.46
CA ALA A 7 37.47 31.55 58.88
C ALA A 7 36.72 30.29 59.27
N VAL A 8 36.98 29.79 60.48
CA VAL A 8 36.30 28.60 60.97
C VAL A 8 34.84 28.93 61.22
N ALA A 9 33.95 28.06 60.75
CA ALA A 9 32.52 28.26 60.89
C ALA A 9 32.02 27.72 62.22
N LEU A 10 30.86 28.22 62.64
CA LEU A 10 30.20 27.80 63.87
C LEU A 10 29.06 26.88 63.52
N VAL A 11 29.03 25.69 64.12
CA VAL A 11 27.94 24.74 63.93
C VAL A 11 27.09 24.79 65.19
N VAL A 12 25.86 25.27 65.04
CA VAL A 12 24.94 25.42 66.17
C VAL A 12 23.64 24.67 65.85
N ASP A 13 23.50 23.46 66.40
CA ASP A 13 22.28 22.68 66.25
C ASP A 13 21.38 22.99 67.44
N ASN A 14 20.32 23.76 67.20
CA ASN A 14 19.36 24.12 68.24
C ASN A 14 18.10 23.29 68.06
N GLY A 15 17.69 22.61 69.13
CA GLY A 15 16.50 21.79 69.09
C GLY A 15 15.55 22.09 70.23
N SER A 16 14.62 21.18 70.50
CA SER A 16 13.66 21.39 71.58
C SER A 16 14.31 21.21 72.94
N GLY A 17 14.86 20.02 73.19
CA GLY A 17 15.45 19.72 74.48
C GLY A 17 16.85 20.29 74.69
N MET A 18 17.80 19.85 73.88
CA MET A 18 19.19 20.23 74.04
C MET A 18 19.65 21.10 72.88
N VAL A 19 20.74 21.85 73.11
CA VAL A 19 21.37 22.68 72.10
C VAL A 19 22.84 22.29 72.06
N LYS A 20 23.35 21.98 70.87
CA LYS A 20 24.74 21.65 70.66
C LYS A 20 25.42 22.76 69.87
N SER A 21 26.65 23.09 70.24
CA SER A 21 27.38 24.14 69.56
C SER A 21 28.86 23.80 69.54
N GLY A 22 29.51 24.15 68.44
CA GLY A 22 30.93 23.88 68.31
C GLY A 22 31.51 24.54 67.09
N LEU A 23 32.80 24.25 66.86
CA LEU A 23 33.55 24.78 65.73
C LEU A 23 33.59 23.74 64.62
N ALA A 24 33.42 24.18 63.38
CA ALA A 24 33.47 23.27 62.25
C ALA A 24 34.89 22.78 62.04
N GLY A 25 35.10 21.47 62.19
CA GLY A 25 36.42 20.89 62.04
C GLY A 25 36.73 19.84 63.08
N ASP A 26 35.97 19.84 64.17
CA ASP A 26 36.14 18.87 65.24
C ASP A 26 35.25 17.66 65.00
N ASP A 27 35.48 16.61 65.80
CA ASP A 27 34.73 15.37 65.69
C ASP A 27 33.69 15.20 66.80
N ALA A 28 33.47 16.23 67.62
CA ALA A 28 32.51 16.17 68.70
C ALA A 28 32.06 17.58 69.09
N PRO A 29 30.80 17.76 69.48
CA PRO A 29 30.35 19.10 69.88
C PRO A 29 31.08 19.57 71.13
N LYS A 30 31.27 20.88 71.22
CA LYS A 30 31.99 21.49 72.33
C LYS A 30 31.10 21.85 73.50
N CYS A 31 29.91 22.40 73.25
CA CYS A 31 29.02 22.84 74.31
C CYS A 31 27.64 22.23 74.06
N VAL A 32 27.20 21.36 74.95
CA VAL A 32 25.90 20.71 74.86
C VAL A 32 25.14 21.08 76.14
N PHE A 33 24.08 21.87 76.00
CA PHE A 33 23.35 22.26 77.20
C PHE A 33 21.85 22.33 76.94
N PRO A 34 21.02 22.11 77.96
CA PRO A 34 19.57 22.20 77.77
C PRO A 34 19.14 23.62 77.43
N SER A 35 18.08 23.69 76.61
CA SER A 35 17.52 24.96 76.15
C SER A 35 16.31 25.30 77.02
N ILE A 36 16.59 25.82 78.22
CA ILE A 36 15.55 26.24 79.13
C ILE A 36 15.85 27.65 79.61
N VAL A 37 14.80 28.37 79.99
CA VAL A 37 14.93 29.70 80.57
C VAL A 37 14.26 29.69 81.94
N GLY A 38 15.00 30.08 82.97
CA GLY A 38 14.52 30.06 84.34
C GLY A 38 14.26 31.46 84.86
N ARG A 39 13.15 31.61 85.57
CA ARG A 39 12.81 32.89 86.18
C ARG A 39 12.46 32.71 87.65
N PRO A 40 12.95 33.58 88.52
CA PRO A 40 12.66 33.43 89.95
C PRO A 40 11.20 33.67 90.27
N LYS A 41 10.71 32.97 91.30
CA LYS A 41 9.34 33.11 91.75
C LYS A 41 9.21 33.41 93.23
N MET A 42 10.33 33.54 93.96
CA MET A 42 10.30 33.82 95.39
C MET A 42 10.90 35.19 95.67
N PRO A 43 10.44 35.87 96.73
CA PRO A 43 11.03 37.18 97.07
C PRO A 43 12.49 37.05 97.47
N ASN A 44 13.27 38.09 97.17
CA ASN A 44 14.67 38.15 97.57
C ASN A 44 14.81 39.10 98.75
N ILE A 45 15.40 38.61 99.83
CA ILE A 45 15.47 39.35 101.09
C ILE A 45 16.91 39.55 101.56
N MET A 46 17.87 38.90 100.91
CA MET A 46 19.27 38.95 101.34
C MET A 46 19.98 40.04 100.53
N ILE A 47 20.09 41.22 101.13
CA ILE A 47 20.78 42.34 100.49
C ILE A 47 22.28 42.14 100.60
N GLY A 48 22.99 42.32 99.49
CA GLY A 48 24.42 42.18 99.43
C GLY A 48 24.92 41.26 98.34
N MET A 49 24.08 40.37 97.82
CA MET A 49 24.44 39.45 96.76
C MET A 49 23.96 39.98 95.42
N GLU A 50 24.68 39.62 94.36
CA GLU A 50 24.34 40.05 93.01
C GLU A 50 23.50 38.97 92.34
N GLN A 51 22.21 39.26 92.16
CA GLN A 51 21.28 38.33 91.55
C GLN A 51 21.10 38.64 90.07
N LYS A 52 20.48 37.71 89.36
CA LYS A 52 20.21 37.86 87.93
C LYS A 52 18.72 37.67 87.67
N GLU A 53 18.22 38.37 86.66
CA GLU A 53 16.80 38.35 86.33
C GLU A 53 16.37 37.10 85.58
N CYS A 54 17.33 36.34 85.02
CA CYS A 54 16.99 35.15 84.26
C CYS A 54 18.21 34.25 84.18
N TYR A 55 18.00 32.95 84.35
CA TYR A 55 19.06 31.96 84.24
C TYR A 55 18.82 31.11 83.00
N VAL A 56 19.89 30.92 82.21
CA VAL A 56 19.80 30.19 80.94
C VAL A 56 20.88 29.12 80.95
N GLY A 57 20.49 27.88 80.65
CA GLY A 57 21.44 26.79 80.48
C GLY A 57 21.60 25.97 81.75
N ASP A 58 22.84 25.62 82.08
CA ASP A 58 23.09 24.76 83.23
C ASP A 58 22.75 25.47 84.54
N GLU A 59 22.95 26.79 84.58
CA GLU A 59 22.65 27.53 85.80
C GLU A 59 21.16 27.46 86.15
N ALA A 60 20.30 27.51 85.13
CA ALA A 60 18.87 27.37 85.37
C ALA A 60 18.52 25.98 85.87
N GLN A 61 19.18 24.95 85.35
CA GLN A 61 18.92 23.58 85.77
C GLN A 61 19.42 23.28 87.17
N ASN A 62 20.52 23.90 87.59
CA ASN A 62 21.07 23.64 88.92
C ASN A 62 20.18 24.26 90.01
N LYS A 63 19.68 25.47 89.76
CA LYS A 63 18.85 26.18 90.72
C LYS A 63 17.36 26.07 90.39
N ARG A 64 16.93 24.94 89.84
CA ARG A 64 15.54 24.80 89.40
C ARG A 64 14.57 24.76 90.57
N GLY A 65 15.06 24.62 91.80
CA GLY A 65 14.16 24.55 92.94
C GLY A 65 13.38 25.83 93.17
N ILE A 66 14.00 26.98 92.88
CA ILE A 66 13.37 28.27 93.13
C ILE A 66 13.17 29.01 91.81
N LEU A 67 13.09 28.28 90.71
CA LEU A 67 12.93 28.87 89.39
C LEU A 67 11.80 28.18 88.64
N THR A 68 11.07 28.96 87.84
CA THR A 68 10.12 28.43 86.88
C THR A 68 10.83 28.31 85.54
N LEU A 69 10.73 27.14 84.91
CA LEU A 69 11.46 26.83 83.69
C LEU A 69 10.52 26.83 82.50
N LYS A 70 10.95 27.50 81.42
CA LYS A 70 10.19 27.57 80.18
C LYS A 70 11.04 27.12 79.02
N TYR A 71 10.40 26.41 78.08
CA TYR A 71 11.06 25.98 76.85
C TYR A 71 10.67 26.91 75.72
N PRO A 72 11.60 27.64 75.11
CA PRO A 72 11.25 28.55 74.01
C PRO A 72 10.97 27.87 72.69
N ILE A 73 11.15 26.55 72.59
CA ILE A 73 10.93 25.82 71.35
C ILE A 73 9.97 24.67 71.65
N GLU A 74 8.88 24.59 70.89
CA GLU A 74 7.92 23.51 71.05
C GLU A 74 7.53 22.92 69.71
N GLY A 76 9.49 21.87 67.45
CA GLY A 76 10.39 22.41 66.44
C GLY A 76 10.05 23.80 65.98
N ILE A 77 9.07 24.43 66.63
CA ILE A 77 8.61 25.77 66.30
C ILE A 77 8.88 26.68 67.49
N VAL A 78 9.49 27.83 67.22
CA VAL A 78 9.82 28.79 68.27
C VAL A 78 8.56 29.56 68.65
N THR A 79 8.23 29.53 69.94
CA THR A 79 7.05 30.22 70.44
C THR A 79 7.36 31.64 70.88
N ASN A 80 8.34 31.81 71.75
CA ASN A 80 8.78 33.12 72.22
C ASN A 80 10.18 33.38 71.69
N TRP A 81 10.36 34.50 70.99
CA TRP A 81 11.65 34.82 70.38
C TRP A 81 12.61 35.50 71.33
N ASP A 82 12.12 36.13 72.40
CA ASP A 82 13.01 36.76 73.36
C ASP A 82 13.88 35.72 74.07
N ASP A 83 13.25 34.62 74.49
CA ASP A 83 14.00 33.55 75.16
C ASP A 83 15.00 32.91 74.21
N MET A 84 14.61 32.70 72.95
CA MET A 84 15.53 32.13 71.97
C MET A 84 16.70 33.06 71.72
N GLU A 85 16.44 34.37 71.64
CA GLU A 85 17.52 35.33 71.47
C GLU A 85 18.47 35.31 72.68
N LYS A 86 17.91 35.21 73.88
CA LYS A 86 18.75 35.11 75.07
C LYS A 86 19.60 33.84 75.05
N ILE A 87 19.02 32.72 74.61
CA ILE A 87 19.78 31.48 74.53
C ILE A 87 20.90 31.60 73.50
N TRP A 88 20.63 32.21 72.35
CA TRP A 88 21.66 32.41 71.35
C TRP A 88 22.77 33.31 71.88
N HIS A 89 22.40 34.37 72.60
CA HIS A 89 23.41 35.25 73.19
C HIS A 89 24.27 34.52 74.20
N HIS A 90 23.64 33.68 75.04
CA HIS A 90 24.39 32.89 76.00
C HIS A 90 25.33 31.92 75.30
N THR A 91 24.87 31.29 74.22
CA THR A 91 25.73 30.35 73.49
C THR A 91 26.92 31.07 72.87
N PHE A 92 26.69 32.24 72.27
CA PHE A 92 27.76 32.92 71.56
C PHE A 92 28.76 33.56 72.51
N TYR A 93 28.29 34.20 73.58
CA TYR A 93 29.14 35.03 74.43
C TYR A 93 29.64 34.33 75.69
N ASN A 94 29.00 33.24 76.11
CA ASN A 94 29.39 32.57 77.34
C ASN A 94 29.96 31.18 77.11
N GLU A 95 29.29 30.36 76.31
CA GLU A 95 29.75 28.99 76.10
C GLU A 95 30.94 28.94 75.16
N LEU A 96 30.75 29.39 73.92
CA LEU A 96 31.82 29.32 72.91
C LEU A 96 32.87 30.40 73.14
N ARG A 97 32.46 31.53 73.73
CA ARG A 97 33.34 32.66 73.97
CA ARG A 97 33.36 32.65 73.97
C ARG A 97 34.02 33.12 72.68
N VAL A 98 33.27 33.14 71.59
CA VAL A 98 33.75 33.61 70.29
C VAL A 98 32.86 34.74 69.82
N SER A 99 33.46 35.69 69.12
CA SER A 99 32.73 36.84 68.61
C SER A 99 31.84 36.41 67.44
N PRO A 100 30.53 36.62 67.50
CA PRO A 100 29.66 36.20 66.40
C PRO A 100 29.65 37.18 65.25
N GLU A 101 30.83 37.65 64.83
CA GLU A 101 30.93 38.57 63.71
C GLU A 101 32.06 38.21 62.75
N GLU A 102 32.84 37.18 63.03
CA GLU A 102 33.90 36.73 62.14
C GLU A 102 33.78 35.25 61.79
N HIS A 103 32.63 34.64 62.01
CA HIS A 103 32.44 33.22 61.74
C HIS A 103 31.07 33.00 61.11
N PRO A 104 31.00 32.32 59.97
CA PRO A 104 29.69 32.00 59.39
C PRO A 104 28.92 31.01 60.25
N VAL A 105 27.59 31.08 60.17
CA VAL A 105 26.73 30.27 61.02
C VAL A 105 26.03 29.22 60.16
N LEU A 106 25.96 28.00 60.70
CA LEU A 106 25.28 26.88 60.03
C LEU A 106 24.19 26.39 60.97
N LEU A 107 22.94 26.66 60.63
CA LEU A 107 21.80 26.28 61.46
C LEU A 107 21.05 25.12 60.84
N THR A 108 20.31 24.41 61.69
CA THR A 108 19.55 23.23 61.28
C THR A 108 18.06 23.48 61.52
N GLU A 109 17.25 22.85 60.68
CA GLU A 109 15.80 22.97 60.80
C GLU A 109 15.16 21.64 60.39
N ALA A 110 13.97 21.38 60.95
CA ALA A 110 13.17 20.21 60.65
C ALA A 110 12.38 20.40 59.36
N PRO A 111 12.10 19.32 58.64
CA PRO A 111 11.30 19.45 57.41
C PRO A 111 9.86 19.83 57.70
N LEU A 112 9.23 20.44 56.70
CA LEU A 112 7.83 20.86 56.76
C LEU A 112 7.60 21.83 57.93
N ASN A 113 8.31 22.96 57.88
CA ASN A 113 8.19 24.02 58.85
C ASN A 113 7.63 25.28 58.22
N PRO A 114 6.95 26.13 59.00
CA PRO A 114 6.43 27.39 58.45
C PRO A 114 7.55 28.29 57.96
N LYS A 115 7.25 29.06 56.91
CA LYS A 115 8.25 29.96 56.33
C LYS A 115 8.62 31.08 57.29
N THR A 116 7.65 31.55 58.08
CA THR A 116 7.90 32.63 59.02
C THR A 116 9.00 32.30 60.02
N ASN A 117 9.12 31.03 60.42
CA ASN A 117 10.19 30.65 61.34
C ASN A 117 11.56 30.91 60.73
N ARG A 118 11.78 30.45 59.50
CA ARG A 118 13.04 30.69 58.82
C ARG A 118 13.27 32.18 58.59
N GLU A 119 12.23 32.90 58.19
CA GLU A 119 12.38 34.34 57.93
C GLU A 119 12.81 35.09 59.19
N LYS A 120 12.14 34.82 60.31
CA LYS A 120 12.50 35.48 61.56
C LYS A 120 13.87 35.07 62.04
N MET A 121 14.24 33.78 61.88
CA MET A 121 15.57 33.34 62.27
C MET A 121 16.64 34.07 61.49
N THR A 122 16.47 34.18 60.17
CA THR A 122 17.44 34.88 59.34
C THR A 122 17.50 36.36 59.70
N GLN A 123 16.33 36.98 59.94
CA GLN A 123 16.31 38.39 60.30
C GLN A 123 17.03 38.64 61.61
N ILE A 124 16.81 37.78 62.61
CA ILE A 124 17.49 37.94 63.89
C ILE A 124 18.99 37.75 63.74
N MET A 125 19.39 36.74 62.96
CA MET A 125 20.81 36.47 62.77
C MET A 125 21.51 37.63 62.06
N PHE A 126 20.83 38.26 61.10
CA PHE A 126 21.50 39.31 60.32
C PHE A 126 21.40 40.69 60.97
N GLU A 127 20.37 40.94 61.77
CA GLU A 127 20.13 42.29 62.30
C GLU A 127 20.51 42.44 63.76
N THR A 128 20.68 41.36 64.52
CA THR A 128 21.05 41.44 65.92
C THR A 128 22.51 41.09 66.17
N PHE A 129 22.96 39.93 65.71
CA PHE A 129 24.35 39.53 65.89
C PHE A 129 25.26 40.00 64.75
N ASP A 130 24.68 40.44 63.63
CA ASP A 130 25.43 40.95 62.49
C ASP A 130 26.47 39.94 62.01
N VAL A 131 26.00 38.72 61.75
CA VAL A 131 26.85 37.64 61.26
C VAL A 131 27.22 37.94 59.81
N PRO A 132 28.42 37.55 59.35
CA PRO A 132 28.79 37.80 57.95
C PRO A 132 27.95 36.99 56.98
N ALA A 133 27.81 35.70 57.22
CA ALA A 133 27.04 34.81 56.37
C ALA A 133 26.40 33.72 57.22
N MET A 134 25.33 33.12 56.68
CA MET A 134 24.63 32.07 57.38
C MET A 134 24.02 31.11 56.36
N TYR A 135 23.73 29.90 56.82
CA TYR A 135 23.10 28.90 55.97
C TYR A 135 22.27 27.96 56.84
N VAL A 136 21.07 27.63 56.36
CA VAL A 136 20.14 26.77 57.08
C VAL A 136 19.96 25.48 56.29
N SER A 137 20.05 24.34 56.98
CA SER A 137 19.97 23.05 56.31
C SER A 137 19.04 22.13 57.07
N ILE A 138 18.52 21.12 56.35
CA ILE A 138 17.67 20.11 56.97
C ILE A 138 18.53 19.15 57.78
N GLN A 139 17.96 18.65 58.88
CA GLN A 139 18.71 17.78 59.78
C GLN A 139 18.96 16.41 59.17
N ALA A 140 18.02 15.89 58.37
CA ALA A 140 18.20 14.58 57.77
C ALA A 140 19.37 14.54 56.80
N ILE A 141 19.59 15.62 56.04
CA ILE A 141 20.72 15.68 55.13
C ILE A 141 22.03 15.58 55.89
N LEU A 142 22.15 16.33 56.99
CA LEU A 142 23.36 16.26 57.81
C LEU A 142 23.52 14.89 58.45
N SER A 143 22.42 14.28 58.89
CA SER A 143 22.50 12.93 59.45
C SER A 143 22.99 11.92 58.44
N LEU A 144 22.54 12.01 57.19
CA LEU A 144 23.06 11.14 56.13
C LEU A 144 24.50 11.46 55.76
N TYR A 145 24.89 12.73 55.83
CA TYR A 145 26.29 13.10 55.60
C TYR A 145 27.20 12.47 56.64
N ALA A 146 26.76 12.48 57.91
CA ALA A 146 27.61 11.99 58.99
C ALA A 146 27.94 10.50 58.84
N SER A 147 27.04 9.73 58.22
CA SER A 147 27.25 8.31 58.04
C SER A 147 28.12 7.98 56.83
N GLY A 148 28.49 8.97 56.02
CA GLY A 148 29.29 8.71 54.84
C GLY A 148 28.60 7.90 53.78
N ARG A 149 27.31 8.07 53.61
CA ARG A 149 26.53 7.36 52.60
C ARG A 149 25.85 8.35 51.67
N THR A 150 25.26 7.81 50.60
CA THR A 150 24.52 8.61 49.64
C THR A 150 23.08 8.15 49.42
N THR A 151 22.75 6.92 49.81
CA THR A 151 21.40 6.38 49.64
C THR A 151 20.94 5.77 50.96
N GLY A 152 19.73 6.11 51.37
CA GLY A 152 19.18 5.56 52.58
C GLY A 152 17.97 6.34 53.05
N ILE A 153 17.27 5.76 54.02
CA ILE A 153 16.11 6.39 54.65
C ILE A 153 16.48 6.74 56.08
N VAL A 154 16.33 8.00 56.44
CA VAL A 154 16.71 8.51 57.76
C VAL A 154 15.46 8.64 58.60
N LEU A 155 15.44 7.93 59.73
CA LEU A 155 14.39 8.03 60.73
C LEU A 155 14.96 8.81 61.91
N ASP A 156 14.64 10.10 61.99
CA ASP A 156 15.16 10.96 63.03
C ASP A 156 14.08 11.17 64.08
N SER A 157 14.48 11.06 65.36
CA SER A 157 13.56 11.24 66.47
C SER A 157 14.25 12.04 67.56
N GLY A 158 13.84 13.29 67.72
CA GLY A 158 14.47 14.16 68.71
C GLY A 158 13.67 14.30 69.98
N ASP A 159 13.43 15.54 70.40
CA ASP A 159 12.71 15.81 71.64
C ASP A 159 11.25 16.17 71.40
N GLY A 160 10.91 16.81 70.28
CA GLY A 160 9.54 17.18 70.02
C GLY A 160 8.99 16.67 68.70
N VAL A 161 9.85 16.41 67.73
CA VAL A 161 9.44 16.05 66.38
C VAL A 161 10.18 14.81 65.92
N SER A 162 9.46 13.87 65.31
CA SER A 162 10.06 12.69 64.71
C SER A 162 9.68 12.65 63.23
N HIS A 163 10.68 12.56 62.36
CA HIS A 163 10.45 12.63 60.93
C HIS A 163 11.19 11.51 60.21
N THR A 164 10.78 11.29 58.97
CA THR A 164 11.33 10.25 58.09
C THR A 164 11.60 10.86 56.73
N VAL A 165 12.83 10.72 56.25
CA VAL A 165 13.23 11.30 54.97
C VAL A 165 14.03 10.29 54.15
N PRO A 166 13.56 9.90 52.96
CA PRO A 166 14.37 9.04 52.09
C PRO A 166 15.18 9.84 51.10
N ILE A 167 16.37 9.32 50.78
CA ILE A 167 17.27 9.91 49.80
C ILE A 167 17.85 8.80 48.95
N TYR A 168 17.87 8.98 47.64
CA TYR A 168 18.41 7.98 46.72
C TYR A 168 19.46 8.63 45.82
N GLU A 169 20.71 8.21 45.98
CA GLU A 169 21.82 8.66 45.13
C GLU A 169 21.93 10.17 45.08
N GLY A 170 21.74 10.82 46.22
CA GLY A 170 21.85 12.27 46.31
C GLY A 170 20.62 13.04 45.90
N TYR A 171 19.53 12.36 45.57
CA TYR A 171 18.28 13.01 45.19
C TYR A 171 17.22 12.69 46.23
N VAL A 172 16.63 13.73 46.81
CA VAL A 172 15.60 13.57 47.83
C VAL A 172 14.24 13.50 47.16
N LEU A 173 13.33 12.73 47.77
CA LEU A 173 11.96 12.64 47.27
C LEU A 173 11.04 13.38 48.23
N PRO A 174 10.71 14.65 47.94
CA PRO A 174 9.90 15.43 48.89
C PRO A 174 8.50 14.88 49.09
N HIS A 175 7.97 14.10 48.14
CA HIS A 175 6.61 13.60 48.26
C HIS A 175 6.52 12.39 49.19
N ALA A 176 7.67 11.92 49.68
CA ALA A 176 7.73 10.75 50.54
C ALA A 176 8.38 11.10 51.87
N ILE A 177 8.19 12.33 52.34
CA ILE A 177 8.74 12.79 53.61
C ILE A 177 7.63 12.84 54.64
N ASN A 178 7.85 12.23 55.79
CA ASN A 178 6.84 12.14 56.84
C ASN A 178 7.32 12.88 58.09
N ARG A 179 6.37 13.40 58.86
CA ARG A 179 6.69 14.11 60.09
C ARG A 179 5.52 13.98 61.06
N ILE A 180 5.79 13.56 62.29
CA ILE A 180 4.79 13.48 63.33
C ILE A 180 5.36 14.08 64.62
N ASP A 181 4.49 14.70 65.42
CA ASP A 181 4.88 15.33 66.66
C ASP A 181 4.64 14.36 67.81
N MET A 182 5.59 13.44 67.98
CA MET A 182 5.52 12.46 69.06
C MET A 182 6.95 12.01 69.35
N ALA A 183 7.49 12.42 70.49
CA ALA A 183 8.89 12.23 70.79
C ALA A 183 9.05 12.04 72.30
N GLY A 184 10.27 12.26 72.80
CA GLY A 184 10.59 11.89 74.17
C GLY A 184 9.77 12.61 75.22
N ARG A 185 9.23 13.78 74.88
CA ARG A 185 8.41 14.51 75.84
C ARG A 185 7.12 13.77 76.16
N ASP A 186 6.47 13.22 75.13
CA ASP A 186 5.28 12.41 75.36
C ASP A 186 5.62 11.14 76.12
N LEU A 187 6.80 10.57 75.87
CA LEU A 187 7.25 9.42 76.66
C LEU A 187 7.45 9.78 78.12
N THR A 188 7.99 10.97 78.40
CA THR A 188 8.15 11.41 79.78
C THR A 188 6.80 11.59 80.45
N TYR A 189 5.83 12.18 79.73
CA TYR A 189 4.49 12.32 80.28
C TYR A 189 3.86 10.96 80.57
N HIS A 190 4.04 10.01 79.65
CA HIS A 190 3.52 8.66 79.87
C HIS A 190 4.19 7.99 81.06
N MET A 191 5.50 8.21 81.23
CA MET A 191 6.20 7.66 82.38
C MET A 191 5.69 8.25 83.68
N MET A 192 5.42 9.55 83.70
CA MET A 192 4.83 10.18 84.88
C MET A 192 3.45 9.59 85.19
N LYS A 193 2.63 9.41 84.15
CA LYS A 193 1.31 8.83 84.34
C LYS A 193 1.41 7.40 84.88
N LEU A 194 2.35 6.61 84.38
CA LEU A 194 2.55 5.27 84.90
C LEU A 194 3.02 5.30 86.35
N PHE A 195 3.90 6.24 86.69
CA PHE A 195 4.36 6.38 88.07
C PHE A 195 3.25 6.80 89.02
N THR A 196 2.24 7.52 88.54
CA THR A 196 1.13 7.88 89.40
C THR A 196 0.35 6.66 89.88
N GLU A 197 0.45 5.54 89.16
CA GLU A 197 -0.23 4.32 89.57
C GLU A 197 0.50 3.57 90.68
N ARG A 198 1.77 3.90 90.94
CA ARG A 198 2.53 3.26 92.00
C ARG A 198 2.40 3.96 93.34
N GLY A 199 2.06 5.25 93.36
CA GLY A 199 1.93 5.99 94.58
C GLY A 199 2.70 7.30 94.56
N HIS A 200 3.65 7.41 93.63
CA HIS A 200 4.47 8.60 93.50
C HIS A 200 3.83 9.57 92.52
N THR A 201 3.77 10.85 92.91
CA THR A 201 3.16 11.88 92.10
C THR A 201 4.19 12.94 91.77
N PHE A 202 4.36 13.24 90.49
CA PHE A 202 5.30 14.26 90.02
C PHE A 202 4.53 15.27 89.18
N THR A 203 4.59 16.53 89.57
CA THR A 203 3.87 17.59 88.87
C THR A 203 4.76 18.77 88.47
N THR A 204 5.72 19.13 89.31
CA THR A 204 6.52 20.32 89.06
C THR A 204 7.57 20.05 87.98
N THR A 205 8.17 21.14 87.49
CA THR A 205 9.17 21.03 86.43
C THR A 205 10.40 20.26 86.90
N ALA A 206 10.82 20.50 88.14
CA ALA A 206 11.96 19.76 88.68
C ALA A 206 11.65 18.26 88.76
N GLU A 207 10.43 17.92 89.18
CA GLU A 207 10.02 16.53 89.15
C GLU A 207 9.99 15.98 87.73
N ARG A 208 9.61 16.81 86.76
CA ARG A 208 9.65 16.38 85.36
CA ARG A 208 9.65 16.38 85.36
C ARG A 208 11.07 16.06 84.92
N GLU A 209 12.04 16.89 85.30
CA GLU A 209 13.43 16.61 84.97
C GLU A 209 13.92 15.34 85.65
N ILE A 210 13.50 15.12 86.91
CA ILE A 210 13.86 13.89 87.60
C ILE A 210 13.31 12.67 86.86
N VAL A 211 12.05 12.74 86.43
CA VAL A 211 11.45 11.63 85.69
C VAL A 211 12.16 11.42 84.37
N ARG A 212 12.57 12.51 83.71
CA ARG A 212 13.32 12.38 82.47
C ARG A 212 14.65 11.67 82.70
N ASP A 213 15.35 12.02 83.78
CA ASP A 213 16.60 11.34 84.10
C ASP A 213 16.37 9.86 84.39
N ILE A 214 15.30 9.54 85.12
CA ILE A 214 14.98 8.14 85.41
C ILE A 214 14.72 7.38 84.12
N LYS A 215 13.98 7.99 83.19
CA LYS A 215 13.70 7.36 81.92
C LYS A 215 14.98 7.14 81.12
N GLU A 216 15.87 8.14 81.12
CA GLU A 216 17.12 8.00 80.39
C GLU A 216 17.99 6.89 80.97
N LYS A 217 18.00 6.73 82.28
CA LYS A 217 18.92 5.80 82.92
C LYS A 217 18.38 4.37 83.05
N LEU A 218 17.06 4.18 83.11
CA LEU A 218 16.51 2.87 83.44
C LEU A 218 15.39 2.44 82.50
N CYS A 219 15.56 2.56 81.19
CA CYS A 219 14.57 2.12 80.23
C CYS A 219 15.20 1.26 79.14
N TYR A 220 14.44 0.30 78.63
CA TYR A 220 14.88 -0.55 77.54
C TYR A 220 13.64 -1.04 76.78
N ILE A 221 13.87 -1.53 75.57
CA ILE A 221 12.80 -1.96 74.68
C ILE A 221 12.74 -3.48 74.69
N ALA A 222 11.56 -4.03 74.95
CA ALA A 222 11.37 -5.47 75.01
C ALA A 222 11.13 -6.03 73.62
N MET A 223 11.80 -7.14 73.30
CA MET A 223 11.60 -7.77 72.00
C MET A 223 10.18 -8.30 71.85
N ASP A 224 9.67 -8.95 72.89
CA ASP A 224 8.30 -9.47 72.91
C ASP A 224 7.58 -8.79 74.08
N TYR A 225 6.69 -7.85 73.74
CA TYR A 225 5.99 -7.08 74.76
C TYR A 225 5.07 -7.97 75.60
N ASP A 226 4.35 -8.89 74.95
CA ASP A 226 3.40 -9.73 75.67
C ASP A 226 4.11 -10.66 76.65
N GLU A 227 5.22 -11.26 76.22
CA GLU A 227 5.94 -12.19 77.09
C GLU A 227 6.50 -11.48 78.31
N GLU A 228 7.09 -10.31 78.13
CA GLU A 228 7.62 -9.57 79.28
C GLU A 228 6.50 -9.04 80.16
N LEU A 229 5.35 -8.69 79.58
CA LEU A 229 4.21 -8.30 80.39
C LEU A 229 3.71 -9.47 81.24
N LYS A 230 3.70 -10.67 80.68
CA LYS A 230 3.34 -11.85 81.47
C LYS A 230 4.34 -12.11 82.57
N ARG A 231 5.64 -11.97 82.26
CA ARG A 231 6.69 -12.18 83.26
CA ARG A 231 6.67 -12.20 83.26
C ARG A 231 6.71 -11.10 84.32
N SER A 232 6.12 -9.94 84.05
CA SER A 232 6.13 -8.86 85.03
C SER A 232 5.32 -9.23 86.28
N GLU A 233 4.29 -10.05 86.12
CA GLU A 233 3.41 -10.42 87.21
C GLU A 233 3.85 -11.72 87.89
N GLU A 234 4.96 -12.30 87.43
CA GLU A 234 5.47 -13.55 87.99
C GLU A 234 6.94 -13.50 88.38
N HIS A 235 7.76 -12.67 87.76
CA HIS A 235 9.18 -12.57 88.11
C HIS A 235 9.58 -11.13 88.28
N SER A 236 8.79 -10.37 89.06
CA SER A 236 9.03 -8.94 89.21
C SER A 236 10.39 -8.65 89.86
N ASP A 237 10.90 -9.61 90.63
CA ASP A 237 12.18 -9.40 91.30
C ASP A 237 13.31 -9.18 90.30
N GLU A 238 13.23 -9.81 89.12
CA GLU A 238 14.26 -9.63 88.10
C GLU A 238 14.18 -8.24 87.48
N ILE A 239 12.97 -7.68 87.39
CA ILE A 239 12.80 -6.41 86.68
C ILE A 239 12.96 -5.21 87.62
N GLU A 240 12.72 -5.40 88.92
CA GLU A 240 12.76 -4.29 89.86
C GLU A 240 14.15 -3.67 89.91
N GLU A 241 14.20 -2.34 90.01
CA GLU A 241 15.45 -1.59 90.08
C GLU A 241 15.28 -0.47 91.09
N ILE A 242 16.30 -0.24 91.91
CA ILE A 242 16.24 0.81 92.92
C ILE A 242 16.88 2.08 92.38
N TYR A 243 16.20 3.21 92.57
CA TYR A 243 16.71 4.51 92.16
C TYR A 243 16.65 5.46 93.35
N GLU A 244 17.68 6.30 93.48
CA GLU A 244 17.80 7.21 94.61
C GLU A 244 17.37 8.60 94.18
N LEU A 245 16.31 9.12 94.81
CA LEU A 245 15.86 10.47 94.54
C LEU A 245 16.85 11.48 95.15
N PRO A 246 16.87 12.72 94.64
CA PRO A 246 17.83 13.71 95.16
C PRO A 246 17.63 14.02 96.64
N ASP A 247 16.42 13.83 97.15
CA ASP A 247 16.17 14.09 98.56
C ASP A 247 16.52 12.91 99.46
N GLY A 248 16.97 11.79 98.88
CA GLY A 248 17.40 10.65 99.65
C GLY A 248 16.43 9.48 99.68
N ASN A 249 15.20 9.66 99.19
CA ASN A 249 14.25 8.57 99.17
C ASN A 249 14.57 7.59 98.04
N LEU A 250 14.06 6.37 98.18
CA LEU A 250 14.29 5.31 97.20
C LEU A 250 12.98 4.98 96.49
N ILE A 251 13.08 4.72 95.19
CA ILE A 251 11.93 4.40 94.36
C ILE A 251 12.23 3.12 93.58
N THR A 252 11.23 2.23 93.52
CA THR A 252 11.37 0.95 92.85
C THR A 252 10.72 1.04 91.47
N VAL A 253 11.53 0.95 90.43
CA VAL A 253 11.05 0.96 89.06
C VAL A 253 10.98 -0.49 88.59
N GLY A 254 9.76 -0.96 88.31
CA GLY A 254 9.56 -2.34 87.90
C GLY A 254 9.09 -2.49 86.47
N SER A 255 7.78 -2.71 86.30
CA SER A 255 7.21 -2.94 84.98
C SER A 255 7.25 -1.70 84.09
N GLU A 256 7.56 -0.53 84.64
CA GLU A 256 7.59 0.71 83.87
C GLU A 256 8.86 0.87 83.04
N ARG A 257 9.80 -0.07 83.14
CA ARG A 257 11.04 0.03 82.37
C ARG A 257 10.81 -0.13 80.87
N PHE A 258 9.92 -1.02 80.46
CA PHE A 258 9.67 -1.27 79.05
C PHE A 258 8.30 -0.79 78.59
N ARG A 259 7.38 -0.50 79.50
CA ARG A 259 6.06 0.00 79.11
C ARG A 259 6.09 1.44 78.65
N CYS A 260 7.11 2.21 79.02
CA CYS A 260 7.23 3.60 78.62
C CYS A 260 7.73 3.74 77.19
N PRO A 261 8.84 3.07 76.78
CA PRO A 261 9.28 3.20 75.39
C PRO A 261 8.40 2.46 74.40
N GLU A 262 7.49 1.61 74.86
CA GLU A 262 6.63 0.86 73.94
C GLU A 262 5.66 1.75 73.17
N ALA A 263 5.45 2.99 73.62
CA ALA A 263 4.54 3.89 72.92
C ALA A 263 5.04 4.28 71.54
N LEU A 264 6.33 4.11 71.24
CA LEU A 264 6.84 4.39 69.91
C LEU A 264 6.26 3.45 68.87
N PHE A 265 6.15 2.16 69.19
CA PHE A 265 5.62 1.16 68.27
C PHE A 265 4.12 0.99 68.38
N ASN A 266 3.47 1.64 69.36
CA ASN A 266 2.03 1.55 69.53
C ASN A 266 1.55 2.86 70.14
N PRO A 267 1.34 3.90 69.32
CA PRO A 267 0.95 5.20 69.86
C PRO A 267 -0.44 5.25 70.47
N THR A 268 -1.23 4.18 70.37
CA THR A 268 -2.56 4.17 70.97
C THR A 268 -2.51 4.14 72.49
N LEU A 269 -1.36 3.80 73.08
CA LEU A 269 -1.24 3.81 74.54
C LEU A 269 -1.34 5.23 75.08
N ILE A 270 -0.76 6.21 74.40
CA ILE A 270 -0.80 7.59 74.83
C ILE A 270 -1.93 8.37 74.17
N GLY A 271 -2.91 7.68 73.60
CA GLY A 271 -4.05 8.32 72.99
C GLY A 271 -3.72 9.13 71.74
N ARG A 272 -2.89 8.57 70.87
CA ARG A 272 -2.54 9.20 69.60
C ARG A 272 -2.97 8.30 68.46
N GLU A 273 -3.60 8.90 67.44
CA GLU A 273 -4.08 8.17 66.28
C GLU A 273 -3.01 7.97 65.22
N CYS A 274 -1.85 8.62 65.36
CA CYS A 274 -0.79 8.47 64.37
C CYS A 274 -0.22 7.05 64.42
N PRO A 275 0.27 6.54 63.29
CA PRO A 275 0.86 5.19 63.28
C PRO A 275 2.19 5.16 63.99
N GLY A 276 2.69 3.94 64.19
CA GLY A 276 3.94 3.74 64.89
C GLY A 276 5.16 4.14 64.06
N LEU A 277 6.33 3.67 64.48
CA LEU A 277 7.57 4.00 63.78
C LEU A 277 7.83 3.08 62.60
N HIS A 278 7.70 1.77 62.79
CA HIS A 278 7.90 0.83 61.68
C HIS A 278 6.85 1.02 60.60
N ILE A 279 5.60 1.28 60.99
CA ILE A 279 4.54 1.52 60.01
C ILE A 279 4.84 2.78 59.22
N THR A 280 5.29 3.83 59.89
CA THR A 280 5.64 5.07 59.20
C THR A 280 6.78 4.85 58.23
N ALA A 281 7.80 4.10 58.65
CA ALA A 281 8.92 3.82 57.76
C ALA A 281 8.48 3.03 56.54
N TYR A 282 7.63 2.02 56.75
CA TYR A 282 7.14 1.21 55.64
C TYR A 282 6.30 2.04 54.67
N GLN A 283 5.46 2.93 55.20
CA GLN A 283 4.66 3.79 54.35
C GLN A 283 5.55 4.76 53.56
N SER A 284 6.60 5.27 54.19
CA SER A 284 7.52 6.15 53.50
C SER A 284 8.29 5.43 52.40
N ILE A 285 8.65 4.17 52.61
CA ILE A 285 9.35 3.39 51.59
C ILE A 285 8.44 3.10 50.40
N MET A 286 7.18 2.74 50.65
CA MET A 286 6.24 2.38 49.60
C MET A 286 5.82 3.56 48.73
N LYS A 287 6.10 4.81 49.10
CA LYS A 287 5.74 5.95 48.26
C LYS A 287 6.78 6.26 47.20
N CYS A 288 7.90 5.55 47.17
CA CYS A 288 8.94 5.74 46.18
C CYS A 288 8.70 4.79 45.00
N ASP A 289 9.59 4.86 44.01
CA ASP A 289 9.49 4.00 42.85
C ASP A 289 9.86 2.57 43.21
N ILE A 290 9.43 1.63 42.34
CA ILE A 290 9.59 0.21 42.63
C ILE A 290 11.07 -0.17 42.69
N ASP A 291 11.88 0.37 41.76
CA ASP A 291 13.29 -0.01 41.70
C ASP A 291 14.13 0.67 42.79
N ILE A 292 13.56 1.62 43.52
CA ILE A 292 14.31 2.36 44.54
C ILE A 292 14.18 1.65 45.89
N ARG A 293 13.09 0.89 46.06
CA ARG A 293 12.78 0.32 47.36
C ARG A 293 13.84 -0.67 47.82
N LYS A 294 14.47 -1.39 46.90
CA LYS A 294 15.44 -2.41 47.27
C LYS A 294 16.63 -1.80 48.00
N GLU A 295 17.14 -0.67 47.49
CA GLU A 295 18.26 -0.02 48.14
C GLU A 295 17.86 0.65 49.45
N LEU A 296 16.63 1.17 49.53
CA LEU A 296 16.16 1.82 50.75
C LEU A 296 15.98 0.80 51.87
N TYR A 297 15.54 -0.42 51.54
CA TYR A 297 15.36 -1.45 52.56
C TYR A 297 16.67 -1.87 53.21
N ASN A 298 17.81 -1.57 52.58
CA ASN A 298 19.11 -2.03 53.06
C ASN A 298 19.94 -0.93 53.70
N ASN A 299 19.40 0.30 53.81
CA ASN A 299 20.15 1.42 54.34
C ASN A 299 19.29 2.24 55.30
N ILE A 300 18.64 1.54 56.24
CA ILE A 300 17.82 2.20 57.25
C ILE A 300 18.73 2.79 58.33
N VAL A 301 18.85 4.11 58.36
CA VAL A 301 19.74 4.78 59.30
C VAL A 301 18.92 5.38 60.43
N LEU A 302 19.33 5.12 61.66
CA LEU A 302 18.68 5.68 62.85
C LEU A 302 19.49 6.86 63.38
N SER A 303 18.79 7.90 63.82
CA SER A 303 19.44 9.08 64.36
C SER A 303 18.53 9.73 65.38
N GLY A 304 19.12 10.52 66.27
CA GLY A 304 18.36 11.22 67.28
C GLY A 304 18.59 10.68 68.68
N GLY A 305 18.24 11.47 69.70
CA GLY A 305 18.42 11.03 71.07
C GLY A 305 17.40 10.02 71.53
N THR A 306 16.20 10.03 70.94
CA THR A 306 15.15 9.12 71.33
C THR A 306 15.40 7.69 70.87
N THR A 307 16.38 7.47 70.00
CA THR A 307 16.73 6.14 69.53
C THR A 307 17.91 5.54 70.28
N MET A 308 18.19 6.02 71.49
CA MET A 308 19.32 5.56 72.29
C MET A 308 18.91 4.51 73.32
N TYR A 309 17.82 3.79 73.07
CA TYR A 309 17.38 2.74 73.97
C TYR A 309 18.18 1.46 73.69
N ASN A 310 17.85 0.39 74.41
CA ASN A 310 18.49 -0.89 74.23
C ASN A 310 17.58 -1.84 73.46
N ASN A 311 18.21 -2.67 72.63
CA ASN A 311 17.51 -3.64 71.79
C ASN A 311 16.47 -2.97 70.91
N ILE A 312 16.79 -1.79 70.38
CA ILE A 312 15.87 -1.10 69.48
C ILE A 312 16.10 -1.52 68.02
N GLY A 313 17.36 -1.71 67.63
CA GLY A 313 17.64 -2.13 66.27
C GLY A 313 17.08 -3.51 65.96
N GLU A 314 17.23 -4.45 66.90
CA GLU A 314 16.70 -5.79 66.69
C GLU A 314 15.18 -5.77 66.60
N ARG A 315 14.52 -4.99 67.47
CA ARG A 315 13.07 -4.89 67.41
C ARG A 315 12.61 -4.28 66.09
N LEU A 316 13.30 -3.22 65.63
CA LEU A 316 12.94 -2.61 64.36
C LEU A 316 13.14 -3.58 63.20
N THR A 317 14.24 -4.34 63.22
CA THR A 317 14.48 -5.33 62.18
C THR A 317 13.40 -6.39 62.15
N LYS A 318 13.00 -6.88 63.34
CA LYS A 318 11.97 -7.89 63.42
C LYS A 318 10.63 -7.34 62.91
N GLU A 319 10.30 -6.10 63.26
CA GLU A 319 9.06 -5.52 62.78
C GLU A 319 9.07 -5.31 61.27
N MET A 320 10.20 -4.86 60.71
CA MET A 320 10.28 -4.64 59.28
C MET A 320 10.26 -5.95 58.50
N THR A 321 10.79 -7.02 59.10
CA THR A 321 10.80 -8.31 58.43
C THR A 321 9.39 -8.81 58.16
N ASN A 322 8.48 -8.64 59.12
CA ASN A 322 7.11 -9.10 58.95
C ASN A 322 6.31 -8.28 57.96
N LEU A 323 6.80 -7.12 57.52
CA LEU A 323 6.12 -6.28 56.56
C LEU A 323 6.76 -6.34 55.18
N ALA A 324 8.08 -6.30 55.11
CA ALA A 324 8.77 -6.35 53.84
C ALA A 324 8.63 -7.74 53.22
N PRO A 325 8.74 -7.82 51.89
CA PRO A 325 8.68 -9.14 51.24
C PRO A 325 9.82 -10.04 51.68
N SER A 326 9.57 -11.35 51.64
CA SER A 326 10.48 -12.36 52.16
C SER A 326 11.72 -12.54 51.29
N SER A 327 11.92 -11.72 50.26
CA SER A 327 13.10 -11.80 49.42
C SER A 327 14.01 -10.58 49.56
N MET A 328 13.73 -9.70 50.51
CA MET A 328 14.53 -8.50 50.72
C MET A 328 15.43 -8.67 51.95
N LYS A 329 16.49 -7.86 51.98
CA LYS A 329 17.44 -7.85 53.08
CA LYS A 329 17.45 -7.85 53.08
C LYS A 329 17.28 -6.54 53.85
N ILE A 330 16.95 -6.66 55.13
CA ILE A 330 16.76 -5.49 55.99
C ILE A 330 17.96 -5.36 56.91
N LYS A 331 18.58 -4.19 56.91
CA LYS A 331 19.74 -3.92 57.77
C LYS A 331 19.57 -2.55 58.41
N VAL A 332 19.34 -2.53 59.71
CA VAL A 332 19.20 -1.29 60.46
C VAL A 332 20.58 -0.82 60.89
N ILE A 333 20.85 0.46 60.64
CA ILE A 333 22.16 1.05 60.92
C ILE A 333 21.99 1.94 62.15
N ALA A 334 22.51 1.48 63.29
CA ALA A 334 22.48 2.23 64.54
C ALA A 334 23.90 2.36 65.07
N PRO A 335 24.72 3.25 64.51
CA PRO A 335 26.10 3.38 64.96
C PRO A 335 26.17 4.02 66.33
N PRO A 336 27.27 3.85 67.05
CA PRO A 336 27.44 4.56 68.32
C PRO A 336 27.52 6.06 68.10
N GLU A 337 27.44 6.81 69.20
CA GLU A 337 27.49 8.27 69.23
C GLU A 337 26.53 8.92 68.25
N ARG A 338 25.45 8.23 67.88
CA ARG A 338 24.46 8.73 66.94
C ARG A 338 23.63 9.87 67.49
N LYS A 339 23.72 10.16 68.79
CA LYS A 339 22.99 11.29 69.37
C LYS A 339 23.51 12.64 68.90
N TYR A 340 24.75 12.69 68.41
CA TYR A 340 25.33 13.91 67.88
C TYR A 340 25.59 13.81 66.38
N SER A 341 24.84 12.96 65.68
CA SER A 341 25.10 12.74 64.26
C SER A 341 24.86 14.01 63.44
N VAL A 342 23.83 14.78 63.80
CA VAL A 342 23.50 15.98 63.03
C VAL A 342 24.65 16.98 63.10
N TRP A 343 25.23 17.17 64.28
CA TRP A 343 26.33 18.12 64.42
C TRP A 343 27.55 17.65 63.63
N ILE A 344 27.85 16.36 63.68
CA ILE A 344 28.99 15.83 62.93
C ILE A 344 28.78 16.02 61.44
N GLY A 345 27.57 15.74 60.96
CA GLY A 345 27.28 15.95 59.54
C GLY A 345 27.40 17.41 59.14
N GLY A 346 26.92 18.32 59.99
CA GLY A 346 27.08 19.74 59.71
C GLY A 346 28.52 20.17 59.67
N SER A 347 29.34 19.66 60.60
CA SER A 347 30.76 19.98 60.60
C SER A 347 31.44 19.45 59.35
N ILE A 348 31.09 18.24 58.92
CA ILE A 348 31.67 17.68 57.70
C ILE A 348 31.27 18.52 56.49
N LEU A 349 29.99 18.90 56.41
CA LEU A 349 29.52 19.69 55.27
C LEU A 349 30.19 21.06 55.22
N SER A 350 30.35 21.71 56.39
CA SER A 350 30.92 23.04 56.42
C SER A 350 32.40 23.08 56.10
N SER A 351 33.07 21.92 56.10
CA SER A 351 34.50 21.86 55.85
C SER A 351 34.83 21.46 54.41
N LEU A 352 33.86 21.53 53.51
CA LEU A 352 34.06 21.18 52.11
C LEU A 352 34.27 22.43 51.27
N SER A 353 35.20 22.34 50.31
CA SER A 353 35.50 23.49 49.46
C SER A 353 34.33 23.81 48.53
N THR A 354 33.59 22.79 48.09
CA THR A 354 32.46 23.03 47.19
C THR A 354 31.34 23.79 47.89
N PHE A 355 31.26 23.68 49.22
CA PHE A 355 30.22 24.36 49.99
C PHE A 355 30.54 25.83 50.27
N GLN A 356 31.76 26.27 49.99
CA GLN A 356 32.19 27.63 50.30
C GLN A 356 31.50 28.69 49.45
N GLN A 357 30.64 28.29 48.51
CA GLN A 357 29.90 29.23 47.68
C GLN A 357 28.45 29.38 48.08
N MET A 358 27.84 28.34 48.64
CA MET A 358 26.42 28.38 49.02
C MET A 358 26.27 29.03 50.40
N TRP A 359 26.45 30.35 50.41
CA TRP A 359 26.29 31.15 51.62
C TRP A 359 25.42 32.35 51.30
N ILE A 360 24.76 32.86 52.33
CA ILE A 360 23.96 34.08 52.20
C ILE A 360 24.75 35.24 52.76
N THR A 361 25.36 36.03 51.89
CA THR A 361 26.18 37.16 52.33
C THR A 361 25.29 38.32 52.79
N LYS A 362 25.93 39.30 53.43
CA LYS A 362 25.19 40.46 53.93
C LYS A 362 24.57 41.26 52.79
N GLU A 363 25.31 41.43 51.69
CA GLU A 363 24.82 42.22 50.57
C GLU A 363 23.58 41.60 49.96
N GLU A 364 23.58 40.28 49.77
CA GLU A 364 22.44 39.61 49.18
C GLU A 364 21.19 39.75 50.05
N TYR A 365 21.35 39.57 51.36
CA TYR A 365 20.22 39.74 52.27
C TYR A 365 19.72 41.17 52.27
N GLU A 366 20.63 42.15 52.25
CA GLU A 366 20.23 43.55 52.25
C GLU A 366 19.52 43.95 50.98
N ASP A 367 19.92 43.39 49.83
CA ASP A 367 19.31 43.76 48.55
C ASP A 367 18.00 43.01 48.31
N SER A 368 18.07 41.67 48.30
CA SER A 368 16.89 40.86 48.01
C SER A 368 15.86 40.91 49.13
N GLY A 369 16.30 40.85 50.39
CA GLY A 369 15.39 40.84 51.51
C GLY A 369 15.40 39.51 52.24
N PRO A 370 14.55 39.38 53.26
CA PRO A 370 14.52 38.14 54.05
C PRO A 370 14.03 36.92 53.27
N SER A 371 13.37 37.11 52.13
CA SER A 371 12.83 35.99 51.37
C SER A 371 13.89 35.19 50.63
N ILE A 372 15.13 35.69 50.57
CA ILE A 372 16.19 34.99 49.85
C ILE A 372 16.44 33.60 50.43
N VAL A 373 16.17 33.42 51.72
CA VAL A 373 16.35 32.11 52.35
C VAL A 373 15.45 31.04 51.74
N HIS A 374 14.43 31.45 50.98
CA HIS A 374 13.55 30.50 50.30
C HIS A 374 14.04 30.12 48.92
N ARG A 375 15.19 30.65 48.49
CA ARG A 375 15.73 30.36 47.17
CA ARG A 375 15.74 30.38 47.17
C ARG A 375 17.14 29.78 47.20
N LYS A 376 17.92 29.99 48.27
CA LYS A 376 19.27 29.47 48.35
C LYS A 376 19.47 28.43 49.44
N CYS A 377 18.50 28.28 50.36
CA CYS A 377 18.59 27.31 51.44
C CYS A 377 17.47 26.29 51.29
N PHE A 378 17.81 25.02 51.36
CA PHE A 378 16.81 23.95 51.28
C PHE A 378 17.15 22.85 52.28
N ALA B 7 -41.84 -3.48 37.24
CA ALA B 7 -41.43 -2.95 38.54
C ALA B 7 -40.40 -1.85 38.36
N VAL B 8 -40.46 -0.83 39.23
CA VAL B 8 -39.51 0.26 39.16
C VAL B 8 -38.14 -0.24 39.58
N ALA B 9 -37.12 0.12 38.82
CA ALA B 9 -35.76 -0.32 39.08
C ALA B 9 -35.06 0.61 40.06
N LEU B 10 -34.01 0.09 40.69
CA LEU B 10 -33.20 0.84 41.64
C LEU B 10 -31.90 1.24 40.95
N VAL B 11 -31.58 2.53 40.98
CA VAL B 11 -30.33 3.05 40.43
C VAL B 11 -29.43 3.35 41.62
N VAL B 12 -28.35 2.58 41.73
CA VAL B 12 -27.39 2.73 42.83
C VAL B 12 -25.99 2.96 42.27
N ASP B 13 -25.56 4.21 42.24
CA ASP B 13 -24.20 4.55 41.81
C ASP B 13 -23.32 4.60 43.04
N ASN B 14 -22.47 3.58 43.19
CA ASN B 14 -21.55 3.51 44.31
C ASN B 14 -20.14 3.87 43.84
N GLY B 15 -19.53 4.83 44.51
CA GLY B 15 -18.19 5.26 44.16
C GLY B 15 -17.26 5.28 45.35
N SER B 16 -16.13 5.98 45.22
CA SER B 16 -15.17 6.04 46.31
C SER B 16 -15.68 6.94 47.44
N GLY B 17 -15.94 8.21 47.13
CA GLY B 17 -16.35 9.16 48.15
C GLY B 17 -17.82 9.07 48.53
N MET B 18 -18.71 9.32 47.58
CA MET B 18 -20.14 9.36 47.85
C MET B 18 -20.85 8.21 47.17
N VAL B 19 -22.05 7.90 47.67
CA VAL B 19 -22.93 6.88 47.10
C VAL B 19 -24.27 7.54 46.85
N LYS B 20 -24.78 7.40 45.62
CA LYS B 20 -26.08 7.92 45.25
C LYS B 20 -27.03 6.75 45.00
N SER B 21 -28.28 6.90 45.43
CA SER B 21 -29.26 5.85 45.24
C SER B 21 -30.63 6.48 45.03
N GLY B 22 -31.42 5.85 44.18
CA GLY B 22 -32.75 6.35 43.89
C GLY B 22 -33.54 5.37 43.06
N LEU B 23 -34.76 5.81 42.70
CA LEU B 23 -35.67 5.04 41.88
C LEU B 23 -35.56 5.48 40.42
N ALA B 24 -35.58 4.52 39.51
CA ALA B 24 -35.52 4.84 38.09
C ALA B 24 -36.81 5.50 37.64
N GLY B 25 -36.72 6.75 37.21
CA GLY B 25 -37.89 7.49 36.77
C GLY B 25 -37.89 8.93 37.24
N ASP B 26 -37.07 9.23 38.25
CA ASP B 26 -36.96 10.57 38.79
C ASP B 26 -35.84 11.33 38.08
N ASP B 27 -35.79 12.64 38.33
CA ASP B 27 -34.78 13.51 37.71
C ASP B 27 -33.66 13.90 38.68
N ALA B 28 -33.63 13.30 39.86
CA ALA B 28 -32.60 13.61 40.85
C ALA B 28 -32.44 12.44 41.81
N PRO B 29 -31.22 12.17 42.29
CA PRO B 29 -31.05 11.07 43.25
C PRO B 29 -31.77 11.36 44.55
N LYS B 30 -32.23 10.29 45.20
CA LYS B 30 -33.00 10.41 46.44
C LYS B 30 -32.11 10.39 47.68
N CYS B 31 -31.10 9.54 47.74
CA CYS B 31 -30.24 9.41 48.91
C CYS B 31 -28.79 9.52 48.47
N VAL B 32 -28.12 10.57 48.91
CA VAL B 32 -26.71 10.80 48.58
C VAL B 32 -25.96 10.86 49.90
N PHE B 33 -25.12 9.86 50.16
CA PHE B 33 -24.40 9.88 51.43
C PHE B 33 -22.98 9.37 51.29
N PRO B 34 -22.05 9.82 52.13
CA PRO B 34 -20.68 9.34 52.04
C PRO B 34 -20.57 7.85 52.36
N SER B 35 -19.62 7.19 51.71
CA SER B 35 -19.39 5.76 51.86
C SER B 35 -18.22 5.57 52.83
N ILE B 36 -18.52 5.69 54.12
CA ILE B 36 -17.54 5.49 55.17
C ILE B 36 -18.11 4.52 56.20
N VAL B 37 -17.21 3.83 56.89
CA VAL B 37 -17.58 2.93 57.99
C VAL B 37 -16.83 3.39 59.23
N GLY B 38 -17.56 3.66 60.30
CA GLY B 38 -16.99 4.16 61.54
C GLY B 38 -17.01 3.11 62.63
N ARG B 39 -15.91 3.02 63.38
CA ARG B 39 -15.81 2.09 64.49
C ARG B 39 -15.33 2.81 65.74
N PRO B 40 -15.93 2.53 66.89
CA PRO B 40 -15.53 3.21 68.12
C PRO B 40 -14.13 2.81 68.56
N LYS B 41 -13.43 3.75 69.19
CA LYS B 41 -12.09 3.52 69.71
C LYS B 41 -11.94 3.86 71.18
N MET B 42 -13.00 4.32 71.86
CA MET B 42 -12.93 4.68 73.26
C MET B 42 -13.80 3.74 74.09
N PRO B 43 -13.43 3.49 75.36
CA PRO B 43 -14.26 2.64 76.21
C PRO B 43 -15.62 3.25 76.47
N ASN B 44 -16.63 2.39 76.63
CA ASN B 44 -17.98 2.81 76.96
C ASN B 44 -18.23 2.53 78.43
N ILE B 45 -18.64 3.56 79.18
CA ILE B 45 -18.78 3.47 80.63
C ILE B 45 -20.18 3.82 81.09
N MET B 46 -21.02 4.33 80.20
CA MET B 46 -22.37 4.78 80.55
C MET B 46 -23.35 3.65 80.27
N ILE B 47 -23.68 2.89 81.33
CA ILE B 47 -24.63 1.79 81.21
C ILE B 47 -26.04 2.35 81.18
N GLY B 48 -26.84 1.87 80.23
CA GLY B 48 -28.22 2.30 80.07
C GLY B 48 -28.58 2.74 78.67
N MET B 49 -27.60 3.10 77.86
CA MET B 49 -27.84 3.53 76.49
C MET B 49 -27.56 2.38 75.52
N GLU B 50 -28.27 2.40 74.39
CA GLU B 50 -28.13 1.37 73.37
C GLU B 50 -27.11 1.84 72.33
N GLN B 51 -25.94 1.22 72.33
CA GLN B 51 -24.87 1.57 71.41
C GLN B 51 -24.87 0.60 70.22
N LYS B 52 -24.11 0.97 69.19
CA LYS B 52 -23.97 0.16 67.99
C LYS B 52 -22.50 -0.10 67.72
N GLU B 53 -22.24 -1.27 67.13
CA GLU B 53 -20.87 -1.71 66.87
C GLU B 53 -20.24 -1.04 65.65
N CYS B 54 -21.04 -0.42 64.80
CA CYS B 54 -20.51 0.23 63.61
C CYS B 54 -21.51 1.26 63.09
N TYR B 55 -21.01 2.42 62.70
CA TYR B 55 -21.83 3.48 62.13
C TYR B 55 -21.51 3.63 60.65
N VAL B 56 -22.55 3.69 59.82
CA VAL B 56 -22.41 3.78 58.37
C VAL B 56 -23.23 4.96 57.87
N GLY B 57 -22.59 5.81 57.08
CA GLY B 57 -23.30 6.90 56.42
C GLY B 57 -23.17 8.21 57.20
N ASP B 58 -24.30 8.94 57.31
CA ASP B 58 -24.28 10.25 57.96
C ASP B 58 -24.01 10.11 59.46
N GLU B 59 -24.48 9.02 60.07
CA GLU B 59 -24.26 8.82 61.50
C GLU B 59 -22.78 8.70 61.82
N ALA B 60 -22.02 8.02 60.95
CA ALA B 60 -20.58 7.93 61.16
C ALA B 60 -19.90 9.29 61.02
N GLN B 61 -20.36 10.11 60.08
CA GLN B 61 -19.78 11.42 59.87
C GLN B 61 -20.11 12.41 60.99
N ASN B 62 -21.29 12.30 61.59
CA ASN B 62 -21.66 13.21 62.66
C ASN B 62 -20.87 12.94 63.93
N LYS B 63 -20.66 11.67 64.26
CA LYS B 63 -19.93 11.28 65.46
C LYS B 63 -18.48 10.89 65.17
N ARG B 64 -17.86 11.54 64.19
CA ARG B 64 -16.51 11.17 63.78
C ARG B 64 -15.46 11.50 64.83
N GLY B 65 -15.82 12.25 65.88
CA GLY B 65 -14.86 12.60 66.90
C GLY B 65 -14.36 11.40 67.68
N ILE B 66 -15.23 10.41 67.91
CA ILE B 66 -14.88 9.25 68.70
C ILE B 66 -14.93 7.98 67.86
N LEU B 67 -14.77 8.14 66.55
CA LEU B 67 -14.84 7.01 65.62
C LEU B 67 -13.64 7.04 64.69
N THR B 68 -13.16 5.85 64.33
CA THR B 68 -12.18 5.69 63.26
C THR B 68 -12.93 5.37 61.98
N LEU B 69 -12.64 6.10 60.91
CA LEU B 69 -13.37 6.01 59.66
C LEU B 69 -12.54 5.28 58.61
N LYS B 70 -13.17 4.34 57.92
CA LYS B 70 -12.53 3.56 56.87
C LYS B 70 -13.34 3.66 55.59
N TYR B 71 -12.64 3.72 54.46
CA TYR B 71 -13.26 3.72 53.14
C TYR B 71 -13.15 2.33 52.54
N PRO B 72 -14.26 1.64 52.29
CA PRO B 72 -14.20 0.30 51.71
C PRO B 72 -13.87 0.26 50.22
N ILE B 73 -13.76 1.40 49.56
CA ILE B 73 -13.48 1.46 48.12
C ILE B 73 -12.28 2.38 47.92
N GLU B 74 -11.25 1.88 47.25
CA GLU B 74 -10.06 2.67 46.96
C GLU B 74 -9.66 2.52 45.50
N GLY B 76 -11.50 2.92 42.95
CA GLY B 76 -12.56 2.21 42.25
C GLY B 76 -12.56 0.70 42.44
N ILE B 77 -11.70 0.23 43.34
CA ILE B 77 -11.56 -1.19 43.64
C ILE B 77 -11.94 -1.42 45.09
N VAL B 78 -12.80 -2.41 45.33
CA VAL B 78 -13.26 -2.71 46.67
C VAL B 78 -12.17 -3.50 47.40
N THR B 79 -11.75 -3.00 48.56
CA THR B 79 -10.72 -3.65 49.35
C THR B 79 -11.30 -4.64 50.35
N ASN B 80 -12.24 -4.18 51.18
CA ASN B 80 -12.91 -5.03 52.15
C ASN B 80 -14.37 -5.17 51.75
N TRP B 81 -14.83 -6.40 51.60
CA TRP B 81 -16.19 -6.66 51.15
C TRP B 81 -17.22 -6.63 52.27
N ASP B 82 -16.80 -6.84 53.51
CA ASP B 82 -17.75 -6.77 54.63
C ASP B 82 -18.30 -5.35 54.79
N ASP B 83 -17.43 -4.35 54.71
CA ASP B 83 -17.88 -2.97 54.82
C ASP B 83 -18.78 -2.59 53.65
N MET B 84 -18.44 -3.04 52.45
CA MET B 84 -19.28 -2.74 51.29
C MET B 84 -20.65 -3.41 51.42
N GLU B 85 -20.68 -4.64 51.93
CA GLU B 85 -21.96 -5.31 52.17
C GLU B 85 -22.79 -4.57 53.20
N LYS B 86 -22.13 -4.08 54.26
CA LYS B 86 -22.85 -3.29 55.27
C LYS B 86 -23.41 -2.01 54.66
N ILE B 87 -22.63 -1.35 53.80
CA ILE B 87 -23.09 -0.13 53.15
C ILE B 87 -24.29 -0.42 52.26
N TRP B 88 -24.23 -1.51 51.49
CA TRP B 88 -25.37 -1.88 50.65
C TRP B 88 -26.60 -2.19 51.48
N HIS B 89 -26.42 -2.90 52.60
CA HIS B 89 -27.55 -3.19 53.48
C HIS B 89 -28.15 -1.90 54.04
N HIS B 90 -27.31 -0.96 54.45
CA HIS B 90 -27.80 0.31 54.95
C HIS B 90 -28.56 1.08 53.87
N THR B 91 -28.05 1.05 52.64
CA THR B 91 -28.72 1.74 51.55
C THR B 91 -30.09 1.12 51.25
N PHE B 92 -30.16 -0.21 51.24
CA PHE B 92 -31.40 -0.88 50.85
C PHE B 92 -32.45 -0.79 51.96
N TYR B 93 -32.04 -0.99 53.22
CA TYR B 93 -33.01 -1.16 54.30
C TYR B 93 -33.24 0.09 55.12
N ASN B 94 -32.36 1.09 55.06
CA ASN B 94 -32.50 2.29 55.86
C ASN B 94 -32.78 3.54 55.02
N GLU B 95 -32.00 3.76 53.97
CA GLU B 95 -32.17 4.97 53.16
C GLU B 95 -33.39 4.87 52.25
N LEU B 96 -33.38 3.90 51.34
CA LEU B 96 -34.47 3.77 50.38
C LEU B 96 -35.72 3.16 51.01
N ARG B 97 -35.53 2.34 52.05
CA ARG B 97 -36.61 1.65 52.73
CA ARG B 97 -36.63 1.66 52.73
C ARG B 97 -37.46 0.84 51.75
N VAL B 98 -36.80 0.19 50.79
CA VAL B 98 -37.46 -0.66 49.82
C VAL B 98 -36.87 -2.06 49.91
N SER B 99 -37.72 -3.06 49.69
CA SER B 99 -37.28 -4.44 49.74
C SER B 99 -36.41 -4.77 48.54
N PRO B 100 -35.18 -5.23 48.72
CA PRO B 100 -34.31 -5.53 47.58
C PRO B 100 -34.59 -6.89 46.97
N GLU B 101 -35.88 -7.21 46.76
CA GLU B 101 -36.25 -8.47 46.15
C GLU B 101 -37.33 -8.33 45.09
N GLU B 102 -37.86 -7.12 44.87
CA GLU B 102 -38.86 -6.88 43.84
C GLU B 102 -38.45 -5.77 42.88
N HIS B 103 -37.17 -5.39 42.85
CA HIS B 103 -36.69 -4.31 42.01
C HIS B 103 -35.36 -4.71 41.39
N PRO B 104 -35.22 -4.61 40.06
CA PRO B 104 -33.92 -4.88 39.44
C PRO B 104 -32.90 -3.82 39.82
N VAL B 105 -31.63 -4.20 39.82
CA VAL B 105 -30.54 -3.33 40.24
C VAL B 105 -29.70 -2.93 39.05
N LEU B 106 -29.33 -1.66 38.99
CA LEU B 106 -28.47 -1.12 37.94
C LEU B 106 -27.24 -0.51 38.61
N LEU B 107 -26.11 -1.18 38.46
CA LEU B 107 -24.86 -0.76 39.08
C LEU B 107 -23.92 -0.17 38.03
N THR B 108 -22.98 0.64 38.51
CA THR B 108 -22.02 1.32 37.67
C THR B 108 -20.60 0.88 38.03
N GLU B 109 -19.73 0.88 37.02
CA GLU B 109 -18.34 0.51 37.24
C GLU B 109 -17.47 1.34 36.31
N ALA B 110 -16.20 1.54 36.74
CA ALA B 110 -15.19 2.26 35.99
C ALA B 110 -14.55 1.36 34.94
N PRO B 111 -14.09 1.93 33.83
CA PRO B 111 -13.44 1.10 32.80
C PRO B 111 -12.09 0.58 33.28
N LEU B 112 -11.68 -0.53 32.67
CA LEU B 112 -10.40 -1.18 32.95
C LEU B 112 -10.30 -1.59 34.42
N ASN B 113 -11.25 -2.43 34.84
CA ASN B 113 -11.29 -2.96 36.19
C ASN B 113 -11.06 -4.47 36.19
N PRO B 114 -10.52 -5.03 37.28
CA PRO B 114 -10.33 -6.48 37.34
C PRO B 114 -11.66 -7.23 37.25
N LYS B 115 -11.60 -8.42 36.67
CA LYS B 115 -12.81 -9.23 36.50
C LYS B 115 -13.35 -9.70 37.84
N THR B 116 -12.45 -9.99 38.79
CA THR B 116 -12.86 -10.48 40.10
C THR B 116 -13.79 -9.52 40.81
N ASN B 117 -13.61 -8.21 40.62
CA ASN B 117 -14.51 -7.23 41.25
C ASN B 117 -15.94 -7.42 40.77
N ARG B 118 -16.14 -7.50 39.44
CA ARG B 118 -17.47 -7.72 38.90
C ARG B 118 -18.03 -9.06 39.34
N GLU B 119 -17.19 -10.11 39.33
CA GLU B 119 -17.67 -11.43 39.71
C GLU B 119 -18.16 -11.46 41.15
N LYS B 120 -17.37 -10.89 42.07
CA LYS B 120 -17.78 -10.85 43.47
C LYS B 120 -19.00 -9.96 43.68
N MET B 121 -19.08 -8.84 42.96
CA MET B 121 -20.25 -7.98 43.08
C MET B 121 -21.52 -8.71 42.66
N THR B 122 -21.46 -9.41 41.52
CA THR B 122 -22.62 -10.17 41.06
C THR B 122 -22.96 -11.30 42.02
N GLN B 123 -21.95 -11.99 42.54
CA GLN B 123 -22.21 -13.08 43.48
C GLN B 123 -22.88 -12.57 44.75
N ILE B 124 -22.41 -11.44 45.28
CA ILE B 124 -23.01 -10.87 46.48
C ILE B 124 -24.45 -10.43 46.20
N MET B 125 -24.67 -9.80 45.05
CA MET B 125 -26.01 -9.32 44.72
C MET B 125 -26.99 -10.48 44.56
N PHE B 126 -26.54 -11.60 44.00
CA PHE B 126 -27.46 -12.70 43.73
C PHE B 126 -27.62 -13.64 44.92
N GLU B 127 -26.61 -13.77 45.79
CA GLU B 127 -26.64 -14.76 46.85
C GLU B 127 -26.93 -14.18 48.23
N THR B 128 -26.83 -12.87 48.42
CA THR B 128 -27.09 -12.25 49.71
C THR B 128 -28.43 -11.51 49.73
N PHE B 129 -28.65 -10.59 48.80
CA PHE B 129 -29.90 -9.86 48.74
C PHE B 129 -30.95 -10.55 47.90
N ASP B 130 -30.57 -11.54 47.10
CA ASP B 130 -31.49 -12.31 46.26
C ASP B 130 -32.32 -11.41 45.36
N VAL B 131 -31.61 -10.56 44.62
CA VAL B 131 -32.25 -9.64 43.67
C VAL B 131 -32.77 -10.44 42.48
N PRO B 132 -33.89 -10.03 41.87
CA PRO B 132 -34.40 -10.77 40.70
C PRO B 132 -33.47 -10.67 39.50
N ALA B 133 -33.04 -9.45 39.17
CA ALA B 133 -32.15 -9.23 38.04
C ALA B 133 -31.24 -8.05 38.35
N MET B 134 -30.11 -8.00 37.63
CA MET B 134 -29.14 -6.93 37.83
C MET B 134 -28.42 -6.68 36.51
N TYR B 135 -27.84 -5.48 36.41
CA TYR B 135 -27.07 -5.12 35.23
C TYR B 135 -25.99 -4.11 35.63
N VAL B 136 -24.79 -4.30 35.09
CA VAL B 136 -23.65 -3.44 35.40
C VAL B 136 -23.25 -2.70 34.14
N SER B 137 -23.05 -1.39 34.26
CA SER B 137 -22.74 -0.57 33.09
C SER B 137 -21.57 0.36 33.41
N ILE B 138 -20.90 0.82 32.34
CA ILE B 138 -19.81 1.77 32.48
C ILE B 138 -20.38 3.16 32.77
N GLN B 139 -19.63 3.94 33.56
CA GLN B 139 -20.11 5.26 33.97
C GLN B 139 -20.12 6.25 32.81
N ALA B 140 -19.15 6.13 31.89
CA ALA B 140 -19.07 7.07 30.77
C ALA B 140 -20.28 6.95 29.85
N ILE B 141 -20.77 5.73 29.64
CA ILE B 141 -21.95 5.53 28.79
C ILE B 141 -23.15 6.24 29.40
N LEU B 142 -23.34 6.10 30.71
CA LEU B 142 -24.45 6.78 31.37
C LEU B 142 -24.28 8.29 31.36
N SER B 143 -23.04 8.77 31.53
CA SER B 143 -22.78 10.19 31.44
C SER B 143 -23.12 10.76 30.07
N LEU B 144 -22.79 10.05 29.00
CA LEU B 144 -23.17 10.46 27.66
C LEU B 144 -24.68 10.35 27.42
N TYR B 145 -25.33 9.35 28.02
CA TYR B 145 -26.78 9.25 27.92
C TYR B 145 -27.47 10.45 28.56
N ALA B 146 -26.96 10.89 29.72
CA ALA B 146 -27.60 11.98 30.45
C ALA B 146 -27.60 13.28 29.65
N SER B 147 -26.61 13.49 28.79
CA SER B 147 -26.51 14.70 28.00
C SER B 147 -27.37 14.67 26.74
N GLY B 148 -27.99 13.54 26.44
CA GLY B 148 -28.81 13.44 25.24
C GLY B 148 -28.04 13.53 23.95
N ARG B 149 -26.82 13.01 23.90
CA ARG B 149 -25.99 13.03 22.71
C ARG B 149 -25.59 11.61 22.33
N THR B 150 -24.98 11.49 21.15
CA THR B 150 -24.50 10.20 20.67
C THR B 150 -23.01 10.20 20.31
N THR B 151 -22.40 11.36 20.13
CA THR B 151 -20.98 11.46 19.80
C THR B 151 -20.32 12.45 20.73
N GLY B 152 -19.18 12.06 21.29
CA GLY B 152 -18.42 12.95 22.16
C GLY B 152 -17.39 12.18 22.96
N ILE B 153 -16.52 12.96 23.61
CA ILE B 153 -15.48 12.41 24.48
C ILE B 153 -15.83 12.81 25.90
N VAL B 154 -15.92 11.83 26.79
CA VAL B 154 -16.31 12.04 28.17
C VAL B 154 -15.06 12.01 29.03
N LEU B 155 -14.81 13.11 29.74
CA LEU B 155 -13.75 13.22 30.72
C LEU B 155 -14.39 13.17 32.11
N ASP B 156 -14.34 12.00 32.73
CA ASP B 156 -14.96 11.82 34.05
C ASP B 156 -13.89 11.85 35.12
N SER B 157 -14.16 12.57 36.19
CA SER B 157 -13.22 12.69 37.31
C SER B 157 -14.00 12.62 38.60
N GLY B 158 -13.86 11.50 39.32
CA GLY B 158 -14.59 11.31 40.55
C GLY B 158 -13.75 11.56 41.79
N ASP B 159 -13.77 10.60 42.72
CA ASP B 159 -13.03 10.73 43.98
C ASP B 159 -11.70 9.99 43.97
N GLY B 160 -11.60 8.87 43.25
CA GLY B 160 -10.36 8.13 43.21
C GLY B 160 -9.79 7.89 41.82
N VAL B 161 -10.65 7.89 40.81
CA VAL B 161 -10.27 7.52 39.45
C VAL B 161 -10.75 8.58 38.48
N SER B 162 -9.89 8.97 37.55
CA SER B 162 -10.25 9.88 36.47
C SER B 162 -9.98 9.19 35.14
N HIS B 163 -10.99 9.12 34.28
CA HIS B 163 -10.88 8.39 33.03
C HIS B 163 -11.42 9.22 31.87
N THR B 164 -11.06 8.78 30.66
CA THR B 164 -11.42 9.44 29.42
C THR B 164 -11.91 8.39 28.43
N VAL B 165 -13.11 8.58 27.91
CA VAL B 165 -13.72 7.61 27.00
C VAL B 165 -14.33 8.32 25.79
N PRO B 166 -13.87 8.05 24.57
CA PRO B 166 -14.52 8.60 23.39
C PRO B 166 -15.58 7.66 22.82
N ILE B 167 -16.63 8.26 22.26
CA ILE B 167 -17.71 7.51 21.61
C ILE B 167 -18.10 8.26 20.35
N TYR B 168 -18.25 7.53 19.24
CA TYR B 168 -18.62 8.12 17.96
C TYR B 168 -19.83 7.40 17.40
N GLU B 169 -20.96 8.12 17.32
CA GLU B 169 -22.19 7.62 16.71
C GLU B 169 -22.63 6.29 17.32
N GLY B 170 -22.51 6.18 18.64
CA GLY B 170 -22.92 4.98 19.33
C GLY B 170 -21.92 3.85 19.36
N TYR B 171 -20.73 4.06 18.80
CA TYR B 171 -19.68 3.04 18.77
C TYR B 171 -18.50 3.53 19.61
N VAL B 172 -18.12 2.74 20.60
CA VAL B 172 -17.01 3.10 21.49
C VAL B 172 -15.71 2.56 20.90
N LEU B 173 -14.62 3.29 21.14
CA LEU B 173 -13.30 2.84 20.70
C LEU B 173 -12.49 2.40 21.91
N PRO B 174 -12.48 1.10 22.21
CA PRO B 174 -11.79 0.64 23.43
C PRO B 174 -10.29 0.88 23.42
N HIS B 175 -9.68 1.04 22.25
CA HIS B 175 -8.23 1.22 22.17
C HIS B 175 -7.82 2.66 22.49
N ALA B 176 -8.80 3.54 22.68
CA ALA B 176 -8.55 4.94 22.96
C ALA B 176 -9.16 5.36 24.28
N ILE B 177 -9.22 4.45 25.24
CA ILE B 177 -9.76 4.71 26.57
C ILE B 177 -8.61 4.87 27.55
N ASN B 178 -8.62 5.95 28.32
CA ASN B 178 -7.55 6.24 29.26
C ASN B 178 -8.09 6.25 30.69
N ARG B 179 -7.23 5.91 31.63
CA ARG B 179 -7.61 5.89 33.04
C ARG B 179 -6.36 6.16 33.88
N ILE B 180 -6.46 7.12 34.81
CA ILE B 180 -5.39 7.40 35.75
C ILE B 180 -5.99 7.56 37.14
N ASP B 181 -5.21 7.19 38.15
CA ASP B 181 -5.65 7.25 39.55
C ASP B 181 -5.13 8.54 40.17
N MET B 182 -5.83 9.63 39.88
CA MET B 182 -5.49 10.94 40.43
C MET B 182 -6.76 11.77 40.45
N ALA B 183 -7.28 12.03 41.64
CA ALA B 183 -8.60 12.64 41.78
C ALA B 183 -8.61 13.49 43.05
N GLY B 184 -9.81 13.79 43.56
CA GLY B 184 -9.95 14.78 44.61
C GLY B 184 -9.23 14.41 45.90
N ARG B 185 -8.98 13.11 46.12
CA ARG B 185 -8.27 12.71 47.33
C ARG B 185 -6.83 13.22 47.33
N ASP B 186 -6.15 13.09 46.19
CA ASP B 186 -4.80 13.64 46.08
C ASP B 186 -4.81 15.16 46.21
N LEU B 187 -5.85 15.82 45.70
CA LEU B 187 -5.98 17.25 45.89
C LEU B 187 -6.16 17.62 47.36
N THR B 188 -6.92 16.82 48.10
CA THR B 188 -7.08 17.05 49.54
C THR B 188 -5.75 16.88 50.26
N TYR B 189 -4.99 15.85 49.90
CA TYR B 189 -3.67 15.66 50.51
C TYR B 189 -2.75 16.83 50.19
N HIS B 190 -2.78 17.31 48.95
CA HIS B 190 -1.97 18.46 48.57
C HIS B 190 -2.39 19.71 49.33
N MET B 191 -3.69 19.88 49.53
CA MET B 191 -4.19 21.03 50.31
C MET B 191 -3.71 20.95 51.75
N MET B 192 -3.73 19.76 52.34
CA MET B 192 -3.22 19.59 53.70
C MET B 192 -1.73 19.93 53.75
N LYS B 193 -0.96 19.45 52.76
CA LYS B 193 0.47 19.74 52.73
C LYS B 193 0.72 21.24 52.60
N LEU B 194 -0.06 21.93 51.77
CA LEU B 194 0.06 23.37 51.65
C LEU B 194 -0.30 24.08 52.96
N PHE B 195 -1.34 23.60 53.65
CA PHE B 195 -1.72 24.17 54.93
C PHE B 195 -0.66 23.97 56.00
N THR B 196 0.13 22.90 55.92
CA THR B 196 1.20 22.71 56.89
C THR B 196 2.25 23.80 56.81
N GLU B 197 2.34 24.50 55.67
CA GLU B 197 3.30 25.59 55.52
C GLU B 197 2.83 26.88 56.18
N ARG B 198 1.55 26.99 56.52
CA ARG B 198 1.01 28.19 57.17
C ARG B 198 1.08 28.13 58.68
N GLY B 199 1.14 26.93 59.27
CA GLY B 199 1.18 26.78 60.71
C GLY B 199 0.15 25.80 61.22
N HIS B 200 -0.86 25.51 60.40
CA HIS B 200 -1.92 24.60 60.78
C HIS B 200 -1.58 23.18 60.34
N THR B 201 -1.78 22.23 61.24
CA THR B 201 -1.46 20.83 60.99
C THR B 201 -2.72 20.00 61.12
N PHE B 202 -3.04 19.22 60.09
CA PHE B 202 -4.20 18.35 60.08
C PHE B 202 -3.72 16.92 59.79
N THR B 203 -4.04 16.00 60.68
CA THR B 203 -3.62 14.61 60.53
C THR B 203 -4.76 13.62 60.67
N THR B 204 -5.71 13.87 61.55
CA THR B 204 -6.78 12.90 61.82
C THR B 204 -7.81 12.90 60.69
N THR B 205 -8.67 11.88 60.71
CA THR B 205 -9.69 11.75 59.67
C THR B 205 -10.69 12.90 59.72
N ALA B 206 -11.07 13.32 60.93
CA ALA B 206 -11.97 14.46 61.06
C ALA B 206 -11.34 15.72 60.48
N GLU B 207 -10.06 15.93 60.75
CA GLU B 207 -9.35 17.05 60.13
C GLU B 207 -9.30 16.91 58.62
N ARG B 208 -9.18 15.67 58.11
CA ARG B 208 -9.22 15.45 56.67
CA ARG B 208 -9.22 15.46 56.67
C ARG B 208 -10.56 15.85 56.08
N GLU B 209 -11.66 15.52 56.77
CA GLU B 209 -12.99 15.94 56.29
C GLU B 209 -13.13 17.45 56.34
N ILE B 210 -12.59 18.09 57.38
CA ILE B 210 -12.63 19.56 57.46
C ILE B 210 -11.88 20.17 56.29
N VAL B 211 -10.70 19.64 55.97
CA VAL B 211 -9.92 20.16 54.84
C VAL B 211 -10.67 19.93 53.54
N ARG B 212 -11.34 18.78 53.41
CA ARG B 212 -12.14 18.53 52.20
C ARG B 212 -13.26 19.56 52.06
N ASP B 213 -13.94 19.87 53.17
CA ASP B 213 -14.99 20.88 53.12
C ASP B 213 -14.42 22.25 52.74
N ILE B 214 -13.27 22.60 53.30
CA ILE B 214 -12.63 23.88 52.95
C ILE B 214 -12.30 23.93 51.46
N LYS B 215 -11.77 22.82 50.93
CA LYS B 215 -11.45 22.77 49.50
C LYS B 215 -12.70 22.90 48.65
N GLU B 216 -13.79 22.23 49.06
CA GLU B 216 -15.03 22.33 48.31
C GLU B 216 -15.59 23.74 48.30
N LYS B 217 -15.49 24.45 49.43
CA LYS B 217 -16.13 25.74 49.57
C LYS B 217 -15.29 26.92 49.09
N LEU B 218 -13.96 26.82 49.10
CA LEU B 218 -13.12 27.98 48.83
C LEU B 218 -11.99 27.70 47.85
N CYS B 219 -12.28 27.07 46.71
CA CYS B 219 -11.28 26.82 45.68
C CYS B 219 -11.79 27.24 44.32
N TYR B 220 -10.87 27.68 43.47
CA TYR B 220 -11.18 28.06 42.10
C TYR B 220 -9.94 27.89 41.25
N ILE B 221 -10.13 27.84 39.93
CA ILE B 221 -9.06 27.60 38.97
C ILE B 221 -8.68 28.92 38.32
N ALA B 222 -7.39 29.24 38.36
CA ALA B 222 -6.90 30.48 37.79
C ALA B 222 -6.63 30.32 36.30
N MET B 223 -7.06 31.30 35.51
CA MET B 223 -6.83 31.25 34.07
C MET B 223 -5.33 31.33 33.76
N ASP B 224 -4.62 32.22 34.43
CA ASP B 224 -3.17 32.38 34.27
C ASP B 224 -2.54 32.13 35.63
N TYR B 225 -1.90 30.96 35.76
CA TYR B 225 -1.30 30.57 37.04
C TYR B 225 -0.17 31.50 37.44
N ASP B 226 0.68 31.86 36.49
CA ASP B 226 1.84 32.70 36.79
C ASP B 226 1.42 34.09 37.25
N GLU B 227 0.44 34.67 36.56
CA GLU B 227 0.00 36.03 36.91
C GLU B 227 -0.60 36.07 38.31
N GLU B 228 -1.46 35.09 38.64
CA GLU B 228 -2.05 35.06 39.97
C GLU B 228 -1.01 34.73 41.03
N LEU B 229 -0.02 33.92 40.70
CA LEU B 229 1.07 33.66 41.64
C LEU B 229 1.87 34.94 41.91
N LYS B 230 2.10 35.75 40.88
CA LYS B 230 2.77 37.04 41.09
C LYS B 230 1.91 37.97 41.94
N ARG B 231 0.61 38.01 41.68
CA ARG B 231 -0.30 38.85 42.43
CA ARG B 231 -0.28 38.86 42.45
C ARG B 231 -0.48 38.37 43.87
N SER B 232 -0.18 37.10 44.15
CA SER B 232 -0.36 36.59 45.50
C SER B 232 0.59 37.26 46.50
N GLU B 233 1.77 37.68 46.03
CA GLU B 233 2.79 38.28 46.88
C GLU B 233 2.68 39.80 46.91
N GLU B 234 1.69 40.36 46.20
CA GLU B 234 1.51 41.81 46.15
C GLU B 234 0.10 42.27 46.47
N HIS B 235 -0.94 41.45 46.25
CA HIS B 235 -2.31 41.84 46.56
C HIS B 235 -3.01 40.74 47.33
N SER B 236 -2.34 40.24 48.39
CA SER B 236 -2.88 39.11 49.13
C SER B 236 -4.21 39.45 49.80
N ASP B 237 -4.46 40.72 50.06
CA ASP B 237 -5.70 41.12 50.72
C ASP B 237 -6.92 40.74 49.87
N GLU B 238 -6.77 40.76 48.54
CA GLU B 238 -7.88 40.41 47.67
C GLU B 238 -8.16 38.91 47.72
N ILE B 239 -7.12 38.10 47.92
CA ILE B 239 -7.27 36.65 47.84
C ILE B 239 -7.61 36.05 49.20
N GLU B 240 -7.25 36.72 50.29
CA GLU B 240 -7.47 36.16 51.63
C GLU B 240 -8.96 35.96 51.89
N GLU B 241 -9.27 34.84 52.56
CA GLU B 241 -10.65 34.51 52.91
C GLU B 241 -10.66 33.91 54.31
N ILE B 242 -11.65 34.30 55.12
CA ILE B 242 -11.74 33.80 56.48
C ILE B 242 -12.68 32.60 56.53
N TYR B 243 -12.24 31.55 57.21
CA TYR B 243 -13.06 30.36 57.39
C TYR B 243 -13.13 30.02 58.88
N GLU B 244 -14.30 29.58 59.33
CA GLU B 244 -14.54 29.29 60.74
C GLU B 244 -14.45 27.79 60.97
N LEU B 245 -13.48 27.38 61.79
CA LEU B 245 -13.36 25.97 62.16
C LEU B 245 -14.50 25.58 63.10
N PRO B 246 -14.82 24.28 63.19
CA PRO B 246 -15.92 23.85 64.06
C PRO B 246 -15.70 24.17 65.53
N ASP B 247 -14.44 24.29 65.95
CA ASP B 247 -14.15 24.61 67.34
C ASP B 247 -14.18 26.10 67.62
N GLY B 248 -14.42 26.94 66.60
CA GLY B 248 -14.54 28.37 66.78
C GLY B 248 -13.34 29.18 66.32
N ASN B 249 -12.21 28.54 66.01
CA ASN B 249 -11.05 29.28 65.55
C ASN B 249 -11.23 29.70 64.10
N LEU B 250 -10.46 30.72 63.70
CA LEU B 250 -10.52 31.28 62.36
C LEU B 250 -9.23 30.97 61.62
N ILE B 251 -9.36 30.66 60.33
CA ILE B 251 -8.22 30.32 59.48
C ILE B 251 -8.29 31.17 58.22
N THR B 252 -7.14 31.69 57.81
CA THR B 252 -7.04 32.56 56.63
C THR B 252 -6.52 31.74 55.46
N VAL B 253 -7.37 31.55 54.45
CA VAL B 253 -6.99 30.85 53.24
C VAL B 253 -6.63 31.89 52.19
N GLY B 254 -5.37 31.91 51.78
CA GLY B 254 -4.91 32.90 50.81
C GLY B 254 -4.51 32.30 49.48
N SER B 255 -3.21 32.13 49.27
CA SER B 255 -2.69 31.63 48.01
C SER B 255 -3.07 30.18 47.74
N GLU B 256 -3.58 29.46 48.73
CA GLU B 256 -3.93 28.05 48.58
C GLU B 256 -5.25 27.84 47.86
N ARG B 257 -5.96 28.91 47.50
CA ARG B 257 -7.24 28.78 46.82
C ARG B 257 -7.10 28.21 45.41
N PHE B 258 -6.06 28.62 44.68
CA PHE B 258 -5.86 28.17 43.31
C PHE B 258 -4.66 27.24 43.15
N ARG B 259 -3.76 27.18 44.13
CA ARG B 259 -2.61 26.28 44.04
C ARG B 259 -2.99 24.83 44.24
N CYS B 260 -4.13 24.55 44.88
CA CYS B 260 -4.57 23.18 45.12
C CYS B 260 -5.19 22.55 43.87
N PRO B 261 -6.14 23.21 43.19
CA PRO B 261 -6.70 22.59 41.97
C PRO B 261 -5.76 22.63 40.78
N GLU B 262 -4.65 23.35 40.86
CA GLU B 262 -3.72 23.43 39.74
C GLU B 262 -3.02 22.10 39.46
N ALA B 263 -3.05 21.16 40.41
CA ALA B 263 -2.41 19.87 40.21
C ALA B 263 -3.07 19.04 39.12
N LEU B 264 -4.31 19.37 38.73
CA LEU B 264 -4.96 18.65 37.64
C LEU B 264 -4.26 18.90 36.32
N PHE B 265 -3.86 20.13 36.05
CA PHE B 265 -3.20 20.48 34.80
C PHE B 265 -1.67 20.35 34.88
N ASN B 266 -1.12 20.07 36.06
CA ASN B 266 0.32 19.88 36.22
C ASN B 266 0.54 18.89 37.36
N PRO B 267 0.46 17.59 37.08
CA PRO B 267 0.59 16.59 38.15
C PRO B 267 1.98 16.50 38.76
N THR B 268 2.98 17.22 38.22
CA THR B 268 4.31 17.18 38.81
C THR B 268 4.37 17.87 40.16
N LEU B 269 3.37 18.69 40.51
CA LEU B 269 3.35 19.33 41.82
C LEU B 269 3.18 18.31 42.93
N ILE B 270 2.36 17.28 42.72
CA ILE B 270 2.12 16.24 43.71
C ILE B 270 3.01 15.03 43.49
N GLY B 271 4.07 15.17 42.71
CA GLY B 271 5.01 14.09 42.48
C GLY B 271 4.42 12.92 41.70
N ARG B 272 3.68 13.22 40.64
CA ARG B 272 3.11 12.21 39.76
C ARG B 272 3.64 12.39 38.36
N GLU B 273 4.05 11.29 37.73
CA GLU B 273 4.60 11.32 36.38
C GLU B 273 3.53 11.28 35.30
N CYS B 274 2.27 11.04 35.67
CA CYS B 274 1.21 10.98 34.67
C CYS B 274 0.96 12.37 34.09
N PRO B 275 0.52 12.44 32.83
CA PRO B 275 0.24 13.75 32.22
C PRO B 275 -1.01 14.39 32.80
N GLY B 276 -1.22 15.65 32.44
CA GLY B 276 -2.35 16.40 32.93
C GLY B 276 -3.67 15.98 32.33
N LEU B 277 -4.69 16.83 32.46
CA LEU B 277 -6.01 16.53 31.94
C LEU B 277 -6.15 16.87 30.45
N HIS B 278 -5.73 18.07 30.06
CA HIS B 278 -5.79 18.46 28.65
C HIS B 278 -4.88 17.58 27.80
N ILE B 279 -3.69 17.25 28.31
CA ILE B 279 -2.78 16.38 27.57
C ILE B 279 -3.40 15.01 27.38
N THR B 280 -4.03 14.48 28.44
CA THR B 280 -4.68 13.17 28.34
C THR B 280 -5.82 13.20 27.33
N ALA B 281 -6.63 14.27 27.35
CA ALA B 281 -7.72 14.38 26.38
C ALA B 281 -7.19 14.45 24.95
N TYR B 282 -6.13 15.23 24.74
CA TYR B 282 -5.56 15.35 23.41
C TYR B 282 -4.99 14.01 22.93
N GLN B 283 -4.33 13.29 23.82
CA GLN B 283 -3.79 11.98 23.45
C GLN B 283 -4.92 11.00 23.12
N SER B 284 -6.01 11.06 23.89
CA SER B 284 -7.15 10.20 23.62
C SER B 284 -7.82 10.53 22.29
N ILE B 285 -7.87 11.80 21.92
CA ILE B 285 -8.46 12.19 20.64
C ILE B 285 -7.59 11.74 19.47
N MET B 286 -6.27 11.88 19.59
CA MET B 286 -5.36 11.53 18.51
C MET B 286 -5.26 10.02 18.26
N LYS B 287 -5.78 9.15 19.12
CA LYS B 287 -5.73 7.72 18.88
C LYS B 287 -6.88 7.22 18.02
N CYS B 288 -7.82 8.08 17.66
CA CYS B 288 -8.94 7.72 16.81
C CYS B 288 -8.59 7.99 15.35
N ASP B 289 -9.53 7.70 14.46
CA ASP B 289 -9.33 7.93 13.04
C ASP B 289 -9.35 9.42 12.72
N ILE B 290 -8.81 9.76 11.55
CA ILE B 290 -8.63 11.17 11.19
C ILE B 290 -9.99 11.86 11.03
N ASP B 291 -10.95 11.17 10.40
CA ASP B 291 -12.25 11.79 10.14
C ASP B 291 -13.13 11.86 11.38
N ILE B 292 -12.74 11.22 12.47
CA ILE B 292 -13.56 11.18 13.68
C ILE B 292 -13.18 12.34 14.60
N ARG B 293 -11.95 12.84 14.45
CA ARG B 293 -11.43 13.83 15.39
C ARG B 293 -12.21 15.14 15.34
N LYS B 294 -12.74 15.50 14.17
CA LYS B 294 -13.43 16.77 14.03
C LYS B 294 -14.67 16.82 14.91
N GLU B 295 -15.45 15.73 14.94
CA GLU B 295 -16.65 15.70 15.77
C GLU B 295 -16.30 15.58 17.25
N LEU B 296 -15.21 14.88 17.57
CA LEU B 296 -14.81 14.75 18.98
C LEU B 296 -14.34 16.07 19.55
N TYR B 297 -13.67 16.89 18.74
CA TYR B 297 -13.21 18.19 19.21
C TYR B 297 -14.35 19.14 19.56
N ASN B 298 -15.56 18.86 19.09
CA ASN B 298 -16.69 19.76 19.29
C ASN B 298 -17.69 19.26 20.32
N ASN B 299 -17.43 18.12 20.95
CA ASN B 299 -18.36 17.53 21.91
C ASN B 299 -17.63 17.04 23.16
N ILE B 300 -16.78 17.90 23.72
CA ILE B 300 -16.07 17.58 24.95
C ILE B 300 -17.00 17.74 26.14
N VAL B 301 -17.40 16.63 26.73
CA VAL B 301 -18.35 16.64 27.84
C VAL B 301 -17.59 16.42 29.15
N LEU B 302 -17.86 17.26 30.14
CA LEU B 302 -17.27 17.15 31.46
C LEU B 302 -18.26 16.53 32.42
N SER B 303 -17.78 15.65 33.29
CA SER B 303 -18.63 14.99 34.27
C SER B 303 -17.80 14.65 35.51
N GLY B 304 -18.50 14.50 36.63
CA GLY B 304 -17.84 14.13 37.88
C GLY B 304 -17.85 15.27 38.89
N GLY B 305 -17.61 14.93 40.17
CA GLY B 305 -17.60 15.95 41.20
C GLY B 305 -16.35 16.80 41.21
N THR B 306 -15.23 16.26 40.72
CA THR B 306 -13.98 17.00 40.71
C THR B 306 -13.94 18.11 39.66
N THR B 307 -14.91 18.14 38.75
CA THR B 307 -15.00 19.17 37.73
C THR B 307 -15.97 20.29 38.11
N MET B 308 -16.26 20.45 39.40
CA MET B 308 -17.20 21.47 39.89
C MET B 308 -16.51 22.72 40.37
N TYR B 309 -15.30 23.01 39.87
CA TYR B 309 -14.59 24.21 40.23
C TYR B 309 -15.10 25.39 39.40
N ASN B 310 -14.51 26.56 39.60
CA ASN B 310 -14.87 27.75 38.85
C ASN B 310 -13.83 28.04 37.78
N ASN B 311 -14.32 28.55 36.64
CA ASN B 311 -13.48 28.88 35.50
C ASN B 311 -12.67 27.67 35.03
N ILE B 312 -13.28 26.49 35.04
CA ILE B 312 -12.60 25.29 34.56
C ILE B 312 -12.83 25.08 33.07
N GLY B 313 -14.05 25.36 32.59
CA GLY B 313 -14.32 25.22 31.18
C GLY B 313 -13.50 26.16 30.32
N GLU B 314 -13.38 27.41 30.74
CA GLU B 314 -12.58 28.38 29.99
C GLU B 314 -11.11 27.99 29.96
N ARG B 315 -10.58 27.53 31.10
CA ARG B 315 -9.19 27.09 31.15
C ARG B 315 -8.97 25.88 30.25
N LEU B 316 -9.89 24.92 30.27
CA LEU B 316 -9.77 23.75 29.40
C LEU B 316 -9.84 24.14 27.93
N THR B 317 -10.74 25.06 27.59
CA THR B 317 -10.84 25.53 26.20
C THR B 317 -9.55 26.21 25.76
N LYS B 318 -8.99 27.06 26.63
CA LYS B 318 -7.74 27.74 26.28
C LYS B 318 -6.60 26.74 26.11
N GLU B 319 -6.53 25.73 26.97
CA GLU B 319 -5.47 24.73 26.84
C GLU B 319 -5.64 23.91 25.58
N MET B 320 -6.87 23.54 25.23
CA MET B 320 -7.10 22.73 24.04
C MET B 320 -6.85 23.54 22.77
N THR B 321 -7.09 24.86 22.83
CA THR B 321 -6.87 25.69 21.66
C THR B 321 -5.40 25.70 21.24
N ASN B 322 -4.49 25.75 22.20
CA ASN B 322 -3.06 25.78 21.91
C ASN B 322 -2.53 24.45 21.40
N LEU B 323 -3.30 23.37 21.49
CA LEU B 323 -2.88 22.06 21.01
C LEU B 323 -3.58 21.66 19.72
N ALA B 324 -4.89 21.89 19.63
CA ALA B 324 -5.63 21.54 18.45
C ALA B 324 -5.24 22.47 17.28
N PRO B 325 -5.42 22.00 16.04
CA PRO B 325 -5.12 22.85 14.89
C PRO B 325 -6.00 24.08 14.87
N SER B 326 -5.48 25.15 14.26
CA SER B 326 -6.12 26.46 14.26
C SER B 326 -7.35 26.53 13.36
N SER B 327 -7.79 25.41 12.79
CA SER B 327 -8.98 25.38 11.96
C SER B 327 -10.12 24.57 12.58
N MET B 328 -9.98 24.15 13.83
CA MET B 328 -10.98 23.38 14.52
C MET B 328 -11.75 24.26 15.52
N LYS B 329 -12.95 23.81 15.87
CA LYS B 329 -13.80 24.48 16.83
CA LYS B 329 -13.81 24.48 16.82
C LYS B 329 -13.87 23.64 18.09
N ILE B 330 -13.44 24.21 19.21
CA ILE B 330 -13.45 23.52 20.49
C ILE B 330 -14.58 24.08 21.35
N LYS B 331 -15.44 23.19 21.84
CA LYS B 331 -16.57 23.59 22.68
C LYS B 331 -16.66 22.62 23.85
N VAL B 332 -16.35 23.12 25.04
CA VAL B 332 -16.42 22.33 26.26
C VAL B 332 -17.84 22.41 26.81
N ILE B 333 -18.40 21.25 27.14
CA ILE B 333 -19.79 21.15 27.61
C ILE B 333 -19.72 20.86 29.10
N ALA B 334 -20.06 21.87 29.91
CA ALA B 334 -20.09 21.74 31.36
C ALA B 334 -21.47 22.17 31.84
N PRO B 335 -22.49 21.34 31.70
CA PRO B 335 -23.84 21.74 32.12
C PRO B 335 -23.95 21.77 33.63
N PRO B 336 -24.94 22.49 34.16
CA PRO B 336 -25.16 22.45 35.61
C PRO B 336 -25.58 21.06 36.06
N GLU B 337 -25.60 20.87 37.39
CA GLU B 337 -25.96 19.61 38.05
C GLU B 337 -25.24 18.40 37.47
N ARG B 338 -24.06 18.61 36.88
CA ARG B 338 -23.27 17.53 36.28
C ARG B 338 -22.67 16.60 37.31
N LYS B 339 -22.72 16.92 38.60
CA LYS B 339 -22.22 16.02 39.63
C LYS B 339 -23.05 14.76 39.78
N TYR B 340 -24.31 14.79 39.32
CA TYR B 340 -25.17 13.60 39.36
C TYR B 340 -25.51 13.12 37.96
N SER B 341 -24.64 13.38 36.97
CA SER B 341 -24.95 13.03 35.59
C SER B 341 -25.03 11.51 35.42
N VAL B 342 -24.18 10.76 36.10
CA VAL B 342 -24.18 9.31 35.96
C VAL B 342 -25.51 8.72 36.42
N TRP B 343 -26.03 9.19 37.54
CA TRP B 343 -27.30 8.67 38.05
C TRP B 343 -28.44 9.01 37.10
N ILE B 344 -28.45 10.23 36.56
CA ILE B 344 -29.49 10.63 35.62
C ILE B 344 -29.44 9.78 34.36
N GLY B 345 -28.23 9.54 33.85
CA GLY B 345 -28.10 8.68 32.68
C GLY B 345 -28.55 7.26 32.94
N GLY B 346 -28.22 6.72 34.12
CA GLY B 346 -28.70 5.39 34.48
C GLY B 346 -30.20 5.33 34.59
N SER B 347 -30.82 6.36 35.18
CA SER B 347 -32.27 6.40 35.27
C SER B 347 -32.92 6.47 33.89
N ILE B 348 -32.34 7.27 32.99
CA ILE B 348 -32.86 7.36 31.63
C ILE B 348 -32.74 6.02 30.92
N LEU B 349 -31.59 5.36 31.05
CA LEU B 349 -31.38 4.08 30.39
C LEU B 349 -32.33 3.01 30.93
N SER B 350 -32.54 2.98 32.24
CA SER B 350 -33.38 1.95 32.84
C SER B 350 -34.85 2.12 32.51
N SER B 351 -35.26 3.28 31.98
CA SER B 351 -36.66 3.55 31.68
C SER B 351 -36.99 3.35 30.20
N LEU B 352 -36.13 2.67 29.46
CA LEU B 352 -36.35 2.43 28.04
C LEU B 352 -36.87 1.02 27.83
N SER B 353 -37.83 0.90 26.90
CA SER B 353 -38.41 -0.41 26.62
C SER B 353 -37.42 -1.36 25.96
N THR B 354 -36.51 -0.82 25.14
CA THR B 354 -35.52 -1.67 24.48
C THR B 354 -34.54 -2.27 25.48
N PHE B 355 -34.35 -1.63 26.63
CA PHE B 355 -33.43 -2.13 27.65
C PHE B 355 -34.04 -3.22 28.52
N GLN B 356 -35.35 -3.45 28.42
CA GLN B 356 -36.04 -4.41 29.29
C GLN B 356 -35.65 -5.86 29.00
N GLN B 357 -34.80 -6.10 28.00
CA GLN B 357 -34.34 -7.44 27.70
C GLN B 357 -32.92 -7.74 28.17
N MET B 358 -32.07 -6.73 28.25
CA MET B 358 -30.66 -6.91 28.64
C MET B 358 -30.57 -6.92 30.17
N TRP B 359 -31.03 -8.03 30.75
CA TRP B 359 -30.96 -8.24 32.19
C TRP B 359 -30.40 -9.62 32.46
N ILE B 360 -29.79 -9.78 33.63
CA ILE B 360 -29.29 -11.08 34.06
C ILE B 360 -30.27 -11.67 35.06
N THR B 361 -31.11 -12.60 34.59
CA THR B 361 -32.11 -13.21 35.45
C THR B 361 -31.46 -14.23 36.40
N LYS B 362 -32.24 -14.66 37.38
CA LYS B 362 -31.75 -15.63 38.36
C LYS B 362 -31.40 -16.96 37.70
N GLU B 363 -32.23 -17.41 36.76
CA GLU B 363 -32.00 -18.70 36.12
C GLU B 363 -30.70 -18.70 35.33
N GLU B 364 -30.43 -17.62 34.60
CA GLU B 364 -29.21 -17.55 33.80
C GLU B 364 -27.97 -17.58 34.68
N TYR B 365 -28.00 -16.83 35.79
CA TYR B 365 -26.87 -16.83 36.71
C TYR B 365 -26.68 -18.20 37.35
N GLU B 366 -27.79 -18.85 37.73
CA GLU B 366 -27.70 -20.16 38.36
C GLU B 366 -27.19 -21.23 37.40
N ASP B 367 -27.53 -21.14 36.12
CA ASP B 367 -27.11 -22.17 35.14
C ASP B 367 -25.68 -21.89 34.65
N SER B 368 -25.47 -20.71 34.06
CA SER B 368 -24.16 -20.41 33.48
C SER B 368 -23.09 -20.19 34.54
N GLY B 369 -23.42 -19.50 35.63
CA GLY B 369 -22.46 -19.21 36.66
C GLY B 369 -22.12 -17.73 36.75
N PRO B 370 -21.19 -17.37 37.63
CA PRO B 370 -20.84 -15.95 37.80
C PRO B 370 -20.16 -15.33 36.59
N SER B 371 -19.64 -16.14 35.67
CA SER B 371 -18.91 -15.61 34.52
C SER B 371 -19.83 -14.98 33.47
N ILE B 372 -21.15 -15.17 33.59
CA ILE B 372 -22.08 -14.64 32.59
C ILE B 372 -21.99 -13.12 32.51
N VAL B 373 -21.60 -12.45 33.60
CA VAL B 373 -21.43 -11.01 33.59
C VAL B 373 -20.38 -10.54 32.61
N HIS B 374 -19.51 -11.44 32.13
CA HIS B 374 -18.50 -11.11 31.15
C HIS B 374 -19.00 -11.26 29.71
N ARG B 375 -20.27 -11.66 29.52
CA ARG B 375 -20.82 -11.84 28.19
CA ARG B 375 -20.83 -11.85 28.20
C ARG B 375 -22.07 -11.00 27.92
N LYS B 376 -22.79 -10.56 28.95
CA LYS B 376 -23.99 -9.76 28.75
C LYS B 376 -23.88 -8.34 29.28
N CYS B 377 -22.85 -8.03 30.06
CA CYS B 377 -22.65 -6.69 30.62
C CYS B 377 -21.35 -6.13 30.07
N PHE B 378 -21.39 -4.89 29.57
CA PHE B 378 -20.21 -4.22 29.07
C PHE B 378 -20.22 -2.75 29.48
N ALA C 7 41.89 0.51 6.41
CA ALA C 7 41.46 0.70 7.80
C ALA C 7 40.20 -0.11 8.08
N VAL C 8 40.11 -0.64 9.31
CA VAL C 8 38.93 -1.40 9.71
C VAL C 8 37.74 -0.48 9.81
N ALA C 9 36.61 -0.90 9.24
CA ALA C 9 35.41 -0.10 9.25
C ALA C 9 34.58 -0.33 10.51
N LEU C 10 33.74 0.63 10.82
CA LEU C 10 32.84 0.57 11.97
C LEU C 10 31.44 0.22 11.48
N VAL C 11 30.85 -0.82 12.06
CA VAL C 11 29.48 -1.23 11.74
C VAL C 11 28.61 -0.79 12.91
N VAL C 12 27.73 0.18 12.65
CA VAL C 12 26.85 0.74 13.67
C VAL C 12 25.40 0.62 13.21
N ASP C 13 24.70 -0.40 13.72
CA ASP C 13 23.28 -0.58 13.44
C ASP C 13 22.49 0.12 14.55
N ASN C 14 21.90 1.26 14.21
CA ASN C 14 21.10 2.02 15.15
C ASN C 14 19.62 1.81 14.83
N GLY C 15 18.87 1.40 15.85
CA GLY C 15 17.44 1.18 15.68
C GLY C 15 16.61 1.88 16.71
N SER C 16 15.35 1.47 16.86
CA SER C 16 14.48 2.10 17.85
C SER C 16 14.85 1.69 19.27
N GLY C 17 14.81 0.38 19.55
CA GLY C 17 15.08 -0.10 20.89
C GLY C 17 16.55 -0.18 21.24
N MET C 18 17.29 -1.01 20.53
CA MET C 18 18.70 -1.26 20.84
C MET C 18 19.60 -0.70 19.74
N VAL C 19 20.87 -0.49 20.10
CA VAL C 19 21.90 -0.04 19.18
C VAL C 19 23.06 -1.03 19.27
N LYS C 20 23.49 -1.54 18.13
CA LYS C 20 24.62 -2.46 18.06
C LYS C 20 25.78 -1.76 17.36
N SER C 21 26.99 -1.99 17.86
CA SER C 21 28.17 -1.37 17.27
C SER C 21 29.35 -2.32 17.39
N GLY C 22 30.20 -2.31 16.38
CA GLY C 22 31.36 -3.17 16.38
C GLY C 22 32.29 -2.86 15.23
N LEU C 23 33.34 -3.67 15.14
CA LEU C 23 34.36 -3.54 14.10
C LEU C 23 34.05 -4.54 12.98
N ALA C 24 34.21 -4.10 11.73
CA ALA C 24 33.98 -4.97 10.60
C ALA C 24 35.07 -6.03 10.52
N GLY C 25 34.68 -7.29 10.67
CA GLY C 25 35.62 -8.39 10.65
C GLY C 25 35.35 -9.45 11.69
N ASP C 26 34.56 -9.09 12.70
CA ASP C 26 34.20 -10.01 13.77
C ASP C 26 32.89 -10.72 13.42
N ASP C 27 32.57 -11.74 14.21
CA ASP C 27 31.37 -12.55 14.01
C ASP C 27 30.26 -12.21 15.00
N ALA C 28 30.43 -11.17 15.82
CA ALA C 28 29.43 -10.79 16.80
C ALA C 28 29.59 -9.32 17.15
N PRO C 29 28.51 -8.60 17.43
CA PRO C 29 28.64 -7.19 17.81
C PRO C 29 29.37 -7.04 19.12
N LYS C 30 30.10 -5.94 19.26
CA LYS C 30 30.90 -5.67 20.44
C LYS C 30 30.13 -4.93 21.53
N CYS C 31 29.33 -3.92 21.17
CA CYS C 31 28.60 -3.12 22.14
C CYS C 31 27.14 -3.07 21.75
N VAL C 32 26.28 -3.65 22.58
CA VAL C 32 24.84 -3.69 22.34
C VAL C 32 24.19 -2.99 23.53
N PHE C 33 23.60 -1.82 23.30
CA PHE C 33 22.99 -1.14 24.43
C PHE C 33 21.70 -0.43 24.02
N PRO C 34 20.76 -0.25 24.95
CA PRO C 34 19.52 0.46 24.62
C PRO C 34 19.77 1.91 24.26
N SER C 35 18.93 2.42 23.34
CA SER C 35 19.02 3.79 22.85
C SER C 35 18.00 4.63 23.60
N ILE C 36 18.36 5.02 24.82
CA ILE C 36 17.51 5.87 25.65
C ILE C 36 18.34 7.03 26.17
N VAL C 37 17.67 8.14 26.47
CA VAL C 37 18.30 9.30 27.07
C VAL C 37 17.57 9.61 28.36
N GLY C 38 18.29 9.68 29.47
CA GLY C 38 17.71 9.90 30.78
C GLY C 38 18.03 11.29 31.31
N ARG C 39 17.02 11.92 31.91
CA ARG C 39 17.21 13.24 32.50
C ARG C 39 16.68 13.26 33.91
N PRO C 40 17.40 13.87 34.85
CA PRO C 40 16.94 13.89 36.25
C PRO C 40 15.70 14.75 36.41
N LYS C 41 14.86 14.36 37.37
CA LYS C 41 13.65 15.09 37.69
C LYS C 41 13.51 15.45 39.17
N MET C 42 14.49 15.11 40.01
CA MET C 42 14.46 15.41 41.42
C MET C 42 15.56 16.40 41.79
N PRO C 43 15.34 17.24 42.81
CA PRO C 43 16.39 18.17 43.22
C PRO C 43 17.60 17.44 43.78
N ASN C 44 18.78 18.04 43.57
CA ASN C 44 20.03 17.50 44.10
C ASN C 44 20.44 18.33 45.31
N ILE C 45 20.66 17.67 46.45
CA ILE C 45 20.92 18.33 47.71
C ILE C 45 22.25 17.90 48.33
N MET C 46 22.89 16.89 47.77
CA MET C 46 24.13 16.34 48.33
C MET C 46 25.30 17.00 47.62
N ILE C 47 25.86 18.04 48.25
CA ILE C 47 27.01 18.73 47.70
C ILE C 47 28.27 17.91 47.96
N GLY C 48 29.09 17.74 46.93
CA GLY C 48 30.32 16.99 47.02
C GLY C 48 30.48 15.91 45.96
N MET C 49 29.40 15.47 45.35
CA MET C 49 29.44 14.46 44.31
C MET C 49 29.35 15.10 42.94
N GLU C 50 29.96 14.44 41.95
CA GLU C 50 29.97 14.93 40.58
C GLU C 50 28.81 14.31 39.81
N GLN C 51 27.80 15.11 39.50
CA GLN C 51 26.63 14.66 38.79
C GLN C 51 26.75 14.98 37.31
N LYS C 52 25.86 14.38 36.51
CA LYS C 52 25.82 14.60 35.07
C LYS C 52 24.43 15.05 34.67
N GLU C 53 24.39 15.88 33.62
CA GLU C 53 23.14 16.46 33.15
C GLU C 53 22.29 15.49 32.33
N CYS C 54 22.87 14.39 31.86
CA CYS C 54 22.12 13.43 31.05
C CYS C 54 22.84 12.09 31.06
N TYR C 55 22.09 11.01 31.20
CA TYR C 55 22.61 9.66 31.18
C TYR C 55 22.16 8.96 29.91
N VAL C 56 23.11 8.32 29.22
CA VAL C 56 22.85 7.66 27.95
C VAL C 56 23.36 6.22 28.04
N GLY C 57 22.50 5.27 27.68
CA GLY C 57 22.91 3.88 27.58
C GLY C 57 22.56 3.10 28.84
N ASP C 58 23.50 2.25 29.30
CA ASP C 58 23.24 1.41 30.45
C ASP C 58 23.11 2.22 31.73
N GLU C 59 23.85 3.34 31.82
CA GLU C 59 23.78 4.16 33.02
C GLU C 59 22.38 4.75 33.21
N ALA C 60 21.73 5.14 32.11
CA ALA C 60 20.36 5.64 32.20
C ALA C 60 19.40 4.54 32.64
N GLN C 61 19.61 3.31 32.17
CA GLN C 61 18.73 2.20 32.54
C GLN C 61 18.92 1.76 33.98
N ASN C 62 20.14 1.84 34.52
CA ASN C 62 20.38 1.43 35.89
C ASN C 62 19.75 2.38 36.89
N LYS C 63 19.83 3.69 36.63
CA LYS C 63 19.30 4.72 37.50
C LYS C 63 17.95 5.24 37.03
N ARG C 64 17.14 4.39 36.41
CA ARG C 64 15.88 4.85 35.83
C ARG C 64 14.86 5.26 36.90
N GLY C 65 15.13 4.96 38.17
CA GLY C 65 14.18 5.32 39.21
C GLY C 65 14.01 6.82 39.38
N ILE C 66 15.08 7.57 39.17
CA ILE C 66 15.05 9.02 39.37
C ILE C 66 15.31 9.74 38.07
N LEU C 67 15.04 9.08 36.95
CA LEU C 67 15.28 9.64 35.63
C LEU C 67 14.04 9.49 34.76
N THR C 68 13.80 10.49 33.91
CA THR C 68 12.82 10.38 32.84
C THR C 68 13.53 9.94 31.57
N LEU C 69 12.99 8.91 30.92
CA LEU C 69 13.66 8.28 29.78
C LEU C 69 12.92 8.66 28.50
N LYS C 70 13.69 9.04 27.48
CA LYS C 70 13.16 9.41 26.18
C LYS C 70 13.85 8.59 25.09
N TYR C 71 13.07 8.20 24.08
CA TYR C 71 13.59 7.50 22.92
C TYR C 71 13.75 8.48 21.76
N PRO C 72 14.97 8.72 21.27
CA PRO C 72 15.14 9.67 20.16
C PRO C 72 14.73 9.13 18.80
N ILE C 73 14.34 7.87 18.70
CA ILE C 73 13.95 7.26 17.43
C ILE C 73 12.57 6.64 17.60
N GLU C 74 11.63 7.01 16.75
CA GLU C 74 10.29 6.47 16.79
C GLU C 74 9.81 6.07 15.39
N GLY C 76 11.35 4.20 13.33
CA GLY C 76 12.49 4.29 12.43
C GLY C 76 12.83 5.68 11.95
N ILE C 77 12.15 6.68 12.52
CA ILE C 77 12.34 8.08 12.17
C ILE C 77 12.86 8.82 13.39
N VAL C 78 13.93 9.58 13.20
CA VAL C 78 14.54 10.33 14.30
C VAL C 78 13.70 11.57 14.57
N THR C 79 13.27 11.74 15.81
CA THR C 79 12.45 12.87 16.21
C THR C 79 13.29 14.04 16.71
N ASN C 80 14.17 13.79 17.67
CA ASN C 80 15.07 14.80 18.21
C ASN C 80 16.50 14.41 17.82
N TRP C 81 17.21 15.33 17.17
CA TRP C 81 18.56 15.05 16.69
C TRP C 81 19.62 15.27 17.75
N ASP C 82 19.35 16.09 18.77
CA ASP C 82 20.33 16.29 19.83
C ASP C 82 20.58 15.01 20.60
N ASP C 83 19.51 14.29 20.95
CA ASP C 83 19.65 13.03 21.66
C ASP C 83 20.37 11.99 20.81
N MET C 84 20.05 11.94 19.51
CA MET C 84 20.72 11.00 18.63
C MET C 84 22.21 11.32 18.50
N GLU C 85 22.55 12.62 18.43
CA GLU C 85 23.95 13.02 18.39
C GLU C 85 24.67 12.63 19.67
N LYS C 86 24.00 12.81 20.82
CA LYS C 86 24.60 12.39 22.09
C LYS C 86 24.82 10.88 22.12
N ILE C 87 23.86 10.11 21.61
CA ILE C 87 24.01 8.66 21.58
C ILE C 87 25.17 8.25 20.68
N TRP C 88 25.29 8.89 19.51
CA TRP C 88 26.42 8.60 18.62
C TRP C 88 27.75 8.95 19.28
N HIS C 89 27.80 10.09 19.98
CA HIS C 89 29.02 10.47 20.68
C HIS C 89 29.37 9.45 21.77
N HIS C 90 28.38 9.00 22.52
CA HIS C 90 28.61 7.98 23.54
C HIS C 90 29.11 6.69 22.92
N THR C 91 28.54 6.29 21.79
CA THR C 91 28.97 5.06 21.12
C THR C 91 30.41 5.17 20.64
N PHE C 92 30.77 6.32 20.04
CA PHE C 92 32.09 6.45 19.46
C PHE C 92 33.17 6.61 20.53
N TYR C 93 32.91 7.43 21.55
CA TYR C 93 33.95 7.83 22.49
C TYR C 93 33.97 7.03 23.78
N ASN C 94 32.89 6.33 24.11
CA ASN C 94 32.83 5.59 25.38
C ASN C 94 32.77 4.08 25.17
N GLU C 95 31.89 3.60 24.29
CA GLU C 95 31.73 2.17 24.10
C GLU C 95 32.88 1.59 23.28
N LEU C 96 33.03 2.04 22.04
CA LEU C 96 34.04 1.49 21.15
C LEU C 96 35.44 2.02 21.49
N ARG C 97 35.50 3.23 22.07
CA ARG C 97 36.76 3.88 22.42
CA ARG C 97 36.76 3.86 22.42
C ARG C 97 37.68 3.97 21.21
N VAL C 98 37.12 4.28 20.04
CA VAL C 98 37.89 4.45 18.81
C VAL C 98 37.62 5.85 18.27
N SER C 99 38.64 6.43 17.66
CA SER C 99 38.52 7.77 17.10
C SER C 99 37.66 7.73 15.84
N PRO C 100 36.57 8.48 15.77
CA PRO C 100 35.71 8.45 14.58
C PRO C 100 36.24 9.31 13.45
N GLU C 101 37.54 9.21 13.16
CA GLU C 101 38.14 9.97 12.07
C GLU C 101 39.09 9.14 11.22
N GLU C 102 39.31 7.88 11.56
CA GLU C 102 40.17 6.99 10.77
C GLU C 102 39.47 5.70 10.38
N HIS C 103 38.13 5.64 10.48
CA HIS C 103 37.38 4.44 10.17
C HIS C 103 36.11 4.82 9.41
N PRO C 104 35.87 4.20 8.25
CA PRO C 104 34.63 4.46 7.52
C PRO C 104 33.43 3.92 8.29
N VAL C 105 32.27 4.54 8.08
CA VAL C 105 31.06 4.21 8.82
C VAL C 105 30.06 3.54 7.87
N LEU C 106 29.42 2.49 8.38
CA LEU C 106 28.41 1.75 7.63
C LEU C 106 27.12 1.79 8.45
N LEU C 107 26.15 2.57 8.00
CA LEU C 107 24.89 2.75 8.69
C LEU C 107 23.77 1.99 7.99
N THR C 108 22.71 1.70 8.74
CA THR C 108 21.57 0.96 8.23
C THR C 108 20.32 1.82 8.33
N GLU C 109 19.40 1.58 7.39
CA GLU C 109 18.13 2.30 7.37
C GLU C 109 17.04 1.38 6.88
N ALA C 110 15.80 1.67 7.31
CA ALA C 110 14.60 0.95 6.91
C ALA C 110 14.10 1.42 5.55
N PRO C 111 13.46 0.55 4.79
CA PRO C 111 12.92 0.98 3.48
C PRO C 111 11.77 1.94 3.64
N LEU C 112 11.56 2.74 2.60
CA LEU C 112 10.47 3.71 2.52
C LEU C 112 10.57 4.73 3.66
N ASN C 113 11.70 5.43 3.71
CA ASN C 113 11.95 6.47 4.70
C ASN C 113 12.04 7.84 4.03
N PRO C 114 11.73 8.91 4.75
CA PRO C 114 11.86 10.26 4.17
C PRO C 114 13.31 10.57 3.81
N LYS C 115 13.47 11.37 2.75
CA LYS C 115 14.81 11.74 2.29
C LYS C 115 15.53 12.61 3.30
N THR C 116 14.78 13.47 4.00
CA THR C 116 15.38 14.38 4.98
C THR C 116 16.13 13.63 6.08
N ASN C 117 15.65 12.45 6.47
CA ASN C 117 16.35 11.67 7.48
C ASN C 117 17.76 11.30 7.01
N ARG C 118 17.87 10.76 5.80
CA ARG C 118 19.18 10.41 5.26
C ARG C 118 20.05 11.65 5.08
N GLU C 119 19.46 12.75 4.60
CA GLU C 119 20.24 13.96 4.37
C GLU C 119 20.82 14.49 5.68
N LYS C 120 19.99 14.56 6.73
CA LYS C 120 20.47 15.04 8.02
C LYS C 120 21.48 14.08 8.63
N MET C 121 21.28 12.77 8.47
CA MET C 121 22.24 11.81 9.01
C MET C 121 23.60 11.99 8.34
N THR C 122 23.62 12.12 7.01
CA THR C 122 24.88 12.32 6.31
C THR C 122 25.52 13.65 6.69
N GLN C 123 24.72 14.70 6.82
CA GLN C 123 25.28 16.00 7.20
C GLN C 123 25.90 15.95 8.59
N ILE C 124 25.24 15.30 9.54
CA ILE C 124 25.78 15.18 10.89
C ILE C 124 27.07 14.36 10.87
N MET C 125 27.06 13.25 10.12
CA MET C 125 28.25 12.39 10.07
C MET C 125 29.44 13.13 9.46
N PHE C 126 29.20 13.96 8.45
CA PHE C 126 30.32 14.60 7.77
C PHE C 126 30.76 15.90 8.43
N GLU C 127 29.87 16.60 9.13
CA GLU C 127 30.19 17.92 9.65
C GLU C 127 30.44 17.95 11.15
N THR C 128 30.06 16.91 11.89
CA THR C 128 30.29 16.86 13.33
C THR C 128 31.42 15.93 13.72
N PHE C 129 31.37 14.67 13.28
CA PHE C 129 32.42 13.72 13.60
C PHE C 129 33.55 13.73 12.57
N ASP C 130 33.34 14.34 11.40
CA ASP C 130 34.34 14.45 10.35
C ASP C 130 34.89 13.08 9.95
N VAL C 131 33.97 12.17 9.63
CA VAL C 131 34.33 10.83 9.21
C VAL C 131 34.93 10.89 7.80
N PRO C 132 35.87 10.02 7.46
CA PRO C 132 36.45 10.04 6.11
C PRO C 132 35.45 9.65 5.04
N ALA C 133 34.73 8.54 5.26
CA ALA C 133 33.75 8.06 4.31
C ALA C 133 32.62 7.36 5.08
N MET C 134 31.47 7.26 4.42
CA MET C 134 30.31 6.63 5.02
C MET C 134 29.45 6.01 3.93
N TYR C 135 28.63 5.05 4.34
CA TYR C 135 27.71 4.40 3.41
C TYR C 135 26.48 3.94 4.17
N VAL C 136 25.31 4.13 3.57
CA VAL C 136 24.03 3.77 4.17
C VAL C 136 23.40 2.67 3.35
N SER C 137 22.92 1.62 4.02
CA SER C 137 22.36 0.47 3.33
C SER C 137 21.05 0.06 3.97
N ILE C 138 20.23 -0.65 3.19
CA ILE C 138 18.96 -1.17 3.70
C ILE C 138 19.25 -2.39 4.58
N GLN C 139 18.40 -2.57 5.60
CA GLN C 139 18.61 -3.66 6.56
C GLN C 139 18.31 -5.02 5.95
N ALA C 140 17.33 -5.10 5.05
CA ALA C 140 16.98 -6.38 4.44
C ALA C 140 18.11 -6.95 3.60
N ILE C 141 18.84 -6.08 2.90
CA ILE C 141 19.97 -6.54 2.09
C ILE C 141 21.04 -7.17 2.99
N LEU C 142 21.35 -6.52 4.10
CA LEU C 142 22.32 -7.07 5.03
C LEU C 142 21.82 -8.37 5.67
N SER C 143 20.53 -8.43 5.99
CA SER C 143 19.96 -9.66 6.53
C SER C 143 20.08 -10.81 5.55
N LEU C 144 19.83 -10.58 4.26
CA LEU C 144 20.02 -11.60 3.25
C LEU C 144 21.49 -11.95 3.04
N TYR C 145 22.39 -10.96 3.16
CA TYR C 145 23.82 -11.24 3.09
C TYR C 145 24.27 -12.17 4.20
N ALA C 146 23.74 -11.94 5.42
CA ALA C 146 24.19 -12.73 6.57
C ALA C 146 23.85 -14.20 6.42
N SER C 147 22.78 -14.53 5.70
CA SER C 147 22.39 -15.92 5.52
C SER C 147 23.13 -16.62 4.40
N GLY C 148 23.97 -15.90 3.65
CA GLY C 148 24.70 -16.51 2.55
C GLY C 148 23.84 -16.99 1.41
N ARG C 149 22.76 -16.27 1.10
CA ARG C 149 21.87 -16.61 0.02
C ARG C 149 21.76 -15.46 -0.96
N THR C 150 21.11 -15.72 -2.09
CA THR C 150 20.89 -14.70 -3.11
C THR C 150 19.43 -14.51 -3.47
N THR C 151 18.55 -15.46 -3.15
CA THR C 151 17.13 -15.38 -3.46
C THR C 151 16.33 -15.69 -2.20
N GLY C 152 15.35 -14.85 -1.91
CA GLY C 152 14.49 -15.07 -0.77
C GLY C 152 13.69 -13.85 -0.42
N ILE C 153 12.73 -14.04 0.47
CA ILE C 153 11.89 -12.95 0.98
C ILE C 153 12.24 -12.77 2.46
N VAL C 154 12.60 -11.54 2.82
CA VAL C 154 13.04 -11.21 4.17
C VAL C 154 11.89 -10.54 4.89
N LEU C 155 11.46 -11.14 6.01
CA LEU C 155 10.46 -10.58 6.91
C LEU C 155 11.19 -10.08 8.14
N ASP C 156 11.44 -8.78 8.20
CA ASP C 156 12.18 -8.19 9.31
C ASP C 156 11.20 -7.51 10.26
N SER C 157 11.38 -7.74 11.56
CA SER C 157 10.52 -7.16 12.57
C SER C 157 11.38 -6.71 13.74
N GLY C 158 11.53 -5.40 13.89
CA GLY C 158 12.37 -4.86 14.95
C GLY C 158 11.58 -4.34 16.13
N ASP C 159 11.87 -3.12 16.55
CA ASP C 159 11.21 -2.52 17.71
C ASP C 159 10.08 -1.58 17.34
N GLY C 160 10.17 -0.89 16.21
CA GLY C 160 9.12 0.02 15.80
C GLY C 160 8.53 -0.24 14.43
N VAL C 161 9.30 -0.88 13.55
CA VAL C 161 8.90 -1.05 12.16
C VAL C 161 9.09 -2.50 11.75
N SER C 162 8.09 -3.06 11.06
CA SER C 162 8.18 -4.40 10.50
C SER C 162 7.96 -4.31 8.99
N HIS C 163 8.91 -4.84 8.22
CA HIS C 163 8.87 -4.72 6.78
C HIS C 163 9.14 -6.07 6.11
N THR C 164 8.80 -6.13 4.84
CA THR C 164 8.92 -7.32 4.00
C THR C 164 9.56 -6.92 2.68
N VAL C 165 10.65 -7.59 2.32
CA VAL C 165 11.40 -7.28 1.10
C VAL C 165 11.75 -8.55 0.35
N PRO C 166 11.28 -8.73 -0.88
CA PRO C 166 11.71 -9.88 -1.68
C PRO C 166 12.89 -9.54 -2.58
N ILE C 167 13.76 -10.53 -2.79
CA ILE C 167 14.92 -10.41 -3.66
C ILE C 167 15.06 -11.69 -4.45
N TYR C 168 15.28 -11.56 -5.77
CA TYR C 168 15.42 -12.72 -6.64
C TYR C 168 16.73 -12.61 -7.42
N GLU C 169 17.65 -13.53 -7.14
CA GLU C 169 18.93 -13.62 -7.87
C GLU C 169 19.68 -12.30 -7.88
N GLY C 170 19.68 -11.60 -6.74
CA GLY C 170 20.39 -10.35 -6.63
C GLY C 170 19.66 -9.13 -7.13
N TYR C 171 18.42 -9.29 -7.59
CA TYR C 171 17.61 -8.17 -8.08
C TYR C 171 16.42 -7.97 -7.16
N VAL C 172 16.29 -6.76 -6.63
CA VAL C 172 15.20 -6.45 -5.71
C VAL C 172 14.01 -5.94 -6.52
N LEU C 173 12.80 -6.22 -6.02
CA LEU C 173 11.59 -5.74 -6.65
C LEU C 173 10.97 -4.64 -5.78
N PRO C 174 11.26 -3.37 -6.08
CA PRO C 174 10.77 -2.29 -5.21
C PRO C 174 9.25 -2.18 -5.15
N HIS C 175 8.55 -2.68 -6.16
CA HIS C 175 7.09 -2.54 -6.20
C HIS C 175 6.41 -3.56 -5.30
N ALA C 176 7.19 -4.47 -4.72
CA ALA C 176 6.66 -5.53 -3.86
C ALA C 176 7.25 -5.46 -2.47
N ILE C 177 7.56 -4.25 -2.00
CA ILE C 177 8.14 -4.03 -0.67
C ILE C 177 7.04 -3.49 0.24
N ASN C 178 6.87 -4.11 1.40
CA ASN C 178 5.84 -3.72 2.34
C ASN C 178 6.46 -3.23 3.64
N ARG C 179 5.75 -2.33 4.32
CA ARG C 179 6.22 -1.79 5.59
C ARG C 179 5.02 -1.38 6.42
N ILE C 180 4.96 -1.84 7.68
CA ILE C 180 3.93 -1.45 8.62
C ILE C 180 4.58 -1.13 9.95
N ASP C 181 3.97 -0.18 10.67
CA ASP C 181 4.48 0.27 11.97
C ASP C 181 3.73 -0.47 13.07
N MET C 182 4.16 -1.71 13.31
CA MET C 182 3.58 -2.54 14.36
C MET C 182 4.65 -3.55 14.79
N ALA C 183 5.18 -3.37 15.99
CA ALA C 183 6.33 -4.15 16.42
C ALA C 183 6.25 -4.34 17.94
N GLY C 184 7.38 -4.65 18.56
CA GLY C 184 7.38 -5.09 19.94
C GLY C 184 6.85 -4.06 20.92
N ARG C 185 6.90 -2.77 20.55
CA ARG C 185 6.39 -1.74 21.44
C ARG C 185 4.88 -1.85 21.61
N ASP C 186 4.15 -2.09 20.50
CA ASP C 186 2.72 -2.31 20.60
C ASP C 186 2.41 -3.58 21.38
N LEU C 187 3.24 -4.61 21.24
CA LEU C 187 3.08 -5.82 22.04
C LEU C 187 3.27 -5.54 23.53
N THR C 188 4.24 -4.68 23.87
CA THR C 188 4.44 -4.31 25.27
C THR C 188 3.23 -3.55 25.81
N TYR C 189 2.68 -2.63 25.01
CA TYR C 189 1.48 -1.91 25.43
C TYR C 189 0.31 -2.86 25.62
N HIS C 190 0.15 -3.83 24.71
CA HIS C 190 -0.92 -4.82 24.85
C HIS C 190 -0.72 -5.67 26.09
N MET C 191 0.53 -6.04 26.39
CA MET C 191 0.82 -6.80 27.60
C MET C 191 0.47 -6.01 28.85
N MET C 192 0.79 -4.72 28.86
CA MET C 192 0.41 -3.87 30.00
C MET C 192 -1.11 -3.81 30.14
N LYS C 193 -1.82 -3.64 29.02
CA LYS C 193 -3.27 -3.60 29.08
C LYS C 193 -3.85 -4.89 29.60
N LEU C 194 -3.29 -6.03 29.18
CA LEU C 194 -3.74 -7.32 29.69
C LEU C 194 -3.45 -7.45 31.19
N PHE C 195 -2.29 -6.98 31.63
CA PHE C 195 -1.95 -7.01 33.05
C PHE C 195 -2.87 -6.13 33.89
N THR C 196 -3.42 -5.05 33.32
CA THR C 196 -4.34 -4.22 34.07
C THR C 196 -5.61 -4.98 34.45
N GLU C 197 -5.92 -6.06 33.72
CA GLU C 197 -7.10 -6.86 34.03
C GLU C 197 -6.88 -7.81 35.21
N ARG C 198 -5.64 -8.05 35.61
CA ARG C 198 -5.33 -8.93 36.72
C ARG C 198 -5.27 -8.21 38.05
N GLY C 199 -5.03 -6.90 38.06
CA GLY C 199 -4.94 -6.14 39.28
C GLY C 199 -3.70 -5.29 39.36
N HIS C 200 -2.70 -5.63 38.53
CA HIS C 200 -1.44 -4.91 38.51
C HIS C 200 -1.49 -3.78 37.49
N THR C 201 -1.03 -2.60 37.89
CA THR C 201 -1.06 -1.41 37.04
C THR C 201 0.35 -0.91 36.84
N PHE C 202 0.76 -0.76 35.58
CA PHE C 202 2.08 -0.25 35.22
C PHE C 202 1.91 0.97 34.33
N THR C 203 2.48 2.09 34.74
CA THR C 203 2.36 3.34 33.99
C THR C 203 3.70 4.01 33.72
N THR C 204 4.63 3.95 34.65
CA THR C 204 5.88 4.67 34.51
C THR C 204 6.81 3.95 33.52
N THR C 205 7.87 4.65 33.13
CA THR C 205 8.82 4.10 32.17
C THR C 205 9.56 2.90 32.74
N ALA C 206 9.92 2.97 34.03
CA ALA C 206 10.56 1.82 34.67
C ALA C 206 9.63 0.61 34.68
N GLU C 207 8.35 0.83 34.97
CA GLU C 207 7.37 -0.25 34.88
C GLU C 207 7.26 -0.77 33.45
N ARG C 208 7.38 0.12 32.46
CA ARG C 208 7.36 -0.33 31.07
CA ARG C 208 7.36 -0.33 31.07
C ARG C 208 8.54 -1.23 30.76
N GLU C 209 9.73 -0.89 31.26
CA GLU C 209 10.89 -1.75 31.06
C GLU C 209 10.71 -3.10 31.77
N ILE C 210 10.13 -3.08 32.97
CA ILE C 210 9.85 -4.32 33.67
C ILE C 210 8.90 -5.21 32.86
N VAL C 211 7.85 -4.61 32.31
CA VAL C 211 6.89 -5.37 31.49
C VAL C 211 7.59 -5.91 30.24
N ARG C 212 8.48 -5.12 29.65
CA ARG C 212 9.22 -5.59 28.49
C ARG C 212 10.08 -6.80 28.83
N ASP C 213 10.76 -6.76 29.99
CA ASP C 213 11.56 -7.90 30.42
C ASP C 213 10.69 -9.12 30.66
N ILE C 214 9.52 -8.93 31.27
CA ILE C 214 8.60 -10.05 31.51
C ILE C 214 8.17 -10.66 30.17
N LYS C 215 7.85 -9.81 29.20
CA LYS C 215 7.45 -10.30 27.88
C LYS C 215 8.59 -11.07 27.22
N GLU C 216 9.82 -10.55 27.32
CA GLU C 216 10.95 -11.24 26.72
C GLU C 216 11.19 -12.60 27.36
N LYS C 217 11.01 -12.71 28.68
CA LYS C 217 11.38 -13.93 29.39
C LYS C 217 10.27 -14.97 29.44
N LEU C 218 8.99 -14.58 29.36
CA LEU C 218 7.90 -15.53 29.60
C LEU C 218 6.80 -15.46 28.54
N CYS C 219 7.14 -15.46 27.27
CA CYS C 219 6.14 -15.45 26.20
C CYS C 219 6.46 -16.52 25.17
N TYR C 220 5.41 -17.08 24.57
CA TYR C 220 5.54 -18.06 23.50
C TYR C 220 4.30 -18.00 22.63
N ILE C 221 4.41 -18.56 21.42
CA ILE C 221 3.35 -18.53 20.43
C ILE C 221 2.64 -19.88 20.40
N ALA C 222 1.33 -19.85 20.54
CA ALA C 222 0.54 -21.07 20.55
C ALA C 222 0.21 -21.51 19.13
N MET C 223 0.37 -22.81 18.86
CA MET C 223 0.04 -23.33 17.54
C MET C 223 -1.45 -23.19 17.25
N ASP C 224 -2.29 -23.53 18.21
CA ASP C 224 -3.74 -23.41 18.09
C ASP C 224 -4.21 -22.46 19.18
N TYR C 225 -4.58 -21.25 18.77
CA TYR C 225 -4.97 -20.22 19.72
C TYR C 225 -6.26 -20.60 20.46
N ASP C 226 -7.24 -21.14 19.72
CA ASP C 226 -8.52 -21.47 20.33
C ASP C 226 -8.38 -22.59 21.35
N GLU C 227 -7.59 -23.62 21.03
CA GLU C 227 -7.44 -24.75 21.94
C GLU C 227 -6.75 -24.31 23.24
N GLU C 228 -5.70 -23.51 23.14
CA GLU C 228 -5.02 -23.04 24.34
C GLU C 228 -5.89 -22.06 25.13
N LEU C 229 -6.70 -21.27 24.44
CA LEU C 229 -7.65 -20.40 25.14
C LEU C 229 -8.67 -21.21 25.91
N LYS C 230 -9.15 -22.32 25.33
CA LYS C 230 -10.07 -23.20 26.05
C LYS C 230 -9.38 -23.84 27.24
N ARG C 231 -8.13 -24.28 27.07
CA ARG C 231 -7.38 -24.90 28.16
CA ARG C 231 -7.40 -24.91 28.17
C ARG C 231 -6.99 -23.90 29.25
N SER C 232 -7.00 -22.60 28.94
CA SER C 232 -6.62 -21.60 29.93
C SER C 232 -7.62 -21.55 31.08
N GLU C 233 -8.89 -21.85 30.80
CA GLU C 233 -9.95 -21.79 31.81
C GLU C 233 -10.17 -23.14 32.49
N GLU C 234 -9.38 -24.14 32.13
CA GLU C 234 -9.52 -25.47 32.72
C GLU C 234 -8.22 -26.05 33.27
N HIS C 235 -7.06 -25.67 32.75
CA HIS C 235 -5.79 -26.18 33.22
C HIS C 235 -4.81 -25.05 33.47
N SER C 236 -5.28 -24.00 34.17
CA SER C 236 -4.46 -22.81 34.38
C SER C 236 -3.19 -23.12 35.16
N ASP C 237 -3.21 -24.19 35.97
CA ASP C 237 -2.03 -24.53 36.76
C ASP C 237 -0.83 -24.83 35.89
N GLU C 238 -1.06 -25.40 34.70
CA GLU C 238 0.03 -25.70 33.79
C GLU C 238 0.63 -24.44 33.20
N ILE C 239 -0.20 -23.42 32.98
CA ILE C 239 0.27 -22.22 32.29
C ILE C 239 0.82 -21.18 33.25
N GLU C 240 0.39 -21.21 34.51
CA GLU C 240 0.82 -20.20 35.48
C GLU C 240 2.33 -20.23 35.69
N GLU C 241 2.93 -19.05 35.82
CA GLU C 241 4.37 -18.91 36.03
C GLU C 241 4.60 -17.79 37.03
N ILE C 242 5.53 -18.01 37.95
CA ILE C 242 5.83 -17.01 38.97
C ILE C 242 7.01 -16.15 38.51
N TYR C 243 6.86 -14.83 38.66
CA TYR C 243 7.92 -13.89 38.33
C TYR C 243 8.15 -12.97 39.53
N GLU C 244 9.43 -12.65 39.78
CA GLU C 244 9.83 -11.86 40.92
C GLU C 244 10.08 -10.42 40.48
N LEU C 245 9.28 -9.50 41.00
CA LEU C 245 9.50 -8.08 40.72
C LEU C 245 10.75 -7.58 41.43
N PRO C 246 11.35 -6.48 40.95
CA PRO C 246 12.58 -5.98 41.59
C PRO C 246 12.40 -5.58 43.04
N ASP C 247 11.17 -5.21 43.43
CA ASP C 247 10.92 -4.83 44.81
C ASP C 247 10.64 -6.03 45.72
N GLY C 248 10.62 -7.24 45.18
CA GLY C 248 10.44 -8.45 45.96
C GLY C 248 9.07 -9.08 45.86
N ASN C 249 8.09 -8.41 45.27
CA ASN C 249 6.77 -8.98 45.12
C ASN C 249 6.74 -10.03 44.01
N LEU C 250 5.75 -10.91 44.08
CA LEU C 250 5.59 -11.99 43.12
C LEU C 250 4.35 -11.75 42.27
N ILE C 251 4.46 -12.05 40.98
CA ILE C 251 3.36 -11.87 40.03
C ILE C 251 3.16 -13.17 39.27
N THR C 252 1.90 -13.55 39.09
CA THR C 252 1.53 -14.80 38.41
C THR C 252 1.12 -14.46 36.98
N VAL C 253 1.92 -14.92 36.02
CA VAL C 253 1.62 -14.75 34.60
C VAL C 253 0.97 -16.04 34.12
N GLY C 254 -0.29 -15.95 33.70
CA GLY C 254 -1.02 -17.11 33.25
C GLY C 254 -1.37 -17.09 31.78
N SER C 255 -2.62 -16.73 31.47
CA SER C 255 -3.10 -16.73 30.10
C SER C 255 -2.44 -15.65 29.24
N GLU C 256 -1.70 -14.71 29.83
CA GLU C 256 -1.08 -13.63 29.09
C GLU C 256 0.21 -14.05 28.41
N ARG C 257 0.64 -15.30 28.57
CA ARG C 257 1.88 -15.76 27.94
C ARG C 257 1.75 -15.85 26.43
N PHE C 258 0.60 -16.29 25.91
CA PHE C 258 0.41 -16.44 24.47
C PHE C 258 -0.57 -15.43 23.88
N ARG C 259 -1.36 -14.74 24.71
CA ARG C 259 -2.29 -13.74 24.19
C ARG C 259 -1.59 -12.46 23.76
N CYS C 260 -0.38 -12.20 24.26
CA CYS C 260 0.35 -11.01 23.89
C CYS C 260 1.02 -11.14 22.51
N PRO C 261 1.75 -12.22 22.21
CA PRO C 261 2.35 -12.33 20.88
C PRO C 261 1.35 -12.66 19.78
N GLU C 262 0.11 -13.02 20.13
CA GLU C 262 -0.90 -13.35 19.13
C GLU C 262 -1.31 -12.16 18.28
N ALA C 263 -1.02 -10.93 18.72
CA ALA C 263 -1.36 -9.75 17.96
C ALA C 263 -0.62 -9.65 16.63
N LEU C 264 0.49 -10.37 16.47
CA LEU C 264 1.21 -10.36 15.20
C LEU C 264 0.38 -10.99 14.09
N PHE C 265 -0.30 -12.11 14.37
CA PHE C 265 -1.11 -12.79 13.39
C PHE C 265 -2.55 -12.30 13.34
N ASN C 266 -2.95 -11.42 14.26
CA ASN C 266 -4.30 -10.86 14.28
C ASN C 266 -4.23 -9.46 14.87
N PRO C 267 -3.89 -8.46 14.05
CA PRO C 267 -3.72 -7.09 14.57
C PRO C 267 -5.01 -6.45 15.03
N THR C 268 -6.17 -7.07 14.84
CA THR C 268 -7.42 -6.50 15.30
C THR C 268 -7.54 -6.50 16.82
N LEU C 269 -6.72 -7.29 17.51
CA LEU C 269 -6.75 -7.29 18.97
C LEU C 269 -6.29 -5.95 19.54
N ILE C 270 -5.27 -5.34 18.93
CA ILE C 270 -4.75 -4.05 19.38
C ILE C 270 -5.37 -2.89 18.63
N GLY C 271 -6.49 -3.11 17.95
CA GLY C 271 -7.18 -2.05 17.23
C GLY C 271 -6.42 -1.50 16.05
N ARG C 272 -5.83 -2.39 15.24
CA ARG C 272 -5.11 -2.00 14.04
C ARG C 272 -5.77 -2.67 12.83
N GLU C 273 -5.98 -1.87 11.78
CA GLU C 273 -6.61 -2.36 10.56
C GLU C 273 -5.63 -3.03 9.60
N CYS C 274 -4.33 -2.94 9.86
CA CYS C 274 -3.35 -3.56 8.99
C CYS C 274 -3.45 -5.08 9.08
N PRO C 275 -3.11 -5.78 7.99
CA PRO C 275 -3.17 -7.24 8.01
C PRO C 275 -2.04 -7.84 8.86
N GLY C 276 -2.15 -9.14 9.09
CA GLY C 276 -1.18 -9.84 9.90
C GLY C 276 0.16 -10.03 9.21
N LEU C 277 0.98 -10.95 9.73
CA LEU C 277 2.30 -11.21 9.17
C LEU C 277 2.24 -12.17 8.00
N HIS C 278 1.55 -13.29 8.15
CA HIS C 278 1.44 -14.25 7.05
C HIS C 278 0.68 -13.66 5.88
N ILE C 279 -0.36 -12.89 6.15
CA ILE C 279 -1.12 -12.24 5.07
C ILE C 279 -0.22 -11.25 4.33
N THR C 280 0.57 -10.47 5.07
CA THR C 280 1.47 -9.53 4.44
C THR C 280 2.51 -10.24 3.58
N ALA C 281 3.06 -11.34 4.09
CA ALA C 281 4.03 -12.10 3.31
C ALA C 281 3.41 -12.66 2.04
N TYR C 282 2.20 -13.20 2.14
CA TYR C 282 1.52 -13.75 0.97
C TYR C 282 1.23 -12.67 -0.05
N GLN C 283 0.79 -11.49 0.41
CA GLN C 283 0.53 -10.39 -0.51
C GLN C 283 1.81 -9.93 -1.20
N SER C 284 2.92 -9.89 -0.45
CA SER C 284 4.20 -9.51 -1.03
C SER C 284 4.68 -10.53 -2.05
N ILE C 285 4.44 -11.82 -1.83
CA ILE C 285 4.83 -12.84 -2.79
C ILE C 285 4.01 -12.75 -4.07
N MET C 286 2.70 -12.52 -3.95
CA MET C 286 1.81 -12.47 -5.10
C MET C 286 2.02 -11.24 -5.99
N LYS C 287 2.77 -10.23 -5.57
CA LYS C 287 3.03 -9.07 -6.42
C LYS C 287 4.20 -9.26 -7.37
N CYS C 288 4.90 -10.39 -7.29
CA CYS C 288 6.01 -10.69 -8.18
C CYS C 288 5.51 -11.47 -9.38
N ASP C 289 6.43 -11.82 -10.28
CA ASP C 289 6.09 -12.59 -11.46
C ASP C 289 5.76 -14.03 -11.10
N ILE C 290 5.07 -14.71 -12.01
CA ILE C 290 4.57 -16.06 -11.73
C ILE C 290 5.73 -17.03 -11.54
N ASP C 291 6.77 -16.92 -12.36
CA ASP C 291 7.89 -17.87 -12.29
C ASP C 291 8.81 -17.59 -11.11
N ILE C 292 8.66 -16.47 -10.42
CA ILE C 292 9.54 -16.10 -9.32
C ILE C 292 8.98 -16.64 -8.01
N ARG C 293 7.67 -16.86 -7.97
CA ARG C 293 7.01 -17.20 -6.71
C ARG C 293 7.49 -18.54 -6.15
N LYS C 294 7.84 -19.48 -7.03
CA LYS C 294 8.23 -20.80 -6.58
C LYS C 294 9.50 -20.76 -5.73
N GLU C 295 10.48 -19.96 -6.15
CA GLU C 295 11.71 -19.84 -5.38
C GLU C 295 11.50 -19.02 -4.11
N LEU C 296 10.61 -18.03 -4.15
CA LEU C 296 10.36 -17.21 -2.96
C LEU C 296 9.64 -18.02 -1.89
N TYR C 297 8.77 -18.95 -2.29
CA TYR C 297 8.06 -19.76 -1.31
C TYR C 297 8.99 -20.69 -0.55
N ASN C 298 10.20 -20.93 -1.05
CA ASN C 298 11.13 -21.89 -0.44
C ASN C 298 12.27 -21.23 0.31
N ASN C 299 12.31 -19.90 0.37
CA ASN C 299 13.42 -19.18 1.00
C ASN C 299 12.89 -18.04 1.88
N ILE C 300 11.92 -18.37 2.74
CA ILE C 300 11.37 -17.40 3.68
C ILE C 300 12.33 -17.24 4.84
N VAL C 301 13.01 -16.09 4.91
CA VAL C 301 14.00 -15.84 5.95
C VAL C 301 13.41 -14.91 7.00
N LEU C 302 13.55 -15.29 8.27
CA LEU C 302 13.08 -14.48 9.39
C LEU C 302 14.26 -13.75 10.01
N SER C 303 14.04 -12.50 10.40
CA SER C 303 15.07 -11.69 11.03
C SER C 303 14.43 -10.68 11.96
N GLY C 304 15.22 -10.20 12.93
CA GLY C 304 14.75 -9.22 13.88
C GLY C 304 14.58 -9.77 15.28
N GLY C 305 14.51 -8.87 16.26
CA GLY C 305 14.34 -9.32 17.64
C GLY C 305 12.94 -9.77 17.97
N THR C 306 11.94 -9.25 17.27
CA THR C 306 10.55 -9.62 17.53
C THR C 306 10.21 -11.04 17.07
N THR C 307 11.08 -11.67 16.31
CA THR C 307 10.87 -13.04 15.84
C THR C 307 11.60 -14.07 16.70
N MET C 308 11.94 -13.72 17.94
CA MET C 308 12.68 -14.60 18.85
C MET C 308 11.75 -15.34 19.81
N TYR C 309 10.49 -15.54 19.44
CA TYR C 309 9.56 -16.27 20.27
C TYR C 309 9.75 -17.77 20.05
N ASN C 310 8.93 -18.57 20.71
CA ASN C 310 8.97 -20.02 20.58
C ASN C 310 7.82 -20.51 19.70
N ASN C 311 8.11 -21.55 18.92
CA ASN C 311 7.14 -22.14 18.01
C ASN C 311 6.58 -21.11 17.03
N ILE C 312 7.43 -20.20 16.55
CA ILE C 312 7.00 -19.21 15.57
C ILE C 312 7.17 -19.73 14.15
N GLY C 313 8.26 -20.45 13.88
CA GLY C 313 8.45 -20.99 12.54
C GLY C 313 7.40 -22.00 12.16
N GLU C 314 7.03 -22.89 13.09
CA GLU C 314 5.99 -23.88 12.80
C GLU C 314 4.65 -23.21 12.56
N ARG C 315 4.31 -22.21 13.37
CA ARG C 315 3.05 -21.48 13.17
C ARG C 315 3.04 -20.77 11.82
N LEU C 316 4.14 -20.13 11.45
CA LEU C 316 4.21 -19.45 10.17
C LEU C 316 4.10 -20.45 9.01
N THR C 317 4.75 -21.60 9.13
CA THR C 317 4.65 -22.62 8.09
C THR C 317 3.22 -23.13 7.96
N LYS C 318 2.54 -23.36 9.08
CA LYS C 318 1.16 -23.83 9.03
C LYS C 318 0.25 -22.78 8.40
N GLU C 319 0.46 -21.50 8.74
CA GLU C 319 -0.36 -20.45 8.15
C GLU C 319 -0.11 -20.32 6.65
N MET C 320 1.15 -20.41 6.23
CA MET C 320 1.46 -20.28 4.81
C MET C 320 0.96 -21.48 4.02
N THR C 321 0.90 -22.65 4.65
CA THR C 321 0.43 -23.84 3.94
C THR C 321 -1.03 -23.69 3.52
N ASN C 322 -1.85 -23.12 4.39
CA ASN C 322 -3.28 -22.95 4.09
C ASN C 322 -3.54 -21.90 3.03
N LEU C 323 -2.55 -21.08 2.68
CA LEU C 323 -2.71 -20.05 1.65
C LEU C 323 -2.03 -20.41 0.35
N ALA C 324 -0.81 -20.94 0.41
CA ALA C 324 -0.09 -21.32 -0.79
C ALA C 324 -0.75 -22.54 -1.45
N PRO C 325 -0.57 -22.70 -2.76
CA PRO C 325 -1.12 -23.88 -3.44
C PRO C 325 -0.53 -25.17 -2.89
N SER C 326 -1.32 -26.24 -2.99
CA SER C 326 -0.97 -27.52 -2.40
C SER C 326 0.14 -28.25 -3.14
N SER C 327 0.78 -27.61 -4.12
CA SER C 327 1.89 -28.22 -4.85
C SER C 327 3.20 -27.51 -4.60
N MET C 328 3.25 -26.57 -3.66
CA MET C 328 4.45 -25.82 -3.34
C MET C 328 5.07 -26.33 -2.04
N LYS C 329 6.36 -26.05 -1.89
CA LYS C 329 7.12 -26.42 -0.69
CA LYS C 329 7.12 -26.43 -0.70
C LYS C 329 7.46 -25.15 0.08
N ILE C 330 6.98 -25.07 1.32
CA ILE C 330 7.24 -23.92 2.17
C ILE C 330 8.27 -24.29 3.21
N LYS C 331 9.33 -23.50 3.30
CA LYS C 331 10.40 -23.74 4.27
C LYS C 331 10.78 -22.42 4.91
N VAL C 332 10.46 -22.26 6.19
CA VAL C 332 10.78 -21.06 6.94
C VAL C 332 12.18 -21.21 7.52
N ILE C 333 13.00 -20.19 7.32
CA ILE C 333 14.41 -20.21 7.75
C ILE C 333 14.51 -19.29 8.96
N ALA C 334 14.68 -19.90 10.14
CA ALA C 334 14.84 -19.18 11.39
C ALA C 334 16.12 -19.66 12.06
N PRO C 335 17.29 -19.21 11.60
CA PRO C 335 18.54 -19.68 12.19
C PRO C 335 18.75 -19.10 13.58
N PRO C 336 19.59 -19.71 14.41
CA PRO C 336 19.91 -19.10 15.70
C PRO C 336 20.65 -17.78 15.50
N GLU C 337 20.80 -17.05 16.61
CA GLU C 337 21.47 -15.75 16.67
C GLU C 337 20.99 -14.78 15.60
N ARG C 338 19.77 -14.95 15.12
CA ARG C 338 19.19 -14.09 14.09
C ARG C 338 18.87 -12.69 14.59
N LYS C 339 18.95 -12.43 15.89
CA LYS C 339 18.71 -11.09 16.42
C LYS C 339 19.81 -10.11 16.01
N TYR C 340 21.00 -10.60 15.66
CA TYR C 340 22.10 -9.77 15.21
C TYR C 340 22.44 -10.01 13.75
N SER C 341 21.46 -10.47 12.95
CA SER C 341 21.75 -10.82 11.56
C SER C 341 22.15 -9.60 10.75
N VAL C 342 21.52 -8.45 11.02
CA VAL C 342 21.82 -7.24 10.25
C VAL C 342 23.28 -6.84 10.44
N TRP C 343 23.76 -6.87 11.68
CA TRP C 343 25.14 -6.49 11.94
C TRP C 343 26.12 -7.45 11.28
N ILE C 344 25.82 -8.75 11.33
CA ILE C 344 26.70 -9.75 10.70
C ILE C 344 26.73 -9.52 9.19
N GLY C 345 25.58 -9.27 8.59
CA GLY C 345 25.55 -8.99 7.16
C GLY C 345 26.32 -7.74 6.79
N GLY C 346 26.19 -6.68 7.59
CA GLY C 346 26.97 -5.49 7.36
C GLY C 346 28.46 -5.72 7.48
N SER C 347 28.88 -6.50 8.48
CA SER C 347 30.29 -6.82 8.63
C SER C 347 30.81 -7.62 7.44
N ILE C 348 30.01 -8.58 6.96
CA ILE C 348 30.40 -9.37 5.79
C ILE C 348 30.53 -8.47 4.57
N LEU C 349 29.56 -7.58 4.36
CA LEU C 349 29.58 -6.70 3.20
C LEU C 349 30.78 -5.75 3.25
N SER C 350 31.09 -5.20 4.42
CA SER C 350 32.16 -4.23 4.55
C SER C 350 33.55 -4.85 4.37
N SER C 351 33.65 -6.18 4.42
CA SER C 351 34.93 -6.86 4.31
C SER C 351 35.20 -7.39 2.91
N LEU C 352 34.45 -6.94 1.91
CA LEU C 352 34.61 -7.40 0.53
C LEU C 352 35.42 -6.37 -0.26
N SER C 353 36.31 -6.87 -1.11
CA SER C 353 37.15 -5.99 -1.91
C SER C 353 36.34 -5.22 -2.95
N THR C 354 35.28 -5.83 -3.49
CA THR C 354 34.46 -5.15 -4.48
C THR C 354 33.70 -3.97 -3.88
N PHE C 355 33.46 -3.99 -2.57
CA PHE C 355 32.74 -2.92 -1.90
C PHE C 355 33.63 -1.73 -1.57
N GLN C 356 34.95 -1.86 -1.72
CA GLN C 356 35.88 -0.81 -1.34
C GLN C 356 35.80 0.42 -2.23
N GLN C 357 34.95 0.40 -3.26
CA GLN C 357 34.79 1.54 -4.15
C GLN C 357 33.50 2.32 -3.90
N MET C 358 32.44 1.66 -3.42
CA MET C 358 31.15 2.31 -3.17
C MET C 358 31.16 3.00 -1.81
N TRP C 359 31.89 4.11 -1.76
CA TRP C 359 31.97 4.93 -0.56
C TRP C 359 31.75 6.39 -0.94
N ILE C 360 31.27 7.17 0.02
CA ILE C 360 31.09 8.60 -0.16
C ILE C 360 32.25 9.33 0.50
N THR C 361 33.22 9.75 -0.30
CA THR C 361 34.38 10.44 0.24
C THR C 361 34.04 11.87 0.63
N LYS C 362 34.97 12.50 1.36
CA LYS C 362 34.76 13.87 1.80
C LYS C 362 34.66 14.83 0.61
N GLU C 363 35.51 14.64 -0.40
CA GLU C 363 35.52 15.54 -1.54
C GLU C 363 34.20 15.50 -2.30
N GLU C 364 33.65 14.29 -2.50
CA GLU C 364 32.39 14.16 -3.22
C GLU C 364 31.26 14.84 -2.48
N TYR C 365 31.19 14.66 -1.15
CA TYR C 365 30.16 15.32 -0.37
C TYR C 365 30.32 16.83 -0.39
N GLU C 366 31.57 17.31 -0.30
CA GLU C 366 31.80 18.75 -0.31
C GLU C 366 31.46 19.39 -1.65
N ASP C 367 31.69 18.68 -2.75
CA ASP C 367 31.44 19.24 -4.09
C ASP C 367 29.96 19.12 -4.46
N SER C 368 29.45 17.88 -4.50
CA SER C 368 28.08 17.65 -4.92
C SER C 368 27.05 18.16 -3.90
N GLY C 369 27.30 17.95 -2.61
CA GLY C 369 26.38 18.36 -1.59
C GLY C 369 25.74 17.18 -0.89
N PRO C 370 24.82 17.45 0.04
CA PRO C 370 24.17 16.37 0.80
C PRO C 370 23.29 15.46 -0.05
N SER C 371 22.89 15.88 -1.24
CA SER C 371 22.00 15.09 -2.08
C SER C 371 22.67 13.89 -2.71
N ILE C 372 24.01 13.80 -2.65
CA ILE C 372 24.73 12.70 -3.27
C ILE C 372 24.31 11.36 -2.69
N VAL C 373 23.86 11.34 -1.43
CA VAL C 373 23.39 10.10 -0.81
C VAL C 373 22.19 9.50 -1.53
N HIS C 374 21.51 10.28 -2.39
CA HIS C 374 20.38 9.79 -3.16
C HIS C 374 20.81 9.19 -4.50
N ARG C 375 22.11 9.18 -4.80
CA ARG C 375 22.60 8.64 -6.06
CA ARG C 375 22.61 8.65 -6.05
C ARG C 375 23.61 7.51 -5.89
N LYS C 376 24.29 7.40 -4.75
CA LYS C 376 25.27 6.35 -4.54
C LYS C 376 24.89 5.36 -3.46
N CYS C 377 23.88 5.65 -2.65
CA CYS C 377 23.43 4.77 -1.57
C CYS C 377 22.00 4.34 -1.86
N PHE C 378 21.75 3.04 -1.77
CA PHE C 378 20.41 2.50 -1.97
C PHE C 378 20.13 1.39 -0.96
N ALA D 7 -42.67 2.56 -22.30
CA ALA D 7 -42.19 2.90 -20.97
C ALA D 7 -40.77 3.45 -21.02
N VAL D 8 -40.48 4.41 -20.15
CA VAL D 8 -39.14 4.99 -20.09
C VAL D 8 -38.17 3.95 -19.54
N ALA D 9 -37.03 3.82 -20.21
CA ALA D 9 -36.02 2.85 -19.82
C ALA D 9 -35.09 3.42 -18.76
N LEU D 10 -34.44 2.51 -18.03
CA LEU D 10 -33.47 2.87 -16.99
C LEU D 10 -32.07 2.65 -17.53
N VAL D 11 -31.23 3.68 -17.45
CA VAL D 11 -29.84 3.59 -17.86
C VAL D 11 -29.00 3.51 -16.59
N VAL D 12 -28.37 2.36 -16.38
CA VAL D 12 -27.57 2.11 -15.19
C VAL D 12 -26.16 1.70 -15.61
N ASP D 13 -25.22 2.64 -15.57
CA ASP D 13 -23.82 2.36 -15.85
C ASP D 13 -23.12 2.05 -14.54
N ASN D 14 -22.82 0.77 -14.33
CA ASN D 14 -22.13 0.34 -13.12
C ASN D 14 -20.67 0.05 -13.44
N GLY D 15 -19.77 0.67 -12.69
CA GLY D 15 -18.35 0.48 -12.90
C GLY D 15 -17.62 0.12 -11.62
N SER D 16 -16.30 0.27 -11.63
CA SER D 16 -15.51 -0.06 -10.44
C SER D 16 -15.69 1.00 -9.36
N GLY D 17 -15.35 2.24 -9.66
CA GLY D 17 -15.41 3.31 -8.68
C GLY D 17 -16.80 3.86 -8.45
N MET D 18 -17.40 4.45 -9.47
CA MET D 18 -18.69 5.11 -9.35
C MET D 18 -19.77 4.36 -10.11
N VAL D 19 -21.02 4.61 -9.75
CA VAL D 19 -22.19 4.05 -10.42
C VAL D 19 -23.10 5.21 -10.79
N LYS D 20 -23.48 5.27 -12.06
CA LYS D 20 -24.40 6.30 -12.56
C LYS D 20 -25.73 5.64 -12.92
N SER D 21 -26.83 6.32 -12.61
CA SER D 21 -28.14 5.79 -12.91
C SER D 21 -29.08 6.94 -13.26
N GLY D 22 -29.98 6.69 -14.20
CA GLY D 22 -30.92 7.70 -14.60
C GLY D 22 -31.98 7.14 -15.53
N LEU D 23 -32.83 8.05 -16.00
CA LEU D 23 -33.91 7.72 -16.92
C LEU D 23 -33.49 8.04 -18.34
N ALA D 24 -33.82 7.15 -19.27
CA ALA D 24 -33.48 7.38 -20.67
C ALA D 24 -34.32 8.52 -21.24
N GLY D 25 -33.66 9.60 -21.64
CA GLY D 25 -34.35 10.75 -22.17
C GLY D 25 -33.78 12.06 -21.68
N ASP D 26 -33.00 12.01 -20.60
CA ASP D 26 -32.38 13.19 -20.03
C ASP D 26 -30.98 13.38 -20.60
N ASP D 27 -30.39 14.54 -20.32
CA ASP D 27 -29.06 14.88 -20.82
C ASP D 27 -27.99 14.78 -19.74
N ALA D 28 -28.33 14.25 -18.57
CA ALA D 28 -27.37 14.11 -17.48
C ALA D 28 -27.82 13.02 -16.52
N PRO D 29 -26.89 12.26 -15.93
CA PRO D 29 -27.30 11.22 -14.98
C PRO D 29 -27.95 11.83 -13.75
N LYS D 30 -28.89 11.08 -13.18
CA LYS D 30 -29.64 11.54 -12.02
C LYS D 30 -28.99 11.18 -10.69
N CYS D 31 -28.45 9.97 -10.56
CA CYS D 31 -27.85 9.52 -9.31
C CYS D 31 -26.45 8.98 -9.60
N VAL D 32 -25.44 9.65 -9.08
CA VAL D 32 -24.05 9.26 -9.25
C VAL D 32 -23.48 9.02 -7.86
N PHE D 33 -23.17 7.76 -7.54
CA PHE D 33 -22.65 7.51 -6.21
C PHE D 33 -21.57 6.43 -6.22
N PRO D 34 -20.64 6.46 -5.28
CA PRO D 34 -19.60 5.43 -5.23
C PRO D 34 -20.18 4.05 -4.93
N SER D 35 -19.55 3.03 -5.50
CA SER D 35 -19.97 1.64 -5.36
C SER D 35 -19.10 1.00 -4.29
N ILE D 36 -19.44 1.26 -3.02
CA ILE D 36 -18.74 0.69 -1.88
C ILE D 36 -19.77 0.09 -0.93
N VAL D 37 -19.33 -0.91 -0.16
CA VAL D 37 -20.16 -1.52 0.87
C VAL D 37 -19.41 -1.40 2.19
N GLY D 38 -20.06 -0.81 3.19
CA GLY D 38 -19.45 -0.58 4.49
C GLY D 38 -20.02 -1.49 5.55
N ARG D 39 -19.14 -2.02 6.40
CA ARG D 39 -19.57 -2.88 7.50
C ARG D 39 -18.95 -2.40 8.81
N PRO D 40 -19.73 -2.36 9.88
CA PRO D 40 -19.19 -1.89 11.16
C PRO D 40 -18.15 -2.85 11.73
N LYS D 41 -17.18 -2.27 12.45
CA LYS D 41 -16.13 -3.05 13.09
C LYS D 41 -15.98 -2.77 14.58
N MET D 42 -16.81 -1.88 15.15
CA MET D 42 -16.74 -1.55 16.56
C MET D 42 -18.00 -2.01 17.29
N PRO D 43 -17.89 -2.34 18.57
CA PRO D 43 -19.09 -2.75 19.33
C PRO D 43 -20.08 -1.59 19.46
N ASN D 44 -21.36 -1.94 19.50
CA ASN D 44 -22.43 -0.97 19.71
C ASN D 44 -22.92 -1.08 21.14
N ILE D 45 -22.91 0.04 21.86
CA ILE D 45 -23.22 0.06 23.28
C ILE D 45 -24.37 1.00 23.61
N MET D 46 -24.83 1.79 22.65
CA MET D 46 -25.87 2.78 22.88
C MET D 46 -27.21 2.18 22.49
N ILE D 47 -27.94 1.66 23.48
CA ILE D 47 -29.25 1.08 23.25
C ILE D 47 -30.27 2.19 23.09
N GLY D 48 -31.11 2.07 22.06
CA GLY D 48 -32.15 3.05 21.77
C GLY D 48 -32.14 3.56 20.35
N MET D 49 -31.02 3.45 19.63
CA MET D 49 -30.92 3.90 18.26
C MET D 49 -31.07 2.72 17.31
N GLU D 50 -31.59 3.01 16.12
CA GLU D 50 -31.80 1.99 15.09
C GLU D 50 -30.59 1.96 14.17
N GLN D 51 -29.80 0.89 14.28
CA GLN D 51 -28.60 0.71 13.47
C GLN D 51 -28.90 -0.18 12.27
N LYS D 52 -27.96 -0.20 11.33
CA LYS D 52 -28.06 -1.01 10.14
C LYS D 52 -26.83 -1.91 10.00
N GLU D 53 -27.04 -3.08 9.42
CA GLU D 53 -25.98 -4.07 9.29
C GLU D 53 -25.01 -3.77 8.17
N CYS D 54 -25.37 -2.88 7.24
CA CYS D 54 -24.50 -2.56 6.12
C CYS D 54 -24.91 -1.21 5.53
N TYR D 55 -23.92 -0.39 5.21
CA TYR D 55 -24.15 0.90 4.57
C TYR D 55 -23.64 0.86 3.14
N VAL D 56 -24.48 1.34 2.22
CA VAL D 56 -24.17 1.32 0.79
C VAL D 56 -24.34 2.72 0.23
N GLY D 57 -23.33 3.20 -0.47
CA GLY D 57 -23.43 4.48 -1.19
C GLY D 57 -22.84 5.63 -0.38
N ASP D 58 -23.53 6.76 -0.36
CA ASP D 58 -23.03 7.95 0.32
C ASP D 58 -22.98 7.76 1.83
N GLU D 59 -23.93 6.99 2.36
CA GLU D 59 -23.97 6.75 3.81
C GLU D 59 -22.72 6.01 4.27
N ALA D 60 -22.24 5.05 3.47
CA ALA D 60 -21.01 4.36 3.82
C ALA D 60 -19.81 5.28 3.77
N GLN D 61 -19.78 6.20 2.80
CA GLN D 61 -18.65 7.13 2.68
C GLN D 61 -18.65 8.19 3.78
N ASN D 62 -19.82 8.61 4.26
CA ASN D 62 -19.86 9.63 5.31
C ASN D 62 -19.39 9.08 6.64
N LYS D 63 -19.78 7.84 6.97
CA LYS D 63 -19.42 7.21 8.23
C LYS D 63 -18.25 6.23 8.08
N ARG D 64 -17.31 6.53 7.18
CA ARG D 64 -16.23 5.60 6.90
C ARG D 64 -15.25 5.47 8.06
N GLY D 65 -15.35 6.34 9.07
CA GLY D 65 -14.44 6.26 10.20
C GLY D 65 -14.58 4.99 11.00
N ILE D 66 -15.81 4.47 11.11
CA ILE D 66 -16.07 3.30 11.93
C ILE D 66 -16.58 2.16 11.04
N LEU D 67 -16.24 2.19 9.76
CA LEU D 67 -16.69 1.18 8.82
C LEU D 67 -15.51 0.67 8.00
N THR D 68 -15.56 -0.61 7.67
CA THR D 68 -14.64 -1.21 6.70
C THR D 68 -15.33 -1.22 5.35
N LEU D 69 -14.64 -0.71 4.33
CA LEU D 69 -15.22 -0.51 3.01
C LEU D 69 -14.68 -1.55 2.04
N LYS D 70 -15.58 -2.15 1.27
CA LYS D 70 -15.24 -3.16 0.27
C LYS D 70 -15.81 -2.75 -1.08
N TYR D 71 -15.04 -3.02 -2.13
CA TYR D 71 -15.47 -2.79 -3.51
C TYR D 71 -15.91 -4.11 -4.11
N PRO D 72 -17.18 -4.27 -4.49
CA PRO D 72 -17.65 -5.53 -5.09
C PRO D 72 -17.22 -5.73 -6.53
N ILE D 73 -16.57 -4.76 -7.17
CA ILE D 73 -16.14 -4.87 -8.55
C ILE D 73 -14.65 -4.56 -8.63
N GLU D 74 -13.89 -5.48 -9.20
CA GLU D 74 -12.45 -5.28 -9.36
C GLU D 74 -12.00 -5.62 -10.77
N GLY D 76 -13.23 -4.55 -13.49
CA GLY D 76 -14.42 -4.75 -14.30
C GLY D 76 -15.09 -6.10 -14.13
N ILE D 77 -14.60 -6.88 -13.16
CA ILE D 77 -15.12 -8.20 -12.88
C ILE D 77 -15.70 -8.21 -11.48
N VAL D 78 -16.92 -8.72 -11.35
CA VAL D 78 -17.60 -8.78 -10.06
C VAL D 78 -17.03 -9.93 -9.24
N THR D 79 -16.56 -9.62 -8.03
CA THR D 79 -15.98 -10.64 -7.16
C THR D 79 -17.02 -11.25 -6.24
N ASN D 80 -17.75 -10.42 -5.50
CA ASN D 80 -18.82 -10.87 -4.61
C ASN D 80 -20.14 -10.38 -5.17
N TRP D 81 -21.08 -11.30 -5.39
CA TRP D 81 -22.37 -10.95 -5.98
C TRP D 81 -23.39 -10.46 -4.96
N ASP D 82 -23.22 -10.79 -3.69
CA ASP D 82 -24.14 -10.30 -2.67
C ASP D 82 -24.05 -8.79 -2.54
N ASP D 83 -22.83 -8.24 -2.51
CA ASP D 83 -22.65 -6.80 -2.42
C ASP D 83 -23.18 -6.10 -3.67
N MET D 84 -22.96 -6.69 -4.84
CA MET D 84 -23.48 -6.10 -6.07
C MET D 84 -24.99 -6.10 -6.09
N GLU D 85 -25.61 -7.19 -5.60
CA GLU D 85 -27.06 -7.24 -5.51
C GLU D 85 -27.58 -6.19 -4.54
N LYS D 86 -26.90 -6.00 -3.42
CA LYS D 86 -27.30 -4.95 -2.48
C LYS D 86 -27.18 -3.57 -3.11
N ILE D 87 -26.12 -3.33 -3.88
CA ILE D 87 -25.95 -2.04 -4.54
C ILE D 87 -27.06 -1.82 -5.57
N TRP D 88 -27.41 -2.85 -6.34
CA TRP D 88 -28.50 -2.72 -7.30
C TRP D 88 -29.82 -2.45 -6.61
N HIS D 89 -30.07 -3.13 -5.48
CA HIS D 89 -31.30 -2.89 -4.72
C HIS D 89 -31.34 -1.46 -4.20
N HIS D 90 -30.22 -0.96 -3.69
CA HIS D 90 -30.16 0.42 -3.22
C HIS D 90 -30.41 1.40 -4.36
N THR D 91 -29.83 1.14 -5.52
CA THR D 91 -30.03 2.02 -6.67
C THR D 91 -31.50 2.03 -7.11
N PHE D 92 -32.13 0.86 -7.15
CA PHE D 92 -33.50 0.79 -7.67
C PHE D 92 -34.51 1.34 -6.67
N TYR D 93 -34.36 1.02 -5.39
CA TYR D 93 -35.40 1.31 -4.41
C TYR D 93 -35.16 2.56 -3.59
N ASN D 94 -33.93 3.07 -3.55
CA ASN D 94 -33.63 4.25 -2.75
C ASN D 94 -33.25 5.48 -3.59
N GLU D 95 -32.35 5.31 -4.56
CA GLU D 95 -31.90 6.45 -5.35
C GLU D 95 -32.95 6.86 -6.37
N LEU D 96 -33.28 5.97 -7.29
CA LEU D 96 -34.21 6.29 -8.37
C LEU D 96 -35.66 6.28 -7.87
N ARG D 97 -35.93 5.49 -6.84
CA ARG D 97 -37.28 5.35 -6.28
CA ARG D 97 -37.29 5.37 -6.29
C ARG D 97 -38.28 4.96 -7.35
N VAL D 98 -37.88 4.06 -8.25
CA VAL D 98 -38.76 3.56 -9.30
C VAL D 98 -38.83 2.04 -9.18
N SER D 99 -40.00 1.49 -9.51
CA SER D 99 -40.21 0.06 -9.42
C SER D 99 -39.45 -0.65 -10.55
N PRO D 100 -38.55 -1.58 -10.25
CA PRO D 100 -37.80 -2.25 -11.31
C PRO D 100 -38.57 -3.37 -11.97
N GLU D 101 -39.83 -3.11 -12.32
CA GLU D 101 -40.66 -4.12 -12.98
C GLU D 101 -41.46 -3.55 -14.14
N GLU D 102 -41.39 -2.24 -14.39
CA GLU D 102 -42.08 -1.62 -15.51
C GLU D 102 -41.14 -0.81 -16.40
N HIS D 103 -39.83 -1.03 -16.29
CA HIS D 103 -38.86 -0.27 -17.07
C HIS D 103 -37.76 -1.21 -17.56
N PRO D 104 -37.47 -1.23 -18.86
CA PRO D 104 -36.37 -2.05 -19.36
C PRO D 104 -35.03 -1.51 -18.86
N VAL D 105 -34.05 -2.41 -18.74
CA VAL D 105 -32.75 -2.08 -18.19
C VAL D 105 -31.70 -2.12 -19.29
N LEU D 106 -30.81 -1.12 -19.28
CA LEU D 106 -29.71 -1.03 -20.24
C LEU D 106 -28.41 -0.99 -19.44
N LEU D 107 -27.66 -2.10 -19.48
CA LEU D 107 -26.42 -2.23 -18.74
C LEU D 107 -25.22 -2.13 -19.67
N THR D 108 -24.09 -1.79 -19.08
CA THR D 108 -22.84 -1.61 -19.81
C THR D 108 -21.79 -2.61 -19.32
N GLU D 109 -20.92 -3.00 -20.24
CA GLU D 109 -19.85 -3.93 -19.90
C GLU D 109 -18.61 -3.57 -20.71
N ALA D 110 -17.44 -3.93 -20.16
CA ALA D 110 -16.14 -3.73 -20.79
C ALA D 110 -15.86 -4.85 -21.79
N PRO D 111 -15.09 -4.57 -22.84
CA PRO D 111 -14.75 -5.61 -23.81
C PRO D 111 -13.81 -6.65 -23.21
N LEU D 112 -13.87 -7.85 -23.80
CA LEU D 112 -13.03 -8.97 -23.40
C LEU D 112 -13.26 -9.35 -21.93
N ASN D 113 -14.51 -9.69 -21.63
CA ASN D 113 -14.91 -10.12 -20.29
C ASN D 113 -15.35 -11.57 -20.30
N PRO D 114 -15.22 -12.28 -19.18
CA PRO D 114 -15.68 -13.67 -19.12
C PRO D 114 -17.18 -13.78 -19.35
N LYS D 115 -17.58 -14.90 -19.95
CA LYS D 115 -19.00 -15.12 -20.26
C LYS D 115 -19.82 -15.28 -18.98
N THR D 116 -19.23 -15.90 -17.95
CA THR D 116 -19.94 -16.13 -16.71
C THR D 116 -20.42 -14.84 -16.07
N ASN D 117 -19.68 -13.74 -16.22
CA ASN D 117 -20.12 -12.46 -15.67
C ASN D 117 -21.44 -12.04 -16.29
N ARG D 118 -21.53 -12.06 -17.63
CA ARG D 118 -22.77 -11.69 -18.30
C ARG D 118 -23.89 -12.65 -17.95
N GLU D 119 -23.59 -13.95 -17.90
CA GLU D 119 -24.62 -14.94 -17.59
C GLU D 119 -25.21 -14.71 -16.21
N LYS D 120 -24.35 -14.50 -15.21
CA LYS D 120 -24.83 -14.26 -13.85
C LYS D 120 -25.57 -12.93 -13.75
N MET D 121 -25.09 -11.90 -14.44
CA MET D 121 -25.78 -10.61 -14.43
C MET D 121 -27.20 -10.75 -14.99
N THR D 122 -27.34 -11.43 -16.12
CA THR D 122 -28.65 -11.63 -16.72
C THR D 122 -29.54 -12.48 -15.82
N GLN D 123 -28.98 -13.52 -15.21
CA GLN D 123 -29.77 -14.37 -14.32
C GLN D 123 -30.28 -13.59 -13.12
N ILE D 124 -29.42 -12.76 -12.52
CA ILE D 124 -29.84 -11.96 -11.38
C ILE D 124 -30.91 -10.95 -11.79
N MET D 125 -30.72 -10.31 -12.95
CA MET D 125 -31.69 -9.32 -13.40
C MET D 125 -33.05 -9.95 -13.67
N PHE D 126 -33.07 -11.17 -14.22
CA PHE D 126 -34.35 -11.77 -14.59
C PHE D 126 -35.01 -12.52 -13.44
N GLU D 127 -34.24 -13.04 -12.48
CA GLU D 127 -34.80 -13.89 -11.45
C GLU D 127 -34.96 -13.22 -10.09
N THR D 128 -34.31 -12.07 -9.87
CA THR D 128 -34.41 -11.37 -8.59
C THR D 128 -35.29 -10.13 -8.69
N PHE D 129 -35.00 -9.22 -9.63
CA PHE D 129 -35.80 -8.01 -9.80
C PHE D 129 -36.97 -8.21 -10.76
N ASP D 130 -36.97 -9.30 -11.53
CA ASP D 130 -38.05 -9.62 -12.46
C ASP D 130 -38.31 -8.47 -13.43
N VAL D 131 -37.24 -8.03 -14.08
CA VAL D 131 -37.33 -6.95 -15.07
C VAL D 131 -38.03 -7.48 -16.31
N PRO D 132 -38.79 -6.64 -17.03
CA PRO D 132 -39.45 -7.12 -18.26
C PRO D 132 -38.46 -7.46 -19.36
N ALA D 133 -37.52 -6.56 -19.62
CA ALA D 133 -36.51 -6.78 -20.66
C ALA D 133 -35.21 -6.10 -20.23
N MET D 134 -34.11 -6.54 -20.83
CA MET D 134 -32.81 -5.99 -20.53
C MET D 134 -31.91 -6.11 -21.75
N TYR D 135 -30.87 -5.29 -21.78
CA TYR D 135 -29.91 -5.32 -22.87
C TYR D 135 -28.55 -4.86 -22.34
N VAL D 136 -27.50 -5.55 -22.75
CA VAL D 136 -26.13 -5.27 -22.32
C VAL D 136 -25.33 -4.80 -23.52
N SER D 137 -24.59 -3.71 -23.36
CA SER D 137 -23.85 -3.13 -24.47
C SER D 137 -22.44 -2.77 -24.03
N ILE D 138 -21.54 -2.68 -25.01
CA ILE D 138 -20.16 -2.28 -24.74
C ILE D 138 -20.11 -0.78 -24.49
N GLN D 139 -19.17 -0.38 -23.62
CA GLN D 139 -19.08 1.03 -23.24
C GLN D 139 -18.53 1.90 -24.37
N ALA D 140 -17.63 1.36 -25.19
CA ALA D 140 -17.05 2.14 -26.28
C ALA D 140 -18.10 2.53 -27.31
N ILE D 141 -19.04 1.63 -27.60
CA ILE D 141 -20.10 1.94 -28.55
C ILE D 141 -20.93 3.11 -28.06
N LEU D 142 -21.30 3.09 -26.78
CA LEU D 142 -22.07 4.20 -26.21
C LEU D 142 -21.26 5.49 -26.19
N SER D 143 -19.96 5.39 -25.89
CA SER D 143 -19.10 6.57 -25.93
C SER D 143 -19.03 7.19 -27.31
N LEU D 144 -18.94 6.37 -28.35
CA LEU D 144 -18.97 6.88 -29.72
C LEU D 144 -20.35 7.42 -30.11
N TYR D 145 -21.41 6.81 -29.60
CA TYR D 145 -22.75 7.34 -29.83
C TYR D 145 -22.91 8.73 -29.25
N ALA D 146 -22.37 8.94 -28.04
CA ALA D 146 -22.56 10.22 -27.36
C ALA D 146 -21.92 11.37 -28.13
N SER D 147 -20.86 11.11 -28.88
CA SER D 147 -20.17 12.15 -29.64
C SER D 147 -20.83 12.46 -30.97
N GLY D 148 -21.86 11.69 -31.36
CA GLY D 148 -22.52 11.93 -32.63
C GLY D 148 -21.66 11.64 -33.85
N ARG D 149 -20.78 10.64 -33.77
CA ARG D 149 -19.91 10.27 -34.87
C ARG D 149 -20.13 8.82 -35.24
N THR D 150 -19.52 8.41 -36.35
CA THR D 150 -19.58 7.04 -36.82
C THR D 150 -18.22 6.38 -37.02
N THR D 151 -17.15 7.16 -37.10
CA THR D 151 -15.80 6.63 -37.30
C THR D 151 -14.86 7.27 -36.29
N GLY D 152 -14.07 6.45 -35.63
CA GLY D 152 -13.11 6.94 -34.67
C GLY D 152 -12.58 5.83 -33.78
N ILE D 153 -11.53 6.17 -33.04
CA ILE D 153 -10.92 5.26 -32.08
C ILE D 153 -11.19 5.80 -30.69
N VAL D 154 -11.79 4.97 -29.84
CA VAL D 154 -12.18 5.37 -28.50
C VAL D 154 -11.16 4.83 -27.51
N LEU D 155 -10.54 5.73 -26.76
CA LEU D 155 -9.62 5.40 -25.68
C LEU D 155 -10.36 5.67 -24.38
N ASP D 156 -10.88 4.61 -23.76
CA ASP D 156 -11.64 4.75 -22.53
C ASP D 156 -10.77 4.33 -21.34
N SER D 157 -10.81 5.14 -20.29
CA SER D 157 -10.02 4.87 -19.08
C SER D 157 -10.89 5.18 -17.87
N GLY D 158 -11.31 4.13 -17.17
CA GLY D 158 -12.16 4.30 -16.02
C GLY D 158 -11.42 4.19 -14.69
N ASP D 159 -11.94 3.35 -13.79
CA ASP D 159 -11.35 3.20 -12.47
C ASP D 159 -10.47 1.95 -12.36
N GLY D 160 -10.79 0.88 -13.08
CA GLY D 160 -9.99 -0.32 -13.01
C GLY D 160 -9.46 -0.82 -14.34
N VAL D 161 -10.12 -0.47 -15.44
CA VAL D 161 -9.80 -1.01 -16.75
C VAL D 161 -9.69 0.13 -17.75
N SER D 162 -8.65 0.09 -18.58
CA SER D 162 -8.49 1.04 -19.68
C SER D 162 -8.40 0.26 -20.98
N HIS D 163 -9.26 0.62 -21.94
CA HIS D 163 -9.35 -0.13 -23.19
C HIS D 163 -9.36 0.83 -24.38
N THR D 164 -9.11 0.24 -25.55
CA THR D 164 -9.03 0.96 -26.81
C THR D 164 -9.83 0.19 -27.86
N VAL D 165 -10.77 0.87 -28.51
CA VAL D 165 -11.65 0.23 -29.49
C VAL D 165 -11.77 1.11 -30.74
N PRO D 166 -11.36 0.63 -31.91
CA PRO D 166 -11.59 1.38 -33.13
C PRO D 166 -12.87 0.96 -33.84
N ILE D 167 -13.52 1.93 -34.47
CA ILE D 167 -14.73 1.70 -35.24
C ILE D 167 -14.65 2.52 -36.53
N TYR D 168 -14.98 1.89 -37.65
CA TYR D 168 -14.93 2.55 -38.96
C TYR D 168 -16.27 2.42 -39.65
N GLU D 169 -16.97 3.55 -39.82
CA GLU D 169 -18.23 3.60 -40.56
C GLU D 169 -19.26 2.61 -40.02
N GLY D 170 -19.33 2.50 -38.70
CA GLY D 170 -20.29 1.60 -38.08
C GLY D 170 -19.87 0.15 -37.97
N TYR D 171 -18.66 -0.18 -38.41
CA TYR D 171 -18.15 -1.55 -38.34
C TYR D 171 -16.97 -1.59 -37.38
N VAL D 172 -17.06 -2.45 -36.37
CA VAL D 172 -16.00 -2.58 -35.38
C VAL D 172 -15.01 -3.63 -35.84
N LEU D 173 -13.74 -3.44 -35.49
CA LEU D 173 -12.70 -4.41 -35.80
C LEU D 173 -12.29 -5.13 -34.53
N PRO D 174 -12.86 -6.30 -34.25
CA PRO D 174 -12.55 -6.98 -32.98
C PRO D 174 -11.11 -7.40 -32.83
N HIS D 175 -10.37 -7.56 -33.93
CA HIS D 175 -9.00 -8.02 -33.85
C HIS D 175 -8.04 -6.89 -33.47
N ALA D 176 -8.56 -5.67 -33.36
CA ALA D 176 -7.75 -4.51 -33.04
C ALA D 176 -8.25 -3.82 -31.77
N ILE D 177 -8.79 -4.61 -30.84
CA ILE D 177 -9.30 -4.10 -29.57
C ILE D 177 -8.29 -4.43 -28.48
N ASN D 178 -7.91 -3.42 -27.70
CA ASN D 178 -6.92 -3.59 -26.64
C ASN D 178 -7.54 -3.32 -25.28
N ARG D 179 -7.00 -3.97 -24.26
CA ARG D 179 -7.48 -3.79 -22.90
C ARG D 179 -6.34 -4.06 -21.92
N ILE D 180 -6.10 -3.14 -21.00
CA ILE D 180 -5.11 -3.30 -19.95
C ILE D 180 -5.72 -2.86 -18.62
N ASP D 181 -5.29 -3.52 -17.55
CA ASP D 181 -5.79 -3.24 -16.21
C ASP D 181 -4.83 -2.28 -15.51
N MET D 182 -4.96 -0.99 -15.85
CA MET D 182 -4.14 0.05 -15.25
C MET D 182 -4.93 1.35 -15.33
N ALA D 183 -5.40 1.84 -14.20
CA ALA D 183 -6.33 2.96 -14.17
C ALA D 183 -6.10 3.76 -12.90
N GLY D 184 -7.10 4.55 -12.51
CA GLY D 184 -6.90 5.54 -11.46
C GLY D 184 -6.54 4.93 -10.11
N ARG D 185 -6.90 3.67 -9.89
CA ARG D 185 -6.56 3.03 -8.61
C ARG D 185 -5.04 2.86 -8.47
N ASP D 186 -4.37 2.43 -9.53
CA ASP D 186 -2.92 2.35 -9.50
C ASP D 186 -2.29 3.72 -9.35
N LEU D 187 -2.89 4.75 -9.95
CA LEU D 187 -2.41 6.10 -9.74
C LEU D 187 -2.55 6.54 -8.29
N THR D 188 -3.66 6.17 -7.64
CA THR D 188 -3.83 6.49 -6.23
C THR D 188 -2.79 5.78 -5.38
N TYR D 189 -2.51 4.51 -5.68
CA TYR D 189 -1.47 3.80 -4.95
C TYR D 189 -0.10 4.44 -5.16
N HIS D 190 0.19 4.86 -6.38
CA HIS D 190 1.45 5.54 -6.65
C HIS D 190 1.53 6.87 -5.92
N MET D 191 0.42 7.60 -5.84
CA MET D 191 0.39 8.85 -5.10
C MET D 191 0.64 8.63 -3.61
N MET D 192 0.05 7.58 -3.05
CA MET D 192 0.32 7.23 -1.66
C MET D 192 1.79 6.89 -1.44
N LYS D 193 2.37 6.11 -2.35
CA LYS D 193 3.78 5.77 -2.25
C LYS D 193 4.66 7.01 -2.33
N LEU D 194 4.34 7.94 -3.22
CA LEU D 194 5.08 9.20 -3.29
C LEU D 194 4.93 10.01 -2.02
N PHE D 195 3.73 10.05 -1.45
CA PHE D 195 3.51 10.76 -0.19
C PHE D 195 4.27 10.15 0.98
N THR D 196 4.52 8.84 0.95
CA THR D 196 5.31 8.23 2.02
C THR D 196 6.73 8.77 2.06
N GLU D 197 7.22 9.33 0.95
CA GLU D 197 8.56 9.90 0.93
C GLU D 197 8.63 11.28 1.55
N ARG D 198 7.49 11.94 1.77
CA ARG D 198 7.47 13.27 2.38
C ARG D 198 7.35 13.23 3.90
N GLY D 199 6.83 12.13 4.45
CA GLY D 199 6.66 12.02 5.89
C GLY D 199 5.27 11.59 6.28
N HIS D 200 4.31 11.74 5.37
CA HIS D 200 2.94 11.39 5.62
C HIS D 200 2.67 9.95 5.18
N THR D 201 2.00 9.19 6.04
CA THR D 201 1.71 7.79 5.80
C THR D 201 0.20 7.58 5.80
N PHE D 202 -0.30 6.99 4.72
CA PHE D 202 -1.73 6.70 4.57
C PHE D 202 -1.88 5.20 4.32
N THR D 203 -2.66 4.53 5.15
CA THR D 203 -2.86 3.10 5.02
C THR D 203 -4.32 2.69 5.01
N THR D 204 -5.16 3.34 5.80
CA THR D 204 -6.55 2.93 5.94
C THR D 204 -7.36 3.36 4.72
N THR D 205 -8.57 2.80 4.63
CA THR D 205 -9.45 3.09 3.50
C THR D 205 -9.86 4.55 3.47
N ALA D 206 -10.14 5.14 4.64
CA ALA D 206 -10.47 6.56 4.70
C ALA D 206 -9.31 7.40 4.21
N GLU D 207 -8.09 7.05 4.62
CA GLU D 207 -6.91 7.74 4.09
C GLU D 207 -6.78 7.55 2.58
N ARG D 208 -7.15 6.37 2.07
CA ARG D 208 -7.15 6.16 0.64
CA ARG D 208 -7.14 6.16 0.62
C ARG D 208 -8.12 7.09 -0.08
N GLU D 209 -9.32 7.26 0.47
CA GLU D 209 -10.27 8.20 -0.11
C GLU D 209 -9.76 9.63 -0.05
N ILE D 210 -9.11 10.00 1.05
CA ILE D 210 -8.52 11.34 1.16
C ILE D 210 -7.46 11.54 0.07
N VAL D 211 -6.61 10.54 -0.14
CA VAL D 211 -5.58 10.65 -1.17
C VAL D 211 -6.21 10.73 -2.55
N ARG D 212 -7.30 9.99 -2.76
CA ARG D 212 -8.00 10.07 -4.05
C ARG D 212 -8.56 11.47 -4.28
N ASP D 213 -9.14 12.08 -3.25
CA ASP D 213 -9.64 13.45 -3.38
C ASP D 213 -8.51 14.42 -3.67
N ILE D 214 -7.37 14.26 -3.00
CA ILE D 214 -6.22 15.13 -3.25
C ILE D 214 -5.76 14.99 -4.70
N LYS D 215 -5.69 13.75 -5.20
CA LYS D 215 -5.30 13.53 -6.59
C LYS D 215 -6.29 14.16 -7.56
N GLU D 216 -7.58 14.03 -7.28
CA GLU D 216 -8.59 14.63 -8.14
C GLU D 216 -8.48 16.15 -8.17
N LYS D 217 -8.19 16.77 -7.03
CA LYS D 217 -8.23 18.22 -6.94
C LYS D 217 -6.92 18.91 -7.30
N LEU D 218 -5.77 18.25 -7.17
CA LEU D 218 -4.49 18.94 -7.32
C LEU D 218 -3.50 18.17 -8.20
N CYS D 219 -3.93 17.69 -9.37
CA CYS D 219 -3.03 17.00 -10.30
C CYS D 219 -3.17 17.58 -11.70
N TYR D 220 -2.07 17.56 -12.45
CA TYR D 220 -2.06 18.00 -13.83
C TYR D 220 -0.93 17.28 -14.56
N ILE D 221 -1.00 17.29 -15.88
CA ILE D 221 -0.04 16.58 -16.73
C ILE D 221 0.93 17.59 -17.32
N ALA D 222 2.22 17.33 -17.15
CA ALA D 222 3.26 18.23 -17.64
C ALA D 222 3.57 17.93 -19.09
N MET D 223 3.68 18.98 -19.91
CA MET D 223 4.01 18.79 -21.32
C MET D 223 5.41 18.21 -21.48
N ASP D 224 6.37 18.74 -20.73
CA ASP D 224 7.75 18.26 -20.74
C ASP D 224 8.08 17.78 -19.32
N TYR D 225 8.15 16.46 -19.15
CA TYR D 225 8.38 15.89 -17.83
C TYR D 225 9.76 16.25 -17.30
N ASP D 226 10.78 16.19 -18.16
CA ASP D 226 12.15 16.45 -17.72
C ASP D 226 12.32 17.90 -17.29
N GLU D 227 11.76 18.84 -18.05
CA GLU D 227 11.91 20.24 -17.72
C GLU D 227 11.24 20.58 -16.40
N GLU D 228 10.04 20.08 -16.18
CA GLU D 228 9.35 20.34 -14.90
C GLU D 228 10.04 19.62 -13.75
N LEU D 229 10.62 18.45 -14.00
CA LEU D 229 11.40 17.78 -12.96
C LEU D 229 12.62 18.60 -12.59
N LYS D 230 13.29 19.20 -13.57
CA LYS D 230 14.42 20.08 -13.27
C LYS D 230 13.98 21.31 -12.50
N ARG D 231 12.84 21.90 -12.89
CA ARG D 231 12.32 23.08 -12.20
CA ARG D 231 12.34 23.07 -12.19
C ARG D 231 11.80 22.75 -10.81
N SER D 232 11.50 21.49 -10.51
CA SER D 232 10.99 21.13 -9.20
C SER D 232 12.04 21.36 -8.12
N GLU D 233 13.31 21.21 -8.44
CA GLU D 233 14.41 21.35 -7.49
C GLU D 233 14.96 22.77 -7.44
N GLU D 234 14.37 23.68 -8.23
CA GLU D 234 14.84 25.06 -8.28
C GLU D 234 13.74 26.10 -8.09
N HIS D 235 12.50 25.79 -8.42
CA HIS D 235 11.40 26.74 -8.25
C HIS D 235 10.22 26.06 -7.56
N SER D 236 10.49 25.36 -6.47
CA SER D 236 9.45 24.58 -5.79
C SER D 236 8.34 25.48 -5.26
N ASP D 237 8.64 26.75 -5.00
CA ASP D 237 7.63 27.66 -4.47
C ASP D 237 6.47 27.81 -5.44
N GLU D 238 6.73 27.75 -6.74
CA GLU D 238 5.67 27.87 -7.73
C GLU D 238 4.77 26.64 -7.73
N ILE D 239 5.34 25.46 -7.45
CA ILE D 239 4.58 24.23 -7.58
C ILE D 239 3.88 23.85 -6.26
N GLU D 240 4.38 24.33 -5.13
CA GLU D 240 3.82 23.96 -3.83
C GLU D 240 2.37 24.42 -3.71
N GLU D 241 1.54 23.57 -3.10
CA GLU D 241 0.13 23.86 -2.90
C GLU D 241 -0.27 23.38 -1.52
N ILE D 242 -1.07 24.16 -0.81
CA ILE D 242 -1.51 23.80 0.53
C ILE D 242 -2.86 23.12 0.46
N TYR D 243 -3.00 21.99 1.16
CA TYR D 243 -4.25 21.27 1.24
C TYR D 243 -4.60 21.04 2.70
N GLU D 244 -5.89 21.16 3.03
CA GLU D 244 -6.37 21.04 4.40
C GLU D 244 -6.95 19.64 4.61
N LEU D 245 -6.35 18.88 5.52
CA LEU D 245 -6.88 17.58 5.87
C LEU D 245 -8.15 17.73 6.69
N PRO D 246 -9.01 16.70 6.72
CA PRO D 246 -10.28 16.81 7.46
C PRO D 246 -10.08 17.04 8.96
N ASP D 247 -8.94 16.61 9.51
CA ASP D 247 -8.68 16.82 10.92
C ASP D 247 -8.09 18.19 11.23
N GLY D 248 -7.85 19.01 10.21
CA GLY D 248 -7.36 20.36 10.39
C GLY D 248 -5.89 20.56 10.07
N ASN D 249 -5.13 19.50 9.86
CA ASN D 249 -3.72 19.65 9.53
C ASN D 249 -3.55 20.08 8.08
N LEU D 250 -2.39 20.66 7.78
CA LEU D 250 -2.06 21.14 6.45
C LEU D 250 -0.97 20.30 5.84
N ILE D 251 -1.10 20.03 4.54
CA ILE D 251 -0.14 19.21 3.80
C ILE D 251 0.30 19.99 2.55
N THR D 252 1.59 19.95 2.27
CA THR D 252 2.18 20.66 1.12
C THR D 252 2.40 19.66 0.00
N VAL D 253 1.65 19.83 -1.09
CA VAL D 253 1.81 19.00 -2.28
C VAL D 253 2.68 19.77 -3.26
N GLY D 254 3.86 19.23 -3.56
CA GLY D 254 4.80 19.90 -4.44
C GLY D 254 5.04 19.16 -5.74
N SER D 255 6.15 18.43 -5.82
CA SER D 255 6.52 17.73 -7.04
C SER D 255 5.59 16.57 -7.37
N GLU D 256 4.71 16.17 -6.44
CA GLU D 256 3.81 15.05 -6.66
C GLU D 256 2.60 15.40 -7.51
N ARG D 257 2.47 16.66 -7.92
CA ARG D 257 1.32 17.07 -8.72
C ARG D 257 1.35 16.46 -10.12
N PHE D 258 2.53 16.37 -10.74
CA PHE D 258 2.65 15.84 -12.09
C PHE D 258 3.35 14.49 -12.15
N ARG D 259 4.02 14.06 -11.08
CA ARG D 259 4.67 12.76 -11.09
C ARG D 259 3.68 11.61 -10.93
N CYS D 260 2.49 11.87 -10.42
CA CYS D 260 1.49 10.82 -10.26
C CYS D 260 0.78 10.50 -11.57
N PRO D 261 0.28 11.49 -12.33
CA PRO D 261 -0.37 11.13 -13.61
C PRO D 261 0.60 10.73 -14.70
N GLU D 262 1.91 10.90 -14.50
CA GLU D 262 2.89 10.55 -15.51
C GLU D 262 2.96 9.05 -15.74
N ALA D 263 2.45 8.23 -14.83
CA ALA D 263 2.48 6.78 -14.99
C ALA D 263 1.64 6.30 -16.16
N LEU D 264 0.71 7.11 -16.65
CA LEU D 264 -0.08 6.71 -17.81
C LEU D 264 0.79 6.60 -19.07
N PHE D 265 1.70 7.54 -19.26
CA PHE D 265 2.57 7.54 -20.43
C PHE D 265 3.86 6.77 -20.21
N ASN D 266 4.13 6.30 -18.99
CA ASN D 266 5.32 5.51 -18.69
C ASN D 266 4.98 4.56 -17.55
N PRO D 267 4.38 3.41 -17.86
CA PRO D 267 3.97 2.48 -16.80
C PRO D 267 5.12 1.82 -16.06
N THR D 268 6.37 2.02 -16.47
CA THR D 268 7.49 1.44 -15.77
C THR D 268 7.72 2.06 -14.39
N LEU D 269 7.14 3.25 -14.14
CA LEU D 269 7.26 3.86 -12.82
C LEU D 269 6.56 3.04 -11.75
N ILE D 270 5.40 2.47 -12.06
CA ILE D 270 4.64 1.66 -11.12
C ILE D 270 4.94 0.18 -11.27
N GLY D 271 6.05 -0.17 -11.94
CA GLY D 271 6.43 -1.56 -12.10
C GLY D 271 5.49 -2.38 -12.95
N ARG D 272 5.05 -1.82 -14.08
CA ARG D 272 4.19 -2.52 -15.02
C ARG D 272 4.88 -2.60 -16.38
N GLU D 273 4.84 -3.79 -16.97
CA GLU D 273 5.48 -4.03 -18.26
C GLU D 273 4.61 -3.64 -19.44
N CYS D 274 3.34 -3.32 -19.20
CA CYS D 274 2.45 -2.93 -20.30
C CYS D 274 2.89 -1.59 -20.88
N PRO D 275 2.63 -1.37 -22.17
CA PRO D 275 3.01 -0.09 -22.79
C PRO D 275 2.10 1.05 -22.31
N GLY D 276 2.50 2.26 -22.68
CA GLY D 276 1.75 3.44 -22.29
C GLY D 276 0.44 3.61 -23.03
N LEU D 277 -0.12 4.82 -22.98
CA LEU D 277 -1.38 5.10 -23.64
C LEU D 277 -1.21 5.42 -25.12
N HIS D 278 -0.27 6.32 -25.45
CA HIS D 278 -0.03 6.66 -26.84
C HIS D 278 0.49 5.46 -27.63
N ILE D 279 1.37 4.67 -27.01
CA ILE D 279 1.89 3.47 -27.66
C ILE D 279 0.76 2.48 -27.94
N THR D 280 -0.14 2.31 -26.97
CA THR D 280 -1.28 1.40 -27.15
C THR D 280 -2.18 1.89 -28.26
N ALA D 281 -2.45 3.19 -28.31
CA ALA D 281 -3.29 3.74 -29.37
C ALA D 281 -2.64 3.55 -30.74
N TYR D 282 -1.34 3.79 -30.84
CA TYR D 282 -0.65 3.62 -32.11
C TYR D 282 -0.66 2.16 -32.55
N GLN D 283 -0.46 1.23 -31.61
CA GLN D 283 -0.51 -0.18 -31.95
C GLN D 283 -1.91 -0.59 -32.40
N SER D 284 -2.93 -0.05 -31.75
CA SER D 284 -4.31 -0.35 -32.15
C SER D 284 -4.64 0.21 -33.53
N ILE D 285 -4.10 1.38 -33.88
CA ILE D 285 -4.33 1.94 -35.20
C ILE D 285 -3.63 1.13 -36.29
N MET D 286 -2.40 0.69 -36.03
CA MET D 286 -1.62 -0.05 -37.03
C MET D 286 -2.15 -1.46 -37.29
N LYS D 287 -3.08 -1.99 -36.50
CA LYS D 287 -3.64 -3.32 -36.77
C LYS D 287 -4.80 -3.29 -37.75
N CYS D 288 -5.23 -2.12 -38.19
CA CYS D 288 -6.32 -1.99 -39.15
C CYS D 288 -5.74 -1.94 -40.57
N ASP D 289 -6.62 -1.81 -41.54
CA ASP D 289 -6.20 -1.73 -42.93
C ASP D 289 -5.55 -0.39 -43.22
N ILE D 290 -4.80 -0.34 -44.32
CA ILE D 290 -4.00 0.84 -44.63
C ILE D 290 -4.90 2.04 -44.92
N ASP D 291 -6.00 1.83 -45.65
CA ASP D 291 -6.88 2.93 -46.03
C ASP D 291 -7.77 3.40 -44.89
N ILE D 292 -7.79 2.68 -43.77
CA ILE D 292 -8.66 3.03 -42.65
C ILE D 292 -7.91 3.95 -41.68
N ARG D 293 -6.58 3.86 -41.69
CA ARG D 293 -5.77 4.56 -40.69
C ARG D 293 -5.92 6.07 -40.79
N LYS D 294 -6.11 6.59 -42.00
CA LYS D 294 -6.18 8.04 -42.19
C LYS D 294 -7.37 8.64 -41.43
N GLU D 295 -8.52 7.98 -41.51
CA GLU D 295 -9.69 8.49 -40.80
C GLU D 295 -9.58 8.27 -39.29
N LEU D 296 -8.93 7.18 -38.87
CA LEU D 296 -8.77 6.93 -37.44
C LEU D 296 -7.83 7.93 -36.80
N TYR D 297 -6.81 8.38 -37.53
CA TYR D 297 -5.87 9.36 -36.99
C TYR D 297 -6.53 10.72 -36.73
N ASN D 298 -7.69 10.97 -37.32
CA ASN D 298 -8.33 12.27 -37.22
C ASN D 298 -9.54 12.28 -36.31
N ASN D 299 -9.87 11.15 -35.67
CA ASN D 299 -11.05 11.05 -34.83
C ASN D 299 -10.72 10.32 -33.53
N ILE D 300 -9.65 10.75 -32.87
CA ILE D 300 -9.26 10.18 -31.58
C ILE D 300 -10.15 10.76 -30.48
N VAL D 301 -11.05 9.94 -29.95
CA VAL D 301 -12.00 10.39 -28.94
C VAL D 301 -11.55 9.90 -27.57
N LEU D 302 -11.52 10.80 -26.60
CA LEU D 302 -11.16 10.48 -25.22
C LEU D 302 -12.43 10.37 -24.38
N SER D 303 -12.45 9.40 -23.48
CA SER D 303 -13.59 9.20 -22.59
C SER D 303 -13.12 8.57 -21.29
N GLY D 304 -13.93 8.74 -20.25
CA GLY D 304 -13.60 8.18 -18.95
C GLY D 304 -13.23 9.22 -17.92
N GLY D 305 -13.28 8.86 -16.64
CA GLY D 305 -12.93 9.80 -15.60
C GLY D 305 -11.45 10.03 -15.44
N THR D 306 -10.63 9.05 -15.82
CA THR D 306 -9.18 9.17 -15.70
C THR D 306 -8.58 10.13 -16.71
N THR D 307 -9.34 10.56 -17.72
CA THR D 307 -8.87 11.50 -18.72
C THR D 307 -9.30 12.93 -18.41
N MET D 308 -9.62 13.24 -17.15
CA MET D 308 -10.08 14.56 -16.75
C MET D 308 -8.96 15.42 -16.18
N TYR D 309 -7.71 15.15 -16.55
CA TYR D 309 -6.58 15.94 -16.10
C TYR D 309 -6.46 17.20 -16.95
N ASN D 310 -5.44 18.00 -16.67
CA ASN D 310 -5.18 19.22 -17.43
C ASN D 310 -4.02 19.00 -18.39
N ASN D 311 -4.13 19.65 -19.56
CA ASN D 311 -3.13 19.55 -20.61
C ASN D 311 -2.87 18.11 -21.02
N ILE D 312 -3.93 17.30 -21.08
CA ILE D 312 -3.78 15.91 -21.51
C ILE D 312 -3.93 15.78 -23.03
N GLY D 313 -4.85 16.54 -23.62
CA GLY D 313 -5.03 16.48 -25.06
C GLY D 313 -3.81 16.97 -25.82
N GLU D 314 -3.19 18.06 -25.35
CA GLU D 314 -1.99 18.57 -26.00
C GLU D 314 -0.84 17.57 -25.89
N ARG D 315 -0.67 16.97 -24.71
CA ARG D 315 0.38 15.98 -24.54
C ARG D 315 0.15 14.77 -25.44
N LEU D 316 -1.10 14.30 -25.53
CA LEU D 316 -1.40 13.17 -26.40
C LEU D 316 -1.15 13.51 -27.86
N THR D 317 -1.53 14.72 -28.28
CA THR D 317 -1.28 15.15 -29.65
C THR D 317 0.21 15.20 -29.96
N LYS D 318 1.00 15.74 -29.02
CA LYS D 318 2.44 15.81 -29.22
C LYS D 318 3.06 14.42 -29.30
N GLU D 319 2.60 13.49 -28.46
CA GLU D 319 3.14 12.14 -28.50
C GLU D 319 2.76 11.43 -29.79
N MET D 320 1.52 11.62 -30.26
CA MET D 320 1.08 10.96 -31.49
C MET D 320 1.78 11.55 -32.71
N THR D 321 2.13 12.84 -32.65
CA THR D 321 2.80 13.48 -33.78
C THR D 321 4.16 12.84 -34.05
N ASN D 322 4.90 12.52 -33.00
CA ASN D 322 6.24 11.93 -33.15
C ASN D 322 6.19 10.49 -33.64
N LEU D 323 5.02 9.84 -33.63
CA LEU D 323 4.89 8.46 -34.09
C LEU D 323 4.21 8.37 -35.45
N ALA D 324 3.14 9.14 -35.67
CA ALA D 324 2.44 9.12 -36.94
C ALA D 324 3.30 9.74 -38.03
N PRO D 325 3.06 9.36 -39.29
CA PRO D 325 3.82 9.98 -40.39
C PRO D 325 3.55 11.48 -40.48
N SER D 326 4.54 12.19 -41.00
CA SER D 326 4.53 13.65 -41.05
C SER D 326 3.54 14.22 -42.07
N SER D 327 2.72 13.37 -42.70
CA SER D 327 1.72 13.84 -43.65
C SER D 327 0.30 13.63 -43.15
N MET D 328 0.12 13.21 -41.91
CA MET D 328 -1.19 12.97 -41.32
C MET D 328 -1.60 14.11 -40.40
N LYS D 329 -2.90 14.22 -40.18
CA LYS D 329 -3.47 15.24 -39.30
CA LYS D 329 -3.47 15.24 -39.30
C LYS D 329 -4.02 14.53 -38.06
N ILE D 330 -3.50 14.89 -36.90
CA ILE D 330 -3.92 14.31 -35.63
C ILE D 330 -4.79 15.32 -34.89
N LYS D 331 -5.99 14.90 -34.51
CA LYS D 331 -6.91 15.76 -33.77
C LYS D 331 -7.52 14.96 -32.63
N VAL D 332 -7.15 15.30 -31.41
CA VAL D 332 -7.67 14.65 -30.22
C VAL D 332 -8.97 15.35 -29.81
N ILE D 333 -10.00 14.56 -29.56
CA ILE D 333 -11.33 15.07 -29.24
C ILE D 333 -11.55 14.82 -27.75
N ALA D 334 -11.49 15.90 -26.95
CA ALA D 334 -11.72 15.84 -25.52
C ALA D 334 -12.82 16.83 -25.17
N PRO D 335 -14.08 16.51 -25.43
CA PRO D 335 -15.17 17.46 -25.14
C PRO D 335 -15.39 17.58 -23.65
N PRO D 336 -16.03 18.66 -23.20
CA PRO D 336 -16.39 18.77 -21.78
C PRO D 336 -17.40 17.70 -21.40
N GLU D 337 -17.63 17.57 -20.10
CA GLU D 337 -18.56 16.61 -19.49
C GLU D 337 -18.37 15.18 -20.01
N ARG D 338 -17.17 14.86 -20.48
CA ARG D 338 -16.87 13.53 -21.02
C ARG D 338 -16.82 12.45 -19.96
N LYS D 339 -16.86 12.80 -18.67
CA LYS D 339 -16.89 11.81 -17.61
C LYS D 339 -18.20 11.03 -17.57
N TYR D 340 -19.27 11.57 -18.15
CA TYR D 340 -20.56 10.89 -18.23
C TYR D 340 -20.93 10.55 -19.66
N SER D 341 -19.95 10.39 -20.54
CA SER D 341 -20.24 10.16 -21.95
C SER D 341 -20.95 8.83 -22.17
N VAL D 342 -20.57 7.81 -21.40
CA VAL D 342 -21.18 6.49 -21.59
C VAL D 342 -22.67 6.53 -21.27
N TRP D 343 -23.05 7.21 -20.20
CA TRP D 343 -24.46 7.31 -19.83
C TRP D 343 -25.24 8.07 -20.89
N ILE D 344 -24.66 9.17 -21.39
CA ILE D 344 -25.35 9.95 -22.43
C ILE D 344 -25.54 9.13 -23.68
N GLY D 345 -24.51 8.38 -24.08
CA GLY D 345 -24.64 7.51 -25.25
C GLY D 345 -25.69 6.44 -25.05
N GLY D 346 -25.73 5.83 -23.86
CA GLY D 346 -26.77 4.85 -23.59
C GLY D 346 -28.16 5.44 -23.63
N SER D 347 -28.34 6.65 -23.08
CA SER D 347 -29.64 7.32 -23.13
C SER D 347 -30.04 7.62 -24.56
N ILE D 348 -29.09 8.06 -25.39
CA ILE D 348 -29.39 8.34 -26.80
C ILE D 348 -29.79 7.06 -27.51
N LEU D 349 -29.05 5.97 -27.27
CA LEU D 349 -29.35 4.71 -27.94
C LEU D 349 -30.71 4.17 -27.52
N SER D 350 -31.04 4.27 -26.23
CA SER D 350 -32.29 3.71 -25.74
C SER D 350 -33.51 4.49 -26.21
N SER D 351 -33.33 5.69 -26.75
CA SER D 351 -34.44 6.54 -27.18
C SER D 351 -34.68 6.46 -28.69
N LEU D 352 -34.12 5.46 -29.36
CA LEU D 352 -34.27 5.30 -30.80
C LEU D 352 -35.34 4.25 -31.09
N SER D 353 -36.15 4.52 -32.12
CA SER D 353 -37.22 3.58 -32.48
C SER D 353 -36.67 2.29 -33.05
N THR D 354 -35.54 2.35 -33.76
CA THR D 354 -34.96 1.15 -34.34
C THR D 354 -34.43 0.20 -33.26
N PHE D 355 -34.11 0.74 -32.09
CA PHE D 355 -33.59 -0.08 -30.99
C PHE D 355 -34.69 -0.78 -30.20
N GLN D 356 -35.95 -0.42 -30.43
CA GLN D 356 -37.07 -0.97 -29.66
C GLN D 356 -37.31 -2.46 -29.93
N GLN D 357 -36.55 -3.08 -30.84
CA GLN D 357 -36.70 -4.50 -31.14
C GLN D 357 -35.60 -5.35 -30.52
N MET D 358 -34.39 -4.79 -30.34
CA MET D 358 -33.26 -5.55 -29.81
C MET D 358 -33.33 -5.57 -28.28
N TRP D 359 -34.27 -6.35 -27.77
CA TRP D 359 -34.44 -6.53 -26.34
C TRP D 359 -34.56 -8.03 -26.04
N ILE D 360 -34.19 -8.39 -24.81
CA ILE D 360 -34.35 -9.77 -24.36
C ILE D 360 -35.59 -9.86 -23.49
N THR D 361 -36.68 -10.36 -24.05
CA THR D 361 -37.92 -10.45 -23.30
C THR D 361 -37.87 -11.62 -22.32
N LYS D 362 -38.86 -11.65 -21.42
CA LYS D 362 -38.93 -12.71 -20.41
C LYS D 362 -39.12 -14.07 -21.06
N GLU D 363 -39.97 -14.16 -22.08
CA GLU D 363 -40.25 -15.44 -22.73
C GLU D 363 -39.01 -16.02 -23.38
N GLU D 364 -38.24 -15.18 -24.07
CA GLU D 364 -37.03 -15.66 -24.74
C GLU D 364 -36.01 -16.19 -23.73
N TYR D 365 -35.83 -15.47 -22.62
CA TYR D 365 -34.91 -15.94 -21.59
C TYR D 365 -35.39 -17.23 -20.96
N GLU D 366 -36.70 -17.34 -20.71
CA GLU D 366 -37.25 -18.54 -20.10
C GLU D 366 -37.15 -19.75 -21.02
N ASP D 367 -37.29 -19.56 -22.32
CA ASP D 367 -37.25 -20.68 -23.28
C ASP D 367 -35.82 -21.07 -23.61
N SER D 368 -35.05 -20.11 -24.16
CA SER D 368 -33.69 -20.41 -24.60
C SER D 368 -32.74 -20.65 -23.43
N GLY D 369 -32.85 -19.85 -22.37
CA GLY D 369 -31.96 -19.98 -21.24
C GLY D 369 -31.04 -18.78 -21.10
N PRO D 370 -30.13 -18.84 -20.12
CA PRO D 370 -29.22 -17.70 -19.89
C PRO D 370 -28.23 -17.47 -21.01
N SER D 371 -28.01 -18.45 -21.89
CA SER D 371 -27.03 -18.31 -22.95
C SER D 371 -27.48 -17.37 -24.08
N ILE D 372 -28.75 -16.97 -24.10
CA ILE D 372 -29.25 -16.12 -25.17
C ILE D 372 -28.52 -14.79 -25.22
N VAL D 373 -27.98 -14.33 -24.08
CA VAL D 373 -27.22 -13.09 -24.04
C VAL D 373 -25.97 -13.15 -24.90
N HIS D 374 -25.54 -14.34 -25.31
CA HIS D 374 -24.39 -14.50 -26.19
C HIS D 374 -24.76 -14.47 -27.67
N ARG D 375 -26.05 -14.29 -27.98
CA ARG D 375 -26.49 -14.24 -29.37
CA ARG D 375 -26.51 -14.25 -29.37
C ARG D 375 -27.22 -12.96 -29.75
N LYS D 376 -27.78 -12.23 -28.78
CA LYS D 376 -28.50 -11.00 -29.08
C LYS D 376 -27.84 -9.74 -28.54
N CYS D 377 -26.86 -9.88 -27.64
CA CYS D 377 -26.17 -8.75 -27.05
C CYS D 377 -24.69 -8.81 -27.44
N PHE D 378 -24.16 -7.70 -27.93
CA PHE D 378 -22.76 -7.62 -28.29
C PHE D 378 -22.17 -6.27 -27.87
N ALA E 7 37.24 -30.62 -44.51
CA ALA E 7 36.79 -30.23 -43.18
C ALA E 7 35.29 -30.42 -43.03
N VAL E 8 34.86 -30.82 -41.84
CA VAL E 8 33.43 -31.00 -41.58
C VAL E 8 32.75 -29.64 -41.56
N ALA E 9 31.61 -29.55 -42.26
CA ALA E 9 30.87 -28.31 -42.37
C ALA E 9 29.91 -28.14 -41.20
N LEU E 10 29.53 -26.89 -40.96
CA LEU E 10 28.59 -26.54 -39.90
C LEU E 10 27.23 -26.27 -40.53
N VAL E 11 26.20 -26.93 -40.03
CA VAL E 11 24.83 -26.72 -40.49
C VAL E 11 24.13 -25.91 -39.41
N VAL E 12 23.77 -24.67 -39.74
CA VAL E 12 23.13 -23.76 -38.80
C VAL E 12 21.82 -23.27 -39.41
N ASP E 13 20.71 -23.86 -38.99
CA ASP E 13 19.38 -23.43 -39.42
C ASP E 13 18.87 -22.43 -38.38
N ASN E 14 18.86 -21.16 -38.76
CA ASN E 14 18.36 -20.09 -37.89
C ASN E 14 16.98 -19.66 -38.36
N GLY E 15 16.02 -19.67 -37.43
CA GLY E 15 14.67 -19.27 -37.75
C GLY E 15 14.13 -18.25 -36.78
N SER E 16 12.79 -18.08 -36.76
CA SER E 16 12.19 -17.10 -35.86
C SER E 16 12.21 -17.60 -34.42
N GLY E 17 11.58 -18.75 -34.17
CA GLY E 17 11.49 -19.27 -32.82
C GLY E 17 12.74 -19.97 -32.32
N MET E 18 13.13 -21.06 -32.98
CA MET E 18 14.24 -21.87 -32.53
C MET E 18 15.40 -21.79 -33.52
N VAL E 19 16.59 -22.13 -33.03
CA VAL E 19 17.80 -22.19 -33.84
C VAL E 19 18.40 -23.57 -33.64
N LYS E 20 18.69 -24.26 -34.74
CA LYS E 20 19.32 -25.57 -34.72
C LYS E 20 20.73 -25.45 -35.29
N SER E 21 21.67 -26.17 -34.67
CA SER E 21 23.05 -26.13 -35.14
C SER E 21 23.69 -27.49 -34.91
N GLY E 22 24.55 -27.87 -35.84
CA GLY E 22 25.22 -29.16 -35.73
C GLY E 22 26.31 -29.30 -36.78
N LEU E 23 26.92 -30.48 -36.78
CA LEU E 23 27.97 -30.84 -37.71
C LEU E 23 27.39 -31.64 -38.86
N ALA E 24 27.84 -31.34 -40.08
CA ALA E 24 27.37 -32.07 -41.25
C ALA E 24 27.90 -33.49 -41.23
N GLY E 25 26.99 -34.45 -41.15
CA GLY E 25 27.37 -35.85 -41.10
C GLY E 25 26.56 -36.66 -40.11
N ASP E 26 25.91 -35.98 -39.18
CA ASP E 26 25.09 -36.62 -38.17
C ASP E 26 23.64 -36.72 -38.66
N ASP E 27 22.83 -37.48 -37.92
CA ASP E 27 21.43 -37.69 -38.26
C ASP E 27 20.48 -36.88 -37.38
N ALA E 28 21.00 -36.00 -36.53
CA ALA E 28 20.17 -35.19 -35.64
C ALA E 28 20.91 -33.93 -35.25
N PRO E 29 20.22 -32.80 -35.08
CA PRO E 29 20.91 -31.57 -34.66
C PRO E 29 21.50 -31.73 -33.26
N LYS E 30 22.61 -31.03 -33.04
CA LYS E 30 23.32 -31.10 -31.77
C LYS E 30 22.86 -30.08 -30.76
N CYS E 31 22.61 -28.84 -31.18
CA CYS E 31 22.21 -27.77 -30.27
C CYS E 31 20.94 -27.11 -30.81
N VAL E 32 19.84 -27.24 -30.09
CA VAL E 32 18.56 -26.66 -30.46
C VAL E 32 18.15 -25.72 -29.33
N PHE E 33 18.16 -24.42 -29.60
CA PHE E 33 17.79 -23.50 -28.53
C PHE E 33 16.98 -22.33 -29.05
N PRO E 34 16.13 -21.73 -28.21
CA PRO E 34 15.34 -20.58 -28.65
C PRO E 34 16.23 -19.38 -28.96
N SER E 35 15.78 -18.59 -29.94
CA SER E 35 16.51 -17.41 -30.40
C SER E 35 15.88 -16.18 -29.75
N ILE E 36 16.24 -15.95 -28.49
CA ILE E 36 15.76 -14.80 -27.74
C ILE E 36 16.96 -14.10 -27.11
N VAL E 37 16.81 -12.80 -26.86
CA VAL E 37 17.82 -12.01 -26.18
C VAL E 37 17.15 -11.37 -24.96
N GLY E 38 17.73 -11.60 -23.78
CA GLY E 38 17.18 -11.11 -22.54
C GLY E 38 18.00 -9.99 -21.95
N ARG E 39 17.32 -8.96 -21.44
CA ARG E 39 17.99 -7.83 -20.82
C ARG E 39 17.38 -7.54 -19.45
N PRO E 40 18.21 -7.29 -18.44
CA PRO E 40 17.67 -7.03 -17.10
C PRO E 40 16.90 -5.72 -17.05
N LYS E 41 15.89 -5.69 -16.18
CA LYS E 41 15.08 -4.49 -15.97
C LYS E 41 14.97 -4.07 -14.51
N MET E 42 15.62 -4.78 -13.59
CA MET E 42 15.57 -4.45 -12.17
C MET E 42 16.95 -4.03 -11.68
N PRO E 43 17.02 -3.15 -10.67
CA PRO E 43 18.32 -2.75 -10.13
C PRO E 43 19.04 -3.91 -9.48
N ASN E 44 20.37 -3.88 -9.55
CA ASN E 44 21.22 -4.89 -8.92
C ASN E 44 21.82 -4.28 -7.65
N ILE E 45 21.62 -4.95 -6.52
CA ILE E 45 22.01 -4.42 -5.21
C ILE E 45 22.95 -5.36 -4.48
N MET E 46 23.16 -6.57 -4.98
CA MET E 46 23.98 -7.58 -4.32
C MET E 46 25.39 -7.51 -4.89
N ILE E 47 26.26 -6.80 -4.19
CA ILE E 47 27.66 -6.68 -4.60
C ILE E 47 28.40 -7.96 -4.23
N GLY E 48 29.17 -8.48 -5.19
CA GLY E 48 29.95 -9.70 -4.99
C GLY E 48 29.74 -10.76 -6.04
N MET E 49 28.62 -10.72 -6.77
CA MET E 49 28.33 -11.68 -7.82
C MET E 49 28.66 -11.10 -9.18
N GLU E 50 29.02 -11.97 -10.11
CA GLU E 50 29.38 -11.57 -11.47
C GLU E 50 28.14 -11.66 -12.36
N GLN E 51 27.61 -10.51 -12.74
CA GLN E 51 26.43 -10.43 -13.59
C GLN E 51 26.83 -10.24 -15.04
N LYS E 52 25.86 -10.41 -15.93
CA LYS E 52 26.05 -10.24 -17.37
C LYS E 52 25.04 -9.24 -17.90
N GLU E 53 25.46 -8.51 -18.93
CA GLU E 53 24.62 -7.46 -19.51
C GLU E 53 23.54 -7.99 -20.43
N CYS E 54 23.63 -9.25 -20.86
CA CYS E 54 22.63 -9.81 -21.76
C CYS E 54 22.70 -11.32 -21.69
N TYR E 55 21.54 -11.97 -21.65
CA TYR E 55 21.44 -13.42 -21.65
C TYR E 55 20.85 -13.89 -22.98
N VAL E 56 21.49 -14.90 -23.57
CA VAL E 56 21.10 -15.42 -24.87
C VAL E 56 20.92 -16.93 -24.76
N GLY E 57 19.79 -17.42 -25.22
CA GLY E 57 19.56 -18.87 -25.30
C GLY E 57 18.79 -19.39 -24.10
N ASP E 58 19.23 -20.53 -23.56
CA ASP E 58 18.52 -21.16 -22.45
C ASP E 58 18.62 -20.33 -21.19
N GLU E 59 19.76 -19.65 -21.00
CA GLU E 59 19.94 -18.83 -19.81
C GLU E 59 18.92 -17.70 -19.75
N ALA E 60 18.61 -17.10 -20.90
CA ALA E 60 17.58 -16.06 -20.93
C ALA E 60 16.20 -16.62 -20.62
N GLN E 61 15.91 -17.84 -21.08
CA GLN E 61 14.61 -18.45 -20.83
C GLN E 61 14.44 -18.89 -19.38
N ASN E 62 15.52 -19.32 -18.72
CA ASN E 62 15.43 -19.77 -17.34
C ASN E 62 15.18 -18.61 -16.39
N LYS E 63 15.83 -17.47 -16.62
CA LYS E 63 15.71 -16.29 -15.78
C LYS E 63 14.78 -15.24 -16.38
N ARG E 64 13.73 -15.68 -17.09
CA ARG E 64 12.86 -14.75 -17.78
C ARG E 64 12.02 -13.92 -16.82
N GLY E 65 12.01 -14.26 -15.54
CA GLY E 65 11.20 -13.50 -14.59
C GLY E 65 11.68 -12.07 -14.41
N ILE E 66 12.99 -11.86 -14.49
CA ILE E 66 13.56 -10.53 -14.27
C ILE E 66 14.24 -10.02 -15.53
N LEU E 67 13.81 -10.53 -16.68
CA LEU E 67 14.40 -10.16 -17.96
C LEU E 67 13.31 -9.80 -18.95
N THR E 68 13.62 -8.83 -19.81
CA THR E 68 12.78 -8.52 -20.97
C THR E 68 13.36 -9.25 -22.17
N LEU E 69 12.52 -9.98 -22.89
CA LEU E 69 12.93 -10.85 -23.97
C LEU E 69 12.57 -10.24 -25.31
N LYS E 70 13.52 -10.24 -26.24
CA LYS E 70 13.34 -9.72 -27.58
C LYS E 70 13.70 -10.78 -28.60
N TYR E 71 12.94 -10.83 -29.69
CA TYR E 71 13.22 -11.73 -30.81
C TYR E 71 13.90 -10.94 -31.93
N PRO E 72 15.13 -11.25 -32.30
CA PRO E 72 15.81 -10.50 -33.36
C PRO E 72 15.35 -10.84 -34.76
N ILE E 73 14.46 -11.82 -34.93
CA ILE E 73 13.97 -12.24 -36.25
C ILE E 73 12.46 -12.20 -36.22
N GLU E 74 11.86 -11.47 -37.16
CA GLU E 74 10.42 -11.39 -37.26
C GLU E 74 9.95 -11.59 -38.71
N GLY E 76 10.74 -13.99 -40.64
CA GLY E 76 11.87 -14.43 -41.41
C GLY E 76 12.83 -13.32 -41.83
N ILE E 77 12.59 -12.12 -41.31
CA ILE E 77 13.41 -10.95 -41.62
C ILE E 77 14.07 -10.47 -40.34
N VAL E 78 15.38 -10.24 -40.41
CA VAL E 78 16.14 -9.80 -39.24
C VAL E 78 15.90 -8.31 -39.03
N THR E 79 15.44 -7.94 -37.83
CA THR E 79 15.16 -6.55 -37.50
C THR E 79 16.37 -5.85 -36.90
N ASN E 80 16.96 -6.43 -35.85
CA ASN E 80 18.16 -5.89 -35.22
C ASN E 80 19.31 -6.86 -35.47
N TRP E 81 20.39 -6.35 -36.03
CA TRP E 81 21.53 -7.20 -36.36
C TRP E 81 22.49 -7.43 -35.20
N ASP E 82 22.49 -6.55 -34.20
CA ASP E 82 23.36 -6.76 -33.05
C ASP E 82 22.94 -8.00 -32.27
N ASP E 83 21.64 -8.18 -32.05
CA ASP E 83 21.16 -9.37 -31.35
C ASP E 83 21.44 -10.63 -32.15
N MET E 84 21.26 -10.58 -33.47
CA MET E 84 21.55 -11.74 -34.30
C MET E 84 23.04 -12.09 -34.28
N GLU E 85 23.90 -11.06 -34.28
CA GLU E 85 25.33 -11.31 -34.18
C GLU E 85 25.69 -11.93 -32.84
N LYS E 86 25.05 -11.46 -31.76
CA LYS E 86 25.28 -12.06 -30.44
C LYS E 86 24.83 -13.52 -30.41
N ILE E 87 23.68 -13.81 -31.04
CA ILE E 87 23.20 -15.19 -31.08
C ILE E 87 24.16 -16.07 -31.87
N TRP E 88 24.65 -15.58 -33.00
CA TRP E 88 25.63 -16.35 -33.78
C TRP E 88 26.90 -16.59 -32.99
N HIS E 89 27.38 -15.56 -32.26
CA HIS E 89 28.56 -15.73 -31.44
C HIS E 89 28.34 -16.76 -30.34
N HIS E 90 27.17 -16.73 -29.70
CA HIS E 90 26.85 -17.71 -28.68
C HIS E 90 26.80 -19.12 -29.27
N THR E 91 26.23 -19.26 -30.46
CA THR E 91 26.15 -20.57 -31.09
C THR E 91 27.54 -21.10 -31.44
N PHE E 92 28.40 -20.25 -31.96
CA PHE E 92 29.72 -20.70 -32.42
C PHE E 92 30.65 -20.99 -31.25
N TYR E 93 30.66 -20.12 -30.24
CA TYR E 93 31.68 -20.18 -29.20
C TYR E 93 31.23 -20.87 -27.92
N ASN E 94 29.92 -21.03 -27.70
CA ASN E 94 29.43 -21.65 -26.47
C ASN E 94 28.74 -22.98 -26.71
N GLU E 95 27.83 -23.06 -27.68
CA GLU E 95 27.09 -24.30 -27.91
C GLU E 95 27.95 -25.33 -28.63
N LEU E 96 28.40 -25.02 -29.84
CA LEU E 96 29.17 -25.98 -30.62
C LEU E 96 30.60 -26.08 -30.13
N ARG E 97 31.13 -25.01 -29.54
CA ARG E 97 32.50 -24.94 -29.06
CA ARG E 97 32.50 -24.97 -29.05
C ARG E 97 33.49 -25.29 -30.17
N VAL E 98 33.24 -24.80 -31.37
CA VAL E 98 34.11 -25.01 -32.51
C VAL E 98 34.53 -23.65 -33.05
N SER E 99 35.76 -23.59 -33.55
CA SER E 99 36.28 -22.34 -34.10
C SER E 99 35.62 -22.04 -35.44
N PRO E 100 34.96 -20.88 -35.60
CA PRO E 100 34.30 -20.59 -36.88
C PRO E 100 35.26 -20.06 -37.93
N GLU E 101 36.40 -20.72 -38.09
CA GLU E 101 37.38 -20.31 -39.10
C GLU E 101 37.96 -21.50 -39.86
N GLU E 102 37.58 -22.74 -39.52
CA GLU E 102 38.05 -23.92 -40.24
C GLU E 102 36.89 -24.79 -40.71
N HIS E 103 35.67 -24.27 -40.75
CA HIS E 103 34.52 -25.03 -41.16
C HIS E 103 33.62 -24.17 -42.05
N PRO E 104 33.24 -24.66 -43.23
CA PRO E 104 32.30 -23.90 -44.08
C PRO E 104 30.92 -23.86 -43.44
N VAL E 105 30.18 -22.81 -43.75
CA VAL E 105 28.87 -22.56 -43.15
C VAL E 105 27.78 -22.77 -44.19
N LEU E 106 26.70 -23.43 -43.78
CA LEU E 106 25.54 -23.67 -44.64
C LEU E 106 24.33 -23.07 -43.94
N LEU E 107 23.84 -21.96 -44.48
CA LEU E 107 22.71 -21.23 -43.92
C LEU E 107 21.45 -21.46 -44.75
N THR E 108 20.31 -21.25 -44.11
CA THR E 108 19.01 -21.44 -44.74
C THR E 108 18.25 -20.12 -44.76
N GLU E 109 17.41 -19.97 -45.78
CA GLU E 109 16.59 -18.78 -45.92
C GLU E 109 15.26 -19.16 -46.53
N ALA E 110 14.23 -18.34 -46.23
CA ALA E 110 12.88 -18.50 -46.76
C ALA E 110 12.77 -17.89 -48.15
N PRO E 111 11.89 -18.42 -48.99
CA PRO E 111 11.72 -17.84 -50.33
C PRO E 111 11.08 -16.46 -50.28
N LEU E 112 11.34 -15.68 -51.32
CA LEU E 112 10.81 -14.33 -51.49
C LEU E 112 11.21 -13.43 -50.32
N ASN E 113 12.53 -13.28 -50.15
CA ASN E 113 13.09 -12.42 -49.13
C ASN E 113 13.84 -11.24 -49.75
N PRO E 114 13.94 -10.12 -49.05
CA PRO E 114 14.69 -8.99 -49.59
C PRO E 114 16.17 -9.34 -49.80
N LYS E 115 16.76 -8.70 -50.81
CA LYS E 115 18.16 -8.96 -51.14
C LYS E 115 19.09 -8.46 -50.03
N THR E 116 18.72 -7.34 -49.40
CA THR E 116 19.55 -6.76 -48.35
C THR E 116 19.79 -7.72 -47.20
N ASN E 117 18.81 -8.58 -46.88
CA ASN E 117 19.01 -9.55 -45.81
C ASN E 117 20.15 -10.50 -46.14
N ARG E 118 20.15 -11.07 -47.35
CA ARG E 118 21.23 -11.97 -47.76
C ARG E 118 22.56 -11.22 -47.83
N GLU E 119 22.55 -10.00 -48.35
CA GLU E 119 23.79 -9.24 -48.48
C GLU E 119 24.41 -8.97 -47.11
N LYS E 120 23.59 -8.53 -46.15
CA LYS E 120 24.10 -8.26 -44.81
C LYS E 120 24.54 -9.55 -44.11
N MET E 121 23.80 -10.64 -44.31
CA MET E 121 24.20 -11.91 -43.71
C MET E 121 25.57 -12.35 -44.23
N THR E 122 25.77 -12.28 -45.55
CA THR E 122 27.06 -12.65 -46.12
C THR E 122 28.17 -11.73 -45.65
N GLN E 123 27.89 -10.42 -45.58
CA GLN E 123 28.91 -9.48 -45.12
C GLN E 123 29.32 -9.76 -43.68
N ILE E 124 28.34 -10.04 -42.81
CA ILE E 124 28.65 -10.34 -41.42
C ILE E 124 29.44 -11.63 -41.31
N MET E 125 29.05 -12.66 -42.09
CA MET E 125 29.75 -13.93 -42.02
C MET E 125 31.19 -13.81 -42.50
N PHE E 126 31.44 -12.98 -43.52
CA PHE E 126 32.78 -12.90 -44.08
C PHE E 126 33.67 -11.90 -43.35
N GLU E 127 33.10 -10.86 -42.73
CA GLU E 127 33.90 -9.79 -42.16
C GLU E 127 34.00 -9.84 -40.64
N THR E 128 33.13 -10.59 -39.95
CA THR E 128 33.18 -10.69 -38.51
C THR E 128 33.75 -12.01 -38.02
N PHE E 129 33.21 -13.14 -38.48
CA PHE E 129 33.72 -14.44 -38.09
C PHE E 129 34.83 -14.95 -39.00
N ASP E 130 35.02 -14.34 -40.17
CA ASP E 130 36.07 -14.69 -41.11
C ASP E 130 36.01 -16.18 -41.47
N VAL E 131 34.82 -16.61 -41.91
CA VAL E 131 34.61 -17.99 -42.31
C VAL E 131 35.31 -18.23 -43.64
N PRO E 132 35.82 -19.43 -43.90
CA PRO E 132 36.48 -19.69 -45.19
C PRO E 132 35.52 -19.65 -46.36
N ALA E 133 34.38 -20.33 -46.25
CA ALA E 133 33.38 -20.37 -47.30
C ALA E 133 32.01 -20.49 -46.66
N MET E 134 30.99 -20.10 -47.43
CA MET E 134 29.62 -20.16 -46.96
C MET E 134 28.69 -20.39 -48.14
N TYR E 135 27.49 -20.88 -47.84
CA TYR E 135 26.48 -21.11 -48.86
C TYR E 135 25.10 -20.97 -48.23
N VAL E 136 24.19 -20.31 -48.94
CA VAL E 136 22.83 -20.06 -48.47
C VAL E 136 21.87 -20.82 -49.39
N SER E 137 20.93 -21.53 -48.78
CA SER E 137 20.00 -22.34 -49.55
C SER E 137 18.58 -22.14 -49.05
N ILE E 138 17.61 -22.45 -49.92
CA ILE E 138 16.20 -22.37 -49.55
C ILE E 138 15.84 -23.56 -48.67
N GLN E 139 14.91 -23.34 -47.74
CA GLN E 139 14.53 -24.38 -46.79
C GLN E 139 13.74 -25.49 -47.45
N ALA E 140 12.92 -25.17 -48.45
CA ALA E 140 12.11 -26.19 -49.11
C ALA E 140 12.97 -27.21 -49.83
N ILE E 141 14.07 -26.76 -50.45
CA ILE E 141 14.96 -27.69 -51.15
C ILE E 141 15.55 -28.69 -50.17
N LEU E 142 16.01 -28.21 -49.01
CA LEU E 142 16.55 -29.11 -47.99
C LEU E 142 15.48 -30.03 -47.43
N SER E 143 14.26 -29.53 -47.25
CA SER E 143 13.17 -30.38 -46.79
C SER E 143 12.87 -31.50 -47.77
N LEU E 144 12.89 -31.22 -49.08
CA LEU E 144 12.71 -32.25 -50.08
C LEU E 144 13.91 -33.20 -50.15
N TYR E 145 15.12 -32.69 -49.92
CA TYR E 145 16.29 -33.55 -49.86
C TYR E 145 16.18 -34.55 -48.72
N ALA E 146 15.70 -34.10 -47.56
CA ALA E 146 15.64 -34.97 -46.38
C ALA E 146 14.72 -36.16 -46.59
N SER E 147 13.69 -36.02 -47.43
CA SER E 147 12.75 -37.10 -47.67
C SER E 147 13.24 -38.09 -48.73
N GLY E 148 14.36 -37.82 -49.37
CA GLY E 148 14.87 -38.71 -50.40
C GLY E 148 14.01 -38.80 -51.63
N ARG E 149 13.38 -37.70 -52.02
CA ARG E 149 12.53 -37.65 -53.21
C ARG E 149 13.04 -36.58 -54.17
N THR E 150 12.45 -36.57 -55.36
CA THR E 150 12.78 -35.58 -56.38
C THR E 150 11.59 -34.79 -56.89
N THR E 151 10.36 -35.26 -56.67
CA THR E 151 9.16 -34.59 -57.11
C THR E 151 8.18 -34.50 -55.96
N GLY E 152 7.64 -33.31 -55.74
CA GLY E 152 6.64 -33.11 -54.70
C GLY E 152 6.43 -31.65 -54.41
N ILE E 153 5.39 -31.38 -53.63
CA ILE E 153 5.06 -30.04 -53.18
C ILE E 153 5.30 -29.98 -51.68
N VAL E 154 6.13 -29.02 -51.26
CA VAL E 154 6.52 -28.88 -49.86
C VAL E 154 5.70 -27.75 -49.25
N LEU E 155 4.95 -28.08 -48.19
CA LEU E 155 4.21 -27.11 -47.39
C LEU E 155 4.95 -26.95 -46.08
N ASP E 156 5.74 -25.88 -45.97
CA ASP E 156 6.55 -25.64 -44.78
C ASP E 156 5.86 -24.57 -43.92
N SER E 157 5.80 -24.83 -42.62
CA SER E 157 5.17 -23.90 -41.68
C SER E 157 6.03 -23.84 -40.42
N GLY E 158 6.72 -22.71 -40.24
CA GLY E 158 7.60 -22.56 -39.09
C GLY E 158 6.99 -21.73 -37.99
N ASP E 159 7.74 -20.73 -37.51
CA ASP E 159 7.30 -19.88 -36.41
C ASP E 159 6.71 -18.55 -36.88
N GLY E 160 7.21 -18.01 -37.99
CA GLY E 160 6.70 -16.74 -38.48
C GLY E 160 6.18 -16.75 -39.90
N VAL E 161 6.69 -17.68 -40.71
CA VAL E 161 6.40 -17.70 -42.14
C VAL E 161 5.98 -19.11 -42.55
N SER E 162 4.91 -19.20 -43.35
CA SER E 162 4.47 -20.46 -43.93
C SER E 162 4.46 -20.33 -45.45
N HIS E 163 5.15 -21.24 -46.13
CA HIS E 163 5.32 -21.15 -47.57
C HIS E 163 5.05 -22.50 -48.22
N THR E 164 4.83 -22.44 -49.53
CA THR E 164 4.52 -23.59 -50.37
C THR E 164 5.39 -23.55 -51.62
N VAL E 165 6.12 -24.63 -51.87
CA VAL E 165 7.04 -24.70 -53.00
C VAL E 165 6.89 -26.02 -53.74
N PRO E 166 6.50 -26.01 -55.01
CA PRO E 166 6.48 -27.25 -55.80
C PRO E 166 7.78 -27.47 -56.56
N ILE E 167 8.15 -28.76 -56.70
CA ILE E 167 9.33 -29.16 -57.45
C ILE E 167 8.97 -30.40 -58.24
N TYR E 168 9.36 -30.42 -59.53
CA TYR E 168 9.07 -31.55 -60.40
C TYR E 168 10.37 -32.03 -61.04
N GLU E 169 10.79 -33.24 -60.70
CA GLU E 169 11.95 -33.90 -61.29
C GLU E 169 13.21 -33.02 -61.20
N GLY E 170 13.40 -32.37 -60.06
CA GLY E 170 14.56 -31.54 -59.85
C GLY E 170 14.47 -30.14 -60.40
N TYR E 171 13.34 -29.75 -60.98
CA TYR E 171 13.15 -28.42 -61.54
C TYR E 171 12.08 -27.71 -60.73
N VAL E 172 12.41 -26.54 -60.19
CA VAL E 172 11.48 -25.76 -59.39
C VAL E 172 10.70 -24.81 -60.30
N LEU E 173 9.46 -24.54 -59.93
CA LEU E 173 8.64 -23.59 -60.68
C LEU E 173 8.48 -22.32 -59.85
N PRO E 174 9.31 -21.30 -60.09
CA PRO E 174 9.25 -20.09 -59.25
C PRO E 174 7.93 -19.34 -59.35
N HIS E 175 7.18 -19.52 -60.43
CA HIS E 175 5.94 -18.77 -60.61
C HIS E 175 4.80 -19.37 -59.81
N ALA E 176 5.05 -20.51 -59.17
CA ALA E 176 4.02 -21.21 -58.39
C ALA E 176 4.46 -21.37 -56.94
N ILE E 177 5.21 -20.40 -56.42
CA ILE E 177 5.69 -20.42 -55.04
C ILE E 177 4.86 -19.43 -54.24
N ASN E 178 4.32 -19.88 -53.10
CA ASN E 178 3.46 -19.06 -52.27
C ASN E 178 4.10 -18.85 -50.90
N ARG E 179 3.79 -17.72 -50.28
CA ARG E 179 4.31 -17.40 -48.96
C ARG E 179 3.33 -16.49 -48.24
N ILE E 180 2.96 -16.85 -47.01
CA ILE E 180 2.10 -16.02 -46.17
C ILE E 180 2.69 -15.97 -44.77
N ASP E 181 2.49 -14.85 -44.10
CA ASP E 181 3.02 -14.62 -42.75
C ASP E 181 1.91 -14.95 -41.74
N MET E 182 1.75 -16.23 -41.48
CA MET E 182 0.76 -16.71 -40.51
C MET E 182 1.24 -18.06 -40.00
N ALA E 183 1.68 -18.10 -38.75
CA ALA E 183 2.34 -19.29 -38.22
C ALA E 183 2.02 -19.38 -36.72
N GLY E 184 2.85 -20.14 -35.99
CA GLY E 184 2.52 -20.49 -34.62
C GLY E 184 2.40 -19.31 -33.69
N ARG E 185 3.03 -18.18 -34.02
CA ARG E 185 2.93 -17.00 -33.18
C ARG E 185 1.51 -16.45 -33.16
N ASP E 186 0.87 -16.39 -34.34
CA ASP E 186 -0.53 -15.97 -34.39
C ASP E 186 -1.43 -16.96 -33.67
N LEU E 187 -1.10 -18.25 -33.74
CA LEU E 187 -1.86 -19.25 -32.98
C LEU E 187 -1.71 -19.04 -31.48
N THR E 188 -0.51 -18.68 -31.02
CA THR E 188 -0.31 -18.38 -29.60
C THR E 188 -1.12 -17.16 -29.18
N TYR E 189 -1.14 -16.12 -30.02
CA TYR E 189 -1.94 -14.94 -29.70
C TYR E 189 -3.43 -15.29 -29.65
N HIS E 190 -3.89 -16.11 -30.59
CA HIS E 190 -5.28 -16.55 -30.57
C HIS E 190 -5.60 -17.37 -29.33
N MET E 191 -4.67 -18.23 -28.92
CA MET E 191 -4.86 -19.01 -27.70
C MET E 191 -4.95 -18.12 -26.48
N MET E 192 -4.11 -17.09 -26.41
CA MET E 192 -4.19 -16.13 -25.30
C MET E 192 -5.54 -15.41 -25.31
N LYS E 193 -6.00 -14.99 -26.49
CA LYS E 193 -7.29 -14.32 -26.58
C LYS E 193 -8.43 -15.23 -26.15
N LEU E 194 -8.37 -16.51 -26.53
CA LEU E 194 -9.37 -17.47 -26.08
C LEU E 194 -9.32 -17.67 -24.57
N PHE E 195 -8.11 -17.73 -24.00
CA PHE E 195 -7.96 -17.87 -22.55
C PHE E 195 -8.50 -16.66 -21.80
N THR E 196 -8.46 -15.47 -22.41
CA THR E 196 -9.01 -14.29 -21.73
C THR E 196 -10.52 -14.43 -21.50
N GLU E 197 -11.19 -15.29 -22.27
CA GLU E 197 -12.62 -15.49 -22.09
C GLU E 197 -12.94 -16.41 -20.92
N ARG E 198 -11.96 -17.15 -20.41
CA ARG E 198 -12.18 -18.05 -19.28
C ARG E 198 -11.95 -17.39 -17.94
N GLY E 199 -11.17 -16.32 -17.89
CA GLY E 199 -10.89 -15.63 -16.65
C GLY E 199 -9.41 -15.40 -16.43
N HIS E 200 -8.59 -16.15 -17.16
CA HIS E 200 -7.13 -16.04 -17.04
C HIS E 200 -6.60 -15.03 -18.04
N THR E 201 -5.72 -14.15 -17.58
CA THR E 201 -5.15 -13.09 -18.40
C THR E 201 -3.65 -13.25 -18.45
N PHE E 202 -3.09 -13.31 -19.65
CA PHE E 202 -1.65 -13.44 -19.87
C PHE E 202 -1.20 -12.28 -20.75
N THR E 203 -0.24 -11.51 -20.26
CA THR E 203 0.26 -10.36 -21.00
C THR E 203 1.77 -10.32 -21.13
N THR E 204 2.50 -10.75 -20.10
CA THR E 204 3.94 -10.65 -20.11
C THR E 204 4.57 -11.73 -21.01
N THR E 205 5.86 -11.56 -21.28
CA THR E 205 6.58 -12.49 -22.16
C THR E 205 6.65 -13.88 -21.53
N ALA E 206 6.87 -13.94 -20.21
CA ALA E 206 6.90 -15.22 -19.53
C ALA E 206 5.55 -15.92 -19.64
N GLU E 207 4.46 -15.16 -19.47
CA GLU E 207 3.14 -15.72 -19.68
C GLU E 207 2.94 -16.17 -21.12
N ARG E 208 3.53 -15.45 -22.08
CA ARG E 208 3.47 -15.89 -23.47
CA ARG E 208 3.46 -15.88 -23.48
C ARG E 208 4.16 -17.22 -23.68
N GLU E 209 5.33 -17.41 -23.06
CA GLU E 209 6.02 -18.69 -23.15
C GLU E 209 5.21 -19.80 -22.48
N ILE E 210 4.56 -19.51 -21.35
CA ILE E 210 3.72 -20.50 -20.71
C ILE E 210 2.56 -20.90 -21.62
N VAL E 211 1.94 -19.93 -22.27
CA VAL E 211 0.83 -20.24 -23.19
C VAL E 211 1.34 -21.05 -24.37
N ARG E 212 2.55 -20.74 -24.86
CA ARG E 212 3.13 -21.51 -25.95
C ARG E 212 3.34 -22.96 -25.54
N ASP E 213 3.86 -23.18 -24.33
CA ASP E 213 4.04 -24.54 -23.84
C ASP E 213 2.70 -25.27 -23.71
N ILE E 214 1.67 -24.57 -23.21
CA ILE E 214 0.35 -25.18 -23.10
C ILE E 214 -0.17 -25.59 -24.47
N LYS E 215 0.00 -24.71 -25.46
CA LYS E 215 -0.44 -25.02 -26.82
C LYS E 215 0.33 -26.21 -27.38
N GLU E 216 1.64 -26.27 -27.14
CA GLU E 216 2.42 -27.40 -27.64
C GLU E 216 1.99 -28.72 -27.00
N LYS E 217 1.65 -28.70 -25.71
CA LYS E 217 1.38 -29.93 -24.99
C LYS E 217 -0.07 -30.40 -25.07
N LEU E 218 -1.04 -29.50 -25.27
CA LEU E 218 -2.44 -29.87 -25.16
C LEU E 218 -3.30 -29.37 -26.32
N CYS E 219 -2.87 -29.55 -27.55
CA CYS E 219 -3.65 -29.15 -28.72
C CYS E 219 -3.73 -30.28 -29.74
N TYR E 220 -4.85 -30.34 -30.45
CA TYR E 220 -5.06 -31.31 -31.51
C TYR E 220 -6.05 -30.74 -32.50
N ILE E 221 -6.09 -31.34 -33.70
CA ILE E 221 -6.92 -30.87 -34.79
C ILE E 221 -8.13 -31.79 -34.92
N ALA E 222 -9.31 -31.20 -34.91
CA ALA E 222 -10.55 -31.97 -35.00
C ALA E 222 -10.89 -32.26 -36.45
N MET E 223 -11.29 -33.50 -36.74
CA MET E 223 -11.67 -33.88 -38.09
C MET E 223 -12.92 -33.11 -38.53
N ASP E 224 -13.91 -33.02 -37.65
CA ASP E 224 -15.15 -32.31 -37.92
C ASP E 224 -15.27 -31.21 -36.87
N TYR E 225 -15.04 -29.97 -37.29
CA TYR E 225 -15.05 -28.84 -36.36
C TYR E 225 -16.43 -28.63 -35.77
N ASP E 226 -17.47 -28.70 -36.60
CA ASP E 226 -18.83 -28.44 -36.14
C ASP E 226 -19.28 -29.48 -35.13
N GLU E 227 -18.99 -30.76 -35.39
CA GLU E 227 -19.42 -31.81 -34.48
C GLU E 227 -18.76 -31.68 -33.11
N GLU E 228 -17.44 -31.42 -33.09
CA GLU E 228 -16.75 -31.26 -31.82
C GLU E 228 -17.19 -29.97 -31.12
N LEU E 229 -17.51 -28.92 -31.87
CA LEU E 229 -18.05 -27.72 -31.25
C LEU E 229 -19.40 -27.99 -30.59
N LYS E 230 -20.25 -28.80 -31.24
CA LYS E 230 -21.52 -29.18 -30.63
C LYS E 230 -21.30 -30.03 -29.38
N ARG E 231 -20.35 -30.96 -29.44
CA ARG E 231 -20.05 -31.81 -28.30
CA ARG E 231 -20.07 -31.81 -28.29
C ARG E 231 -19.38 -31.05 -27.16
N SER E 232 -18.79 -29.88 -27.44
CA SER E 232 -18.12 -29.12 -26.39
C SER E 232 -19.12 -28.61 -25.35
N GLU E 233 -20.36 -28.35 -25.76
CA GLU E 233 -21.38 -27.81 -24.88
C GLU E 233 -22.22 -28.90 -24.24
N GLU E 234 -21.91 -30.16 -24.53
CA GLU E 234 -22.66 -31.28 -23.98
C GLU E 234 -21.81 -32.36 -23.33
N HIS E 235 -20.54 -32.52 -23.72
CA HIS E 235 -19.67 -33.52 -23.12
C HIS E 235 -18.33 -32.90 -22.76
N SER E 236 -18.37 -31.75 -22.09
CA SER E 236 -17.14 -31.02 -21.77
C SER E 236 -16.21 -31.82 -20.88
N ASP E 237 -16.76 -32.75 -20.10
CA ASP E 237 -15.94 -33.55 -19.19
C ASP E 237 -14.90 -34.36 -19.95
N GLU E 238 -15.24 -34.80 -21.17
CA GLU E 238 -14.30 -35.57 -21.96
C GLU E 238 -13.15 -34.70 -22.47
N ILE E 239 -13.44 -33.43 -22.75
CA ILE E 239 -12.44 -32.57 -23.37
C ILE E 239 -11.59 -31.83 -22.34
N GLU E 240 -12.11 -31.65 -21.13
CA GLU E 240 -11.38 -30.90 -20.11
C GLU E 240 -10.07 -31.57 -19.75
N GLU E 241 -9.04 -30.76 -19.55
CA GLU E 241 -7.71 -31.24 -19.18
C GLU E 241 -7.12 -30.31 -18.14
N ILE E 242 -6.45 -30.87 -17.13
CA ILE E 242 -5.86 -30.08 -16.07
C ILE E 242 -4.39 -29.82 -16.39
N TYR E 243 -3.97 -28.56 -16.23
CA TYR E 243 -2.59 -28.18 -16.44
C TYR E 243 -2.09 -27.42 -15.21
N GLU E 244 -0.85 -27.67 -14.83
CA GLU E 244 -0.26 -27.09 -13.63
C GLU E 244 0.63 -25.91 -14.03
N LEU E 245 0.27 -24.72 -13.56
CA LEU E 245 1.09 -23.55 -13.80
C LEU E 245 2.36 -23.62 -12.95
N PRO E 246 3.42 -22.90 -13.35
CA PRO E 246 4.67 -22.95 -12.58
C PRO E 246 4.55 -22.47 -11.15
N ASP E 247 3.56 -21.60 -10.88
CA ASP E 247 3.37 -21.11 -9.53
C ASP E 247 2.51 -22.05 -8.68
N GLY E 248 2.03 -23.15 -9.25
CA GLY E 248 1.27 -24.14 -8.50
C GLY E 248 -0.22 -24.13 -8.74
N ASN E 249 -0.76 -23.11 -9.43
CA ASN E 249 -2.18 -23.07 -9.71
C ASN E 249 -2.54 -24.03 -10.84
N LEU E 250 -3.81 -24.40 -10.88
CA LEU E 250 -4.33 -25.33 -11.87
C LEU E 250 -5.25 -24.60 -12.84
N ILE E 251 -5.17 -24.96 -14.12
CA ILE E 251 -5.97 -24.35 -15.17
C ILE E 251 -6.64 -25.46 -15.97
N THR E 252 -7.92 -25.27 -16.29
CA THR E 252 -8.72 -26.24 -17.02
C THR E 252 -8.80 -25.82 -18.47
N VAL E 253 -8.19 -26.59 -19.36
CA VAL E 253 -8.24 -26.34 -20.80
C VAL E 253 -9.33 -27.25 -21.38
N GLY E 254 -10.38 -26.63 -21.91
CA GLY E 254 -11.50 -27.38 -22.45
C GLY E 254 -11.66 -27.25 -23.95
N SER E 255 -12.59 -26.40 -24.38
CA SER E 255 -12.88 -26.22 -25.79
C SER E 255 -11.74 -25.56 -26.56
N GLU E 256 -10.74 -25.01 -25.87
CA GLU E 256 -9.64 -24.33 -26.53
C GLU E 256 -8.60 -25.28 -27.10
N ARG E 257 -8.77 -26.59 -26.91
CA ARG E 257 -7.79 -27.54 -27.41
C ARG E 257 -7.79 -27.61 -28.94
N PHE E 258 -8.96 -27.53 -29.58
CA PHE E 258 -9.05 -27.61 -31.03
C PHE E 258 -9.45 -26.30 -31.70
N ARG E 259 -9.94 -25.33 -30.94
CA ARG E 259 -10.29 -24.03 -31.52
C ARG E 259 -9.07 -23.19 -31.86
N CYS E 260 -7.93 -23.46 -31.24
CA CYS E 260 -6.72 -22.71 -31.52
C CYS E 260 -6.05 -23.15 -32.82
N PRO E 261 -5.82 -24.45 -33.06
CA PRO E 261 -5.20 -24.84 -34.34
C PRO E 261 -6.13 -24.73 -35.53
N GLU E 262 -7.43 -24.51 -35.31
CA GLU E 262 -8.38 -24.42 -36.42
C GLU E 262 -8.15 -23.18 -37.29
N ALA E 263 -7.40 -22.19 -36.79
CA ALA E 263 -7.13 -20.99 -37.57
C ALA E 263 -6.29 -21.26 -38.81
N LEU E 264 -5.58 -22.39 -38.87
CA LEU E 264 -4.82 -22.73 -40.06
C LEU E 264 -5.72 -22.96 -41.26
N PHE E 265 -6.83 -23.67 -41.07
CA PHE E 265 -7.76 -23.97 -42.14
C PHE E 265 -8.84 -22.91 -42.32
N ASN E 266 -8.91 -21.93 -41.44
CA ASN E 266 -9.88 -20.83 -41.54
C ASN E 266 -9.26 -19.59 -40.92
N PRO E 267 -8.45 -18.85 -41.68
CA PRO E 267 -7.77 -17.68 -41.12
C PRO E 267 -8.69 -16.52 -40.78
N THR E 268 -9.99 -16.60 -41.10
CA THR E 268 -10.91 -15.52 -40.75
C THR E 268 -11.16 -15.43 -39.25
N LEU E 269 -10.84 -16.48 -38.50
CA LEU E 269 -11.00 -16.44 -37.05
C LEU E 269 -10.07 -15.41 -36.41
N ILE E 270 -8.84 -15.30 -36.91
CA ILE E 270 -7.87 -14.36 -36.38
C ILE E 270 -7.84 -13.05 -37.18
N GLY E 271 -8.87 -12.79 -37.96
CA GLY E 271 -8.96 -11.57 -38.73
C GLY E 271 -7.93 -11.43 -39.83
N ARG E 272 -7.71 -12.50 -40.58
CA ARG E 272 -6.78 -12.48 -41.70
C ARG E 272 -7.52 -12.84 -42.97
N GLU E 273 -7.28 -12.07 -44.03
CA GLU E 273 -7.94 -12.27 -45.32
C GLU E 273 -7.25 -13.32 -46.18
N CYS E 274 -6.07 -13.79 -45.79
CA CYS E 274 -5.37 -14.79 -46.57
C CYS E 274 -6.12 -16.12 -46.52
N PRO E 275 -6.02 -16.93 -47.58
CA PRO E 275 -6.69 -18.22 -47.59
C PRO E 275 -6.02 -19.21 -46.65
N GLY E 276 -6.70 -20.34 -46.45
CA GLY E 276 -6.20 -21.38 -45.56
C GLY E 276 -5.02 -22.14 -46.12
N LEU E 277 -4.73 -23.30 -45.53
CA LEU E 277 -3.60 -24.12 -45.96
C LEU E 277 -3.94 -25.00 -47.15
N HIS E 278 -5.07 -25.71 -47.09
CA HIS E 278 -5.48 -26.56 -48.21
C HIS E 278 -5.79 -25.73 -49.45
N ILE E 279 -6.43 -24.57 -49.27
CA ILE E 279 -6.71 -23.69 -50.40
C ILE E 279 -5.42 -23.20 -51.03
N THR E 280 -4.45 -22.82 -50.20
CA THR E 280 -3.15 -22.37 -50.72
C THR E 280 -2.46 -23.49 -51.50
N ALA E 281 -2.48 -24.70 -50.95
CA ALA E 281 -1.85 -25.83 -51.64
C ALA E 281 -2.53 -26.10 -52.98
N TYR E 282 -3.87 -26.07 -53.00
CA TYR E 282 -4.60 -26.30 -54.24
C TYR E 282 -4.29 -25.22 -55.28
N GLN E 283 -4.22 -23.97 -54.84
CA GLN E 283 -3.89 -22.88 -55.76
C GLN E 283 -2.47 -23.03 -56.30
N SER E 284 -1.54 -23.46 -55.44
CA SER E 284 -0.17 -23.68 -55.89
C SER E 284 -0.07 -24.84 -56.87
N ILE E 285 -0.86 -25.88 -56.71
CA ILE E 285 -0.85 -27.00 -57.64
C ILE E 285 -1.43 -26.60 -59.00
N MET E 286 -2.52 -25.84 -59.00
CA MET E 286 -3.19 -25.43 -60.24
C MET E 286 -2.38 -24.44 -61.07
N LYS E 287 -1.30 -23.84 -60.56
CA LYS E 287 -0.50 -22.92 -61.36
C LYS E 287 0.57 -23.63 -62.19
N CYS E 288 0.70 -24.94 -62.06
CA CYS E 288 1.65 -25.71 -62.84
C CYS E 288 0.98 -26.24 -64.10
N ASP E 289 1.75 -26.97 -64.91
CA ASP E 289 1.23 -27.54 -66.14
C ASP E 289 0.28 -28.69 -65.83
N ILE E 290 -0.54 -29.04 -66.82
CA ILE E 290 -1.59 -30.04 -66.62
C ILE E 290 -1.00 -31.41 -66.33
N ASP E 291 0.07 -31.77 -67.03
CA ASP E 291 0.66 -33.10 -66.88
C ASP E 291 1.50 -33.22 -65.61
N ILE E 292 1.77 -32.12 -64.92
CA ILE E 292 2.61 -32.14 -63.72
C ILE E 292 1.75 -32.35 -62.48
N ARG E 293 0.47 -31.98 -62.58
CA ARG E 293 -0.39 -31.98 -61.40
C ARG E 293 -0.59 -33.37 -60.82
N LYS E 294 -0.60 -34.40 -61.68
CA LYS E 294 -0.86 -35.76 -61.21
C LYS E 294 0.21 -36.22 -60.24
N GLU E 295 1.48 -35.94 -60.54
CA GLU E 295 2.56 -36.34 -59.65
C GLU E 295 2.60 -35.48 -58.39
N LEU E 296 2.23 -34.20 -58.51
CA LEU E 296 2.24 -33.33 -57.34
C LEU E 296 1.14 -33.72 -56.35
N TYR E 297 0.00 -34.19 -56.86
CA TYR E 297 -1.08 -34.60 -55.97
C TYR E 297 -0.73 -35.82 -55.13
N ASN E 298 0.32 -36.56 -55.51
CA ASN E 298 0.67 -37.80 -54.84
C ASN E 298 1.91 -37.68 -53.97
N ASN E 299 2.51 -36.50 -53.88
CA ASN E 299 3.75 -36.31 -53.12
C ASN E 299 3.68 -35.04 -52.28
N ILE E 300 2.58 -34.89 -51.53
CA ILE E 300 2.41 -33.75 -50.63
C ILE E 300 3.23 -33.99 -49.37
N VAL E 301 4.33 -33.24 -49.22
CA VAL E 301 5.22 -33.42 -48.08
C VAL E 301 4.98 -32.29 -47.08
N LEU E 302 4.83 -32.66 -45.80
CA LEU E 302 4.64 -31.71 -44.73
C LEU E 302 5.95 -31.53 -43.97
N SER E 303 6.25 -30.29 -43.58
CA SER E 303 7.47 -29.99 -42.84
C SER E 303 7.24 -28.79 -41.95
N GLY E 304 8.05 -28.66 -40.91
CA GLY E 304 7.96 -27.54 -40.00
C GLY E 304 7.43 -27.93 -38.63
N GLY E 305 7.65 -27.06 -37.64
CA GLY E 305 7.18 -27.36 -36.30
C GLY E 305 5.69 -27.16 -36.11
N THR E 306 5.09 -26.29 -36.90
CA THR E 306 3.66 -26.01 -36.79
C THR E 306 2.79 -27.15 -37.31
N THR E 307 3.38 -28.12 -37.99
CA THR E 307 2.65 -29.28 -38.50
C THR E 307 2.77 -30.49 -37.59
N MET E 308 3.10 -30.30 -36.32
CA MET E 308 3.29 -31.38 -35.36
C MET E 308 2.06 -31.62 -34.51
N TYR E 309 0.87 -31.27 -35.00
CA TYR E 309 -0.36 -31.51 -34.29
C TYR E 309 -0.81 -32.95 -34.52
N ASN E 310 -1.96 -33.30 -33.95
CA ASN E 310 -2.53 -34.64 -34.11
C ASN E 310 -3.68 -34.60 -35.10
N ASN E 311 -3.80 -35.69 -35.88
CA ASN E 311 -4.83 -35.83 -36.89
C ASN E 311 -4.79 -34.68 -37.89
N ILE E 312 -3.60 -34.25 -38.27
CA ILE E 312 -3.46 -33.19 -39.27
C ILE E 312 -3.39 -33.76 -40.68
N GLY E 313 -2.70 -34.90 -40.85
CA GLY E 313 -2.62 -35.50 -42.17
C GLY E 313 -3.97 -35.97 -42.68
N GLU E 314 -4.78 -36.59 -41.81
CA GLU E 314 -6.10 -37.05 -42.21
C GLU E 314 -7.00 -35.86 -42.58
N ARG E 315 -6.95 -34.80 -41.79
CA ARG E 315 -7.74 -33.60 -42.10
C ARG E 315 -7.32 -32.99 -43.43
N LEU E 316 -6.01 -32.91 -43.67
CA LEU E 316 -5.53 -32.36 -44.93
C LEU E 316 -5.95 -33.24 -46.11
N THR E 317 -5.87 -34.55 -45.95
CA THR E 317 -6.31 -35.46 -47.01
C THR E 317 -7.79 -35.30 -47.30
N LYS E 318 -8.60 -35.20 -46.24
CA LYS E 318 -10.03 -35.02 -46.45
C LYS E 318 -10.34 -33.70 -47.15
N GLU E 319 -9.64 -32.63 -46.77
CA GLU E 319 -9.87 -31.34 -47.41
C GLU E 319 -9.44 -31.37 -48.88
N MET E 320 -8.30 -32.00 -49.17
CA MET E 320 -7.82 -32.06 -50.55
C MET E 320 -8.72 -32.95 -51.41
N THR E 321 -9.33 -33.97 -50.81
CA THR E 321 -10.20 -34.87 -51.58
C THR E 321 -11.40 -34.11 -52.14
N ASN E 322 -11.99 -33.21 -51.35
CA ASN E 322 -13.16 -32.47 -51.80
C ASN E 322 -12.84 -31.42 -52.86
N LEU E 323 -11.56 -31.12 -53.10
CA LEU E 323 -11.17 -30.14 -54.11
C LEU E 323 -10.58 -30.80 -55.34
N ALA E 324 -9.72 -31.80 -55.17
CA ALA E 324 -9.12 -32.49 -56.30
C ALA E 324 -10.17 -33.32 -57.04
N PRO E 325 -9.95 -33.58 -58.33
CA PRO E 325 -10.89 -34.42 -59.08
C PRO E 325 -10.96 -35.83 -58.51
N SER E 326 -12.12 -36.46 -58.70
CA SER E 326 -12.42 -37.75 -58.10
C SER E 326 -11.66 -38.91 -58.73
N SER E 327 -10.72 -38.64 -59.65
CA SER E 327 -9.92 -39.68 -60.27
C SER E 327 -8.44 -39.59 -59.87
N MET E 328 -8.09 -38.73 -58.91
CA MET E 328 -6.73 -38.57 -58.46
C MET E 328 -6.52 -39.26 -57.12
N LYS E 329 -5.25 -39.56 -56.83
CA LYS E 329 -4.85 -40.19 -55.57
CA LYS E 329 -4.85 -40.19 -55.58
C LYS E 329 -4.08 -39.17 -54.74
N ILE E 330 -4.59 -38.86 -53.56
CA ILE E 330 -3.96 -37.90 -52.67
C ILE E 330 -3.29 -38.67 -51.53
N LYS E 331 -1.99 -38.40 -51.32
CA LYS E 331 -1.24 -39.04 -50.25
C LYS E 331 -0.40 -37.99 -49.56
N VAL E 332 -0.74 -37.69 -48.31
CA VAL E 332 -0.01 -36.71 -47.51
C VAL E 332 1.13 -37.43 -46.80
N ILE E 333 2.32 -36.88 -46.89
CA ILE E 333 3.53 -37.48 -46.33
C ILE E 333 3.90 -36.67 -45.09
N ALA E 334 3.67 -37.25 -43.92
CA ALA E 334 4.01 -36.64 -42.64
C ALA E 334 4.88 -37.61 -41.86
N PRO E 335 6.16 -37.72 -42.19
CA PRO E 335 7.03 -38.66 -41.48
C PRO E 335 7.33 -38.19 -40.08
N PRO E 336 7.74 -39.08 -39.18
CA PRO E 336 8.17 -38.64 -37.85
C PRO E 336 9.41 -37.77 -37.95
N GLU E 337 9.76 -37.15 -36.81
CA GLU E 337 10.91 -36.25 -36.66
C GLU E 337 11.00 -35.20 -37.76
N ARG E 338 9.87 -34.84 -38.36
CA ARG E 338 9.82 -33.85 -39.43
C ARG E 338 10.09 -32.43 -38.94
N LYS E 339 10.14 -32.19 -37.63
CA LYS E 339 10.47 -30.87 -37.11
C LYS E 339 11.91 -30.47 -37.38
N TYR E 340 12.80 -31.44 -37.62
CA TYR E 340 14.18 -31.16 -37.94
C TYR E 340 14.53 -31.57 -39.37
N SER E 341 13.54 -31.59 -40.27
CA SER E 341 13.78 -32.06 -41.63
C SER E 341 14.74 -31.15 -42.37
N VAL E 342 14.65 -29.84 -42.15
CA VAL E 342 15.51 -28.90 -42.86
C VAL E 342 16.97 -29.15 -42.52
N TRP E 343 17.27 -29.36 -41.23
CA TRP E 343 18.65 -29.61 -40.82
C TRP E 343 19.17 -30.91 -41.40
N ILE E 344 18.34 -31.95 -41.41
CA ILE E 344 18.76 -33.23 -41.97
C ILE E 344 19.05 -33.10 -43.46
N GLY E 345 18.18 -32.38 -44.18
CA GLY E 345 18.41 -32.16 -45.59
C GLY E 345 19.67 -31.37 -45.86
N GLY E 346 19.94 -30.34 -45.04
CA GLY E 346 21.17 -29.60 -45.19
C GLY E 346 22.40 -30.44 -44.92
N SER E 347 22.34 -31.30 -43.90
CA SER E 347 23.46 -32.20 -43.61
C SER E 347 23.69 -33.17 -44.76
N ILE E 348 22.61 -33.71 -45.34
CA ILE E 348 22.75 -34.62 -46.47
C ILE E 348 23.36 -33.90 -47.66
N LEU E 349 22.89 -32.68 -47.94
CA LEU E 349 23.41 -31.93 -49.08
C LEU E 349 24.88 -31.58 -48.90
N SER E 350 25.27 -31.19 -47.68
CA SER E 350 26.65 -30.77 -47.44
C SER E 350 27.64 -31.93 -47.48
N SER E 351 27.17 -33.18 -47.46
CA SER E 351 28.03 -34.35 -47.45
C SER E 351 28.17 -34.99 -48.82
N LEU E 352 27.79 -34.27 -49.88
CA LEU E 352 27.88 -34.78 -51.24
C LEU E 352 29.12 -34.24 -51.93
N SER E 353 29.79 -35.09 -52.71
CA SER E 353 31.01 -34.68 -53.40
C SER E 353 30.71 -33.66 -54.49
N THR E 354 29.55 -33.78 -55.15
CA THR E 354 29.20 -32.84 -56.21
C THR E 354 28.97 -31.43 -55.67
N PHE E 355 28.62 -31.30 -54.39
CA PHE E 355 28.37 -30.01 -53.77
C PHE E 355 29.65 -29.31 -53.33
N GLN E 356 30.79 -30.00 -53.35
CA GLN E 356 32.04 -29.44 -52.85
C GLN E 356 32.58 -28.31 -53.73
N GLN E 357 31.91 -28.00 -54.85
CA GLN E 357 32.34 -26.92 -55.73
C GLN E 357 31.50 -25.66 -55.58
N MET E 358 30.22 -25.79 -55.22
CA MET E 358 29.32 -24.64 -55.10
C MET E 358 29.49 -23.99 -53.74
N TRP E 359 30.62 -23.30 -53.58
CA TRP E 359 30.92 -22.55 -52.37
C TRP E 359 31.39 -21.16 -52.75
N ILE E 360 31.19 -20.22 -51.81
CA ILE E 360 31.66 -18.86 -52.00
C ILE E 360 32.96 -18.69 -51.21
N THR E 361 34.09 -18.73 -51.90
CA THR E 361 35.37 -18.60 -51.22
C THR E 361 35.65 -17.15 -50.85
N LYS E 362 36.68 -16.97 -50.02
CA LYS E 362 37.04 -15.62 -49.58
C LYS E 362 37.48 -14.75 -50.75
N GLU E 363 38.26 -15.31 -51.67
CA GLU E 363 38.77 -14.54 -52.80
C GLU E 363 37.64 -14.03 -53.69
N GLU E 364 36.65 -14.89 -53.96
CA GLU E 364 35.53 -14.48 -54.82
C GLU E 364 34.73 -13.35 -54.17
N TYR E 365 34.46 -13.46 -52.86
CA TYR E 365 33.74 -12.40 -52.17
C TYR E 365 34.54 -11.11 -52.16
N GLU E 366 35.85 -11.21 -51.93
CA GLU E 366 36.68 -10.01 -51.89
C GLU E 366 36.79 -9.33 -53.25
N ASP E 367 36.80 -10.09 -54.33
CA ASP E 367 36.94 -9.51 -55.68
C ASP E 367 35.60 -9.01 -56.19
N SER E 368 34.62 -9.89 -56.30
CA SER E 368 33.32 -9.52 -56.86
C SER E 368 32.53 -8.60 -55.95
N GLY E 369 32.53 -8.86 -54.65
CA GLY E 369 31.77 -8.06 -53.72
C GLY E 369 30.63 -8.83 -53.09
N PRO E 370 29.83 -8.16 -52.27
CA PRO E 370 28.71 -8.85 -51.59
C PRO E 370 27.62 -9.31 -52.53
N SER E 371 27.55 -8.79 -53.76
CA SER E 371 26.48 -9.14 -54.69
C SER E 371 26.65 -10.54 -55.28
N ILE E 372 27.80 -11.19 -55.09
CA ILE E 372 28.03 -12.50 -55.66
C ILE E 372 27.02 -13.52 -55.15
N VAL E 373 26.47 -13.31 -53.94
CA VAL E 373 25.46 -14.21 -53.39
C VAL E 373 24.20 -14.25 -54.23
N HIS E 374 24.02 -13.29 -55.14
CA HIS E 374 22.88 -13.26 -56.03
C HIS E 374 23.13 -14.02 -57.33
N ARG E 375 24.31 -14.60 -57.50
CA ARG E 375 24.64 -15.34 -58.71
CA ARG E 375 24.66 -15.33 -58.71
C ARG E 375 25.06 -16.78 -58.47
N LYS E 376 25.51 -17.14 -57.26
CA LYS E 376 25.91 -18.50 -56.97
C LYS E 376 25.04 -19.22 -55.96
N CYS E 377 24.17 -18.48 -55.26
CA CYS E 377 23.29 -19.06 -54.24
C CYS E 377 21.85 -18.84 -54.68
N PHE E 378 21.05 -19.91 -54.64
CA PHE E 378 19.64 -19.82 -54.97
C PHE E 378 18.82 -20.68 -54.03
N ALA F 7 -34.95 6.75 -81.50
CA ALA F 7 -34.50 6.88 -80.12
C ALA F 7 -32.99 6.77 -80.02
N VAL F 8 -32.40 7.54 -79.09
CA VAL F 8 -30.95 7.49 -78.90
C VAL F 8 -30.58 6.16 -78.28
N ALA F 9 -29.55 5.53 -78.83
CA ALA F 9 -29.09 4.23 -78.36
C ALA F 9 -28.12 4.37 -77.20
N LEU F 10 -27.99 3.29 -76.43
CA LEU F 10 -27.08 3.23 -75.30
C LEU F 10 -25.86 2.41 -75.70
N VAL F 11 -24.67 2.98 -75.51
CA VAL F 11 -23.41 2.30 -75.79
C VAL F 11 -22.84 1.90 -74.45
N VAL F 12 -22.78 0.59 -74.20
CA VAL F 12 -22.27 0.06 -72.94
C VAL F 12 -21.15 -0.93 -73.21
N ASP F 13 -19.90 -0.48 -73.06
CA ASP F 13 -18.73 -1.34 -73.22
C ASP F 13 -18.37 -1.88 -71.84
N ASN F 14 -18.67 -3.16 -71.62
CA ASN F 14 -18.36 -3.82 -70.37
C ASN F 14 -17.14 -4.71 -70.55
N GLY F 15 -16.14 -4.52 -69.69
CA GLY F 15 -14.92 -5.30 -69.76
C GLY F 15 -14.54 -5.91 -68.43
N SER F 16 -13.29 -6.34 -68.30
CA SER F 16 -12.84 -6.95 -67.05
C SER F 16 -12.66 -5.88 -65.96
N GLY F 17 -11.79 -4.92 -66.22
CA GLY F 17 -11.49 -3.90 -65.22
C GLY F 17 -12.52 -2.80 -65.12
N MET F 18 -12.70 -2.04 -66.19
CA MET F 18 -13.59 -0.89 -66.18
C MET F 18 -14.81 -1.13 -67.06
N VAL F 19 -15.87 -0.35 -66.82
CA VAL F 19 -17.08 -0.38 -67.61
C VAL F 19 -17.36 1.05 -68.05
N LYS F 20 -17.56 1.24 -69.36
CA LYS F 20 -17.90 2.54 -69.92
C LYS F 20 -19.33 2.51 -70.42
N SER F 21 -20.06 3.61 -70.21
CA SER F 21 -21.44 3.69 -70.65
C SER F 21 -21.75 5.12 -71.06
N GLY F 22 -22.58 5.25 -72.09
CA GLY F 22 -22.95 6.56 -72.57
C GLY F 22 -24.05 6.49 -73.61
N LEU F 23 -24.38 7.65 -74.15
CA LEU F 23 -25.40 7.79 -75.18
C LEU F 23 -24.74 7.87 -76.55
N ALA F 24 -25.33 7.19 -77.52
CA ALA F 24 -24.79 7.21 -78.88
C ALA F 24 -25.01 8.58 -79.50
N GLY F 25 -23.91 9.26 -79.81
CA GLY F 25 -23.97 10.59 -80.38
C GLY F 25 -22.95 11.54 -79.81
N ASP F 26 -22.39 11.20 -78.66
CA ASP F 26 -21.38 12.01 -78.01
C ASP F 26 -19.99 11.56 -78.43
N ASP F 27 -18.98 12.36 -78.07
CA ASP F 27 -17.60 12.09 -78.43
C ASP F 27 -16.79 11.56 -77.26
N ALA F 28 -17.42 11.26 -76.13
CA ALA F 28 -16.73 10.75 -74.96
C ALA F 28 -17.70 9.98 -74.07
N PRO F 29 -17.25 8.92 -73.40
CA PRO F 29 -18.15 8.18 -72.51
C PRO F 29 -18.60 9.04 -71.35
N LYS F 30 -19.82 8.77 -70.89
CA LYS F 30 -20.41 9.55 -69.80
C LYS F 30 -20.11 8.98 -68.42
N CYS F 31 -20.16 7.66 -68.26
CA CYS F 31 -19.93 7.01 -66.96
C CYS F 31 -18.88 5.93 -67.12
N VAL F 32 -17.73 6.11 -66.49
CA VAL F 32 -16.62 5.15 -66.54
C VAL F 32 -16.36 4.73 -65.10
N PHE F 33 -16.66 3.47 -64.77
CA PHE F 33 -16.43 3.06 -63.39
C PHE F 33 -15.92 1.62 -63.32
N PRO F 34 -15.17 1.27 -62.29
CA PRO F 34 -14.68 -0.11 -62.17
C PRO F 34 -15.82 -1.09 -61.95
N SER F 35 -15.62 -2.30 -62.47
CA SER F 35 -16.60 -3.37 -62.40
C SER F 35 -16.22 -4.30 -61.25
N ILE F 36 -16.54 -3.88 -60.03
CA ILE F 36 -16.27 -4.67 -58.84
C ILE F 36 -17.53 -4.75 -58.01
N VAL F 37 -17.65 -5.81 -57.22
CA VAL F 37 -18.75 -5.99 -56.28
C VAL F 37 -18.17 -6.16 -54.89
N GLY F 38 -18.60 -5.33 -53.95
CA GLY F 38 -18.07 -5.35 -52.60
C GLY F 38 -19.09 -5.90 -51.62
N ARG F 39 -18.60 -6.73 -50.69
CA ARG F 39 -19.45 -7.30 -49.66
C ARG F 39 -18.82 -7.10 -48.28
N PRO F 40 -19.62 -6.70 -47.29
CA PRO F 40 -19.05 -6.47 -45.95
C PRO F 40 -18.58 -7.77 -45.31
N LYS F 41 -17.54 -7.66 -44.48
CA LYS F 41 -17.00 -8.78 -43.76
C LYS F 41 -16.89 -8.55 -42.25
N MET F 42 -17.30 -7.39 -41.75
CA MET F 42 -17.23 -7.08 -40.33
C MET F 42 -18.63 -6.94 -39.74
N PRO F 43 -18.81 -7.25 -38.47
CA PRO F 43 -20.13 -7.09 -37.85
C PRO F 43 -20.54 -5.62 -37.78
N ASN F 44 -21.85 -5.38 -37.89
CA ASN F 44 -22.41 -4.04 -37.77
C ASN F 44 -23.04 -3.89 -36.39
N ILE F 45 -22.63 -2.87 -35.65
CA ILE F 45 -23.03 -2.68 -34.26
C ILE F 45 -23.70 -1.33 -34.03
N MET F 46 -23.67 -0.45 -35.03
CA MET F 46 -24.20 0.91 -34.88
C MET F 46 -25.63 0.91 -35.41
N ILE F 47 -26.60 0.79 -34.51
CA ILE F 47 -28.01 0.81 -34.87
C ILE F 47 -28.44 2.25 -35.12
N GLY F 48 -29.13 2.48 -36.22
CA GLY F 48 -29.62 3.80 -36.61
C GLY F 48 -29.25 4.23 -38.00
N MET F 49 -28.22 3.63 -38.60
CA MET F 49 -27.81 3.96 -39.95
C MET F 49 -28.35 2.94 -40.93
N GLU F 50 -28.58 3.38 -42.17
CA GLU F 50 -29.11 2.53 -43.23
C GLU F 50 -27.94 1.95 -44.03
N GLN F 51 -27.70 0.66 -43.86
CA GLN F 51 -26.62 -0.03 -44.56
C GLN F 51 -27.15 -0.75 -45.79
N LYS F 52 -26.23 -1.19 -46.63
CA LYS F 52 -26.56 -1.91 -47.85
C LYS F 52 -25.81 -3.24 -47.88
N GLU F 53 -26.45 -4.24 -48.49
CA GLU F 53 -25.90 -5.59 -48.53
C GLU F 53 -24.79 -5.76 -49.55
N CYS F 54 -24.64 -4.82 -50.50
CA CYS F 54 -23.61 -4.94 -51.52
C CYS F 54 -23.35 -3.56 -52.12
N TYR F 55 -22.07 -3.25 -52.33
CA TYR F 55 -21.67 -2.00 -52.95
C TYR F 55 -21.09 -2.29 -54.32
N VAL F 56 -21.54 -1.51 -55.32
CA VAL F 56 -21.13 -1.71 -56.70
C VAL F 56 -20.63 -0.38 -57.25
N GLY F 57 -19.45 -0.40 -57.84
CA GLY F 57 -18.92 0.78 -58.54
C GLY F 57 -17.97 1.58 -57.65
N ASP F 58 -18.12 2.91 -57.69
CA ASP F 58 -17.21 3.78 -56.94
C ASP F 58 -17.41 3.63 -55.44
N GLU F 59 -18.65 3.35 -55.01
CA GLU F 59 -18.92 3.19 -53.59
C GLU F 59 -18.16 2.00 -53.01
N ALA F 60 -18.07 0.91 -53.78
CA ALA F 60 -17.30 -0.24 -53.32
C ALA F 60 -15.81 0.08 -53.23
N GLN F 61 -15.29 0.87 -54.18
CA GLN F 61 -13.87 1.23 -54.17
C GLN F 61 -13.52 2.20 -53.05
N ASN F 62 -14.44 3.10 -52.69
CA ASN F 62 -14.16 4.07 -51.63
C ASN F 62 -14.09 3.41 -50.26
N LYS F 63 -15.00 2.46 -50.00
CA LYS F 63 -15.07 1.76 -48.72
C LYS F 63 -14.42 0.38 -48.78
N ARG F 64 -13.37 0.22 -49.58
CA ARG F 64 -12.76 -1.09 -49.76
C ARG F 64 -12.05 -1.59 -48.51
N GLY F 65 -11.87 -0.74 -47.50
CA GLY F 65 -11.19 -1.17 -46.29
C GLY F 65 -11.95 -2.24 -45.53
N ILE F 66 -13.29 -2.18 -45.55
CA ILE F 66 -14.11 -3.11 -44.79
C ILE F 66 -14.96 -3.94 -45.73
N LEU F 67 -14.52 -4.09 -46.98
CA LEU F 67 -15.26 -4.83 -47.98
C LEU F 67 -14.35 -5.83 -48.69
N THR F 68 -14.90 -6.97 -49.04
CA THR F 68 -14.24 -7.93 -49.93
C THR F 68 -14.73 -7.67 -51.34
N LEU F 69 -13.80 -7.53 -52.28
CA LEU F 69 -14.10 -7.14 -53.64
C LEU F 69 -13.96 -8.34 -54.58
N LYS F 70 -14.96 -8.52 -55.44
CA LYS F 70 -14.98 -9.59 -56.42
C LYS F 70 -15.18 -9.02 -57.81
N TYR F 71 -14.50 -9.61 -58.79
CA TYR F 71 -14.66 -9.26 -60.20
C TYR F 71 -15.56 -10.27 -60.87
N PRO F 72 -16.73 -9.88 -61.38
CA PRO F 72 -17.63 -10.84 -62.04
C PRO F 72 -17.19 -11.24 -63.44
N ILE F 73 -16.13 -10.66 -63.98
CA ILE F 73 -15.66 -10.98 -65.32
C ILE F 73 -14.19 -11.34 -65.24
N GLU F 74 -13.82 -12.50 -65.76
CA GLU F 74 -12.44 -12.94 -65.76
C GLU F 74 -12.04 -13.49 -67.13
N GLY F 76 -12.42 -12.05 -69.94
CA GLY F 76 -13.50 -11.75 -70.87
C GLY F 76 -14.69 -12.68 -70.79
N ILE F 77 -14.68 -13.56 -69.80
CA ILE F 77 -15.75 -14.54 -69.59
C ILE F 77 -16.41 -14.26 -68.25
N VAL F 78 -17.74 -14.19 -68.25
CA VAL F 78 -18.49 -13.91 -67.04
C VAL F 78 -18.55 -15.18 -66.20
N THR F 79 -18.12 -15.08 -64.94
CA THR F 79 -18.12 -16.22 -64.03
C THR F 79 -19.42 -16.30 -63.23
N ASN F 80 -19.79 -15.22 -62.56
CA ASN F 80 -21.02 -15.15 -61.79
C ASN F 80 -21.95 -14.15 -62.46
N TRP F 81 -23.16 -14.59 -62.79
CA TRP F 81 -24.10 -13.74 -63.50
C TRP F 81 -24.91 -12.83 -62.58
N ASP F 82 -25.03 -13.16 -61.30
CA ASP F 82 -25.75 -12.30 -60.37
C ASP F 82 -25.04 -10.97 -60.21
N ASP F 83 -23.71 -11.01 -60.04
CA ASP F 83 -22.94 -9.78 -59.91
C ASP F 83 -22.99 -8.95 -61.19
N MET F 84 -22.93 -9.61 -62.34
CA MET F 84 -23.01 -8.88 -63.61
C MET F 84 -24.38 -8.24 -63.77
N GLU F 85 -25.44 -8.94 -63.38
CA GLU F 85 -26.78 -8.36 -63.44
C GLU F 85 -26.90 -7.17 -62.50
N LYS F 86 -26.31 -7.26 -61.30
CA LYS F 86 -26.31 -6.11 -60.40
C LYS F 86 -25.55 -4.93 -60.99
N ILE F 87 -24.42 -5.19 -61.64
CA ILE F 87 -23.65 -4.11 -62.26
C ILE F 87 -24.45 -3.46 -63.38
N TRP F 88 -25.12 -4.27 -64.20
CA TRP F 88 -25.96 -3.72 -65.27
C TRP F 88 -27.09 -2.88 -64.70
N HIS F 89 -27.72 -3.36 -63.63
CA HIS F 89 -28.80 -2.60 -62.98
C HIS F 89 -28.28 -1.27 -62.44
N HIS F 90 -27.10 -1.28 -61.81
CA HIS F 90 -26.50 -0.06 -61.31
C HIS F 90 -26.19 0.91 -62.44
N THR F 91 -25.69 0.39 -63.56
CA THR F 91 -25.38 1.24 -64.70
C THR F 91 -26.64 1.87 -65.28
N PHE F 92 -27.70 1.08 -65.41
CA PHE F 92 -28.91 1.60 -66.06
C PHE F 92 -29.68 2.55 -65.17
N TYR F 93 -29.81 2.23 -63.88
CA TYR F 93 -30.72 2.95 -63.00
C TYR F 93 -30.03 4.01 -62.15
N ASN F 94 -28.72 3.95 -61.97
CA ASN F 94 -28.02 4.90 -61.11
C ASN F 94 -27.07 5.82 -61.88
N GLU F 95 -26.24 5.27 -62.76
CA GLU F 95 -25.27 6.08 -63.48
C GLU F 95 -25.94 6.88 -64.60
N LEU F 96 -26.53 6.18 -65.58
CA LEU F 96 -27.12 6.86 -66.72
C LEU F 96 -28.47 7.48 -66.37
N ARG F 97 -29.17 6.91 -65.39
CA ARG F 97 -30.49 7.37 -64.97
CA ARG F 97 -30.48 7.39 -64.97
C ARG F 97 -31.45 7.42 -66.15
N VAL F 98 -31.38 6.41 -67.02
CA VAL F 98 -32.28 6.30 -68.15
C VAL F 98 -33.02 4.97 -68.08
N SER F 99 -34.26 4.97 -68.53
CA SER F 99 -35.07 3.76 -68.50
C SER F 99 -34.59 2.78 -69.56
N PRO F 100 -34.20 1.56 -69.18
CA PRO F 100 -33.71 0.59 -70.18
C PRO F 100 -34.83 -0.11 -70.93
N GLU F 101 -35.82 0.66 -71.39
CA GLU F 101 -36.92 0.09 -72.15
C GLU F 101 -37.28 0.93 -73.38
N GLU F 102 -36.63 2.07 -73.60
CA GLU F 102 -36.88 2.91 -74.77
C GLU F 102 -35.60 3.21 -75.55
N HIS F 103 -34.52 2.45 -75.31
CA HIS F 103 -33.26 2.69 -75.97
C HIS F 103 -32.63 1.37 -76.37
N PRO F 104 -32.24 1.20 -77.63
CA PRO F 104 -31.55 -0.04 -78.04
C PRO F 104 -30.17 -0.12 -77.40
N VAL F 105 -29.69 -1.34 -77.19
CA VAL F 105 -28.43 -1.58 -76.51
C VAL F 105 -27.40 -2.09 -77.50
N LEU F 106 -26.17 -1.57 -77.39
CA LEU F 106 -25.05 -1.99 -78.23
C LEU F 106 -23.96 -2.50 -77.30
N LEU F 107 -23.74 -3.80 -77.29
CA LEU F 107 -22.77 -4.44 -76.43
C LEU F 107 -21.55 -4.88 -77.23
N THR F 108 -20.43 -5.06 -76.53
CA THR F 108 -19.16 -5.44 -77.13
C THR F 108 -18.71 -6.78 -76.56
N GLU F 109 -18.00 -7.54 -77.39
CA GLU F 109 -17.47 -8.83 -76.96
C GLU F 109 -16.13 -9.06 -77.65
N ALA F 110 -15.28 -9.87 -76.97
CA ALA F 110 -13.97 -10.25 -77.47
C ALA F 110 -14.09 -11.41 -78.47
N PRO F 111 -13.18 -11.51 -79.43
CA PRO F 111 -13.23 -12.62 -80.38
C PRO F 111 -12.90 -13.95 -79.71
N LEU F 112 -13.39 -15.02 -80.32
CA LEU F 112 -13.16 -16.39 -79.86
C LEU F 112 -13.68 -16.59 -78.43
N ASN F 113 -14.97 -16.35 -78.26
CA ASN F 113 -15.64 -16.54 -76.98
C ASN F 113 -16.67 -17.67 -77.07
N PRO F 114 -16.96 -18.32 -75.94
CA PRO F 114 -17.97 -19.39 -75.96
C PRO F 114 -19.35 -18.84 -76.34
N LYS F 115 -20.12 -19.70 -77.00
CA LYS F 115 -21.46 -19.30 -77.45
C LYS F 115 -22.40 -19.07 -76.27
N THR F 116 -22.23 -19.85 -75.19
CA THR F 116 -23.09 -19.73 -74.03
C THR F 116 -23.04 -18.33 -73.42
N ASN F 117 -21.88 -17.67 -73.48
CA ASN F 117 -21.79 -16.31 -72.95
C ASN F 117 -22.73 -15.37 -73.69
N ARG F 118 -22.68 -15.38 -75.02
CA ARG F 118 -23.57 -14.54 -75.81
C ARG F 118 -25.03 -14.92 -75.60
N GLU F 119 -25.33 -16.22 -75.53
CA GLU F 119 -26.70 -16.66 -75.35
C GLU F 119 -27.26 -16.17 -74.02
N LYS F 120 -26.50 -16.33 -72.94
CA LYS F 120 -26.97 -15.87 -71.64
C LYS F 120 -27.06 -14.35 -71.58
N MET F 121 -26.12 -13.64 -72.22
CA MET F 121 -26.20 -12.19 -72.24
C MET F 121 -27.47 -11.72 -72.94
N THR F 122 -27.78 -12.30 -74.10
CA THR F 122 -28.99 -11.93 -74.82
C THR F 122 -30.25 -12.29 -74.03
N GLN F 123 -30.25 -13.46 -73.39
CA GLN F 123 -31.41 -13.87 -72.61
C GLN F 123 -31.64 -12.91 -71.44
N ILE F 124 -30.58 -12.51 -70.75
CA ILE F 124 -30.72 -11.57 -69.63
C ILE F 124 -31.20 -10.22 -70.14
N MET F 125 -30.65 -9.76 -71.25
CA MET F 125 -31.06 -8.45 -71.78
C MET F 125 -32.52 -8.45 -72.20
N PHE F 126 -33.00 -9.56 -72.77
CA PHE F 126 -34.37 -9.56 -73.27
C PHE F 126 -35.41 -9.93 -72.22
N GLU F 127 -35.02 -10.70 -71.19
CA GLU F 127 -36.00 -11.20 -70.23
C GLU F 127 -35.98 -10.49 -68.89
N THR F 128 -34.93 -9.73 -68.58
CA THR F 128 -34.85 -9.02 -67.31
C THR F 128 -35.10 -7.52 -67.47
N PHE F 129 -34.35 -6.86 -68.36
CA PHE F 129 -34.55 -5.43 -68.58
C PHE F 129 -35.58 -5.13 -69.65
N ASP F 130 -35.97 -6.13 -70.44
CA ASP F 130 -36.99 -5.99 -71.49
C ASP F 130 -36.64 -4.85 -72.45
N VAL F 131 -35.42 -4.93 -72.99
CA VAL F 131 -34.94 -3.94 -73.95
C VAL F 131 -35.67 -4.16 -75.28
N PRO F 132 -35.92 -3.09 -76.05
CA PRO F 132 -36.60 -3.28 -77.34
C PRO F 132 -35.75 -4.03 -78.35
N ALA F 133 -34.50 -3.63 -78.50
CA ALA F 133 -33.57 -4.27 -79.43
C ALA F 133 -32.17 -4.21 -78.87
N MET F 134 -31.31 -5.10 -79.35
CA MET F 134 -29.92 -5.16 -78.91
C MET F 134 -29.05 -5.67 -80.05
N TYR F 135 -27.76 -5.37 -79.95
CA TYR F 135 -26.80 -5.84 -80.94
C TYR F 135 -25.44 -6.00 -80.27
N VAL F 136 -24.75 -7.09 -80.59
CA VAL F 136 -23.45 -7.41 -80.03
C VAL F 136 -22.41 -7.36 -81.14
N SER F 137 -21.29 -6.67 -80.88
CA SER F 137 -20.26 -6.50 -81.89
C SER F 137 -18.89 -6.78 -81.31
N ILE F 138 -17.95 -7.11 -82.19
CA ILE F 138 -16.56 -7.32 -81.78
C ILE F 138 -15.89 -5.99 -81.50
N GLN F 139 -14.97 -5.99 -80.53
CA GLN F 139 -14.32 -4.76 -80.10
C GLN F 139 -13.35 -4.24 -81.17
N ALA F 140 -12.70 -5.13 -81.90
CA ALA F 140 -11.73 -4.71 -82.90
C ALA F 140 -12.40 -3.94 -84.04
N ILE F 141 -13.60 -4.35 -84.44
CA ILE F 141 -14.32 -3.64 -85.49
C ILE F 141 -14.62 -2.21 -85.05
N LEU F 142 -15.09 -2.03 -83.82
CA LEU F 142 -15.35 -0.69 -83.31
C LEU F 142 -14.08 0.13 -83.18
N SER F 143 -12.98 -0.50 -82.75
CA SER F 143 -11.70 0.19 -82.68
C SER F 143 -11.24 0.68 -84.04
N LEU F 144 -11.41 -0.13 -85.08
CA LEU F 144 -11.08 0.32 -86.44
C LEU F 144 -12.05 1.37 -86.95
N TYR F 145 -13.32 1.30 -86.56
CA TYR F 145 -14.27 2.35 -86.92
C TYR F 145 -13.88 3.69 -86.32
N ALA F 146 -13.42 3.68 -85.07
CA ALA F 146 -13.10 4.92 -84.38
C ALA F 146 -11.96 5.68 -85.05
N SER F 147 -11.05 4.96 -85.71
CA SER F 147 -9.91 5.59 -86.37
C SER F 147 -10.24 6.11 -87.76
N GLY F 148 -11.45 5.86 -88.26
CA GLY F 148 -11.82 6.31 -89.59
C GLY F 148 -11.05 5.66 -90.72
N ARG F 149 -10.70 4.39 -90.58
CA ARG F 149 -9.96 3.65 -91.58
C ARG F 149 -10.74 2.42 -92.00
N THR F 150 -10.26 1.76 -93.06
CA THR F 150 -10.87 0.54 -93.56
C THR F 150 -9.91 -0.64 -93.63
N THR F 151 -8.60 -0.40 -93.60
CA THR F 151 -7.60 -1.46 -93.67
C THR F 151 -6.59 -1.26 -92.56
N GLY F 152 -6.29 -2.33 -91.83
CA GLY F 152 -5.30 -2.27 -90.78
C GLY F 152 -5.39 -3.48 -89.87
N ILE F 153 -4.38 -3.60 -89.02
CA ILE F 153 -4.31 -4.66 -88.02
C ILE F 153 -4.46 -4.01 -86.65
N VAL F 154 -5.44 -4.49 -85.88
CA VAL F 154 -5.75 -3.92 -84.57
C VAL F 154 -5.16 -4.83 -83.50
N LEU F 155 -4.29 -4.26 -82.67
CA LEU F 155 -3.71 -4.92 -81.52
C LEU F 155 -4.39 -4.34 -80.28
N ASP F 156 -5.38 -5.05 -79.74
CA ASP F 156 -6.13 -4.57 -78.59
C ASP F 156 -5.63 -5.29 -77.34
N SER F 157 -5.42 -4.52 -76.28
CA SER F 157 -4.95 -5.06 -75.01
C SER F 157 -5.72 -4.39 -73.88
N GLY F 158 -6.61 -5.14 -73.24
CA GLY F 158 -7.42 -4.59 -72.18
C GLY F 158 -6.94 -4.97 -70.79
N ASP F 159 -7.84 -5.47 -69.95
CA ASP F 159 -7.51 -5.84 -68.59
C ASP F 159 -7.27 -7.34 -68.41
N GLY F 160 -7.94 -8.18 -69.18
CA GLY F 160 -7.75 -9.62 -69.06
C GLY F 160 -7.35 -10.33 -70.34
N VAL F 161 -7.69 -9.76 -71.49
CA VAL F 161 -7.51 -10.41 -72.78
C VAL F 161 -6.82 -9.45 -73.74
N SER F 162 -5.83 -9.96 -74.46
CA SER F 162 -5.16 -9.20 -75.52
C SER F 162 -5.28 -9.96 -76.83
N HIS F 163 -5.81 -9.31 -77.85
CA HIS F 163 -6.09 -9.97 -79.12
C HIS F 163 -5.58 -9.13 -80.28
N THR F 164 -5.47 -9.79 -81.43
CA THR F 164 -4.98 -9.22 -82.68
C THR F 164 -5.92 -9.59 -83.80
N VAL F 165 -6.41 -8.60 -84.53
CA VAL F 165 -7.38 -8.82 -85.61
C VAL F 165 -6.99 -8.02 -86.84
N PRO F 166 -6.72 -8.66 -87.97
CA PRO F 166 -6.48 -7.90 -89.21
C PRO F 166 -7.74 -7.75 -90.04
N ILE F 167 -7.84 -6.61 -90.72
CA ILE F 167 -8.96 -6.31 -91.61
C ILE F 167 -8.40 -5.65 -92.87
N TYR F 168 -8.86 -6.10 -94.03
CA TYR F 168 -8.39 -5.56 -95.30
C TYR F 168 -9.59 -5.12 -96.13
N GLU F 169 -9.72 -3.81 -96.36
CA GLU F 169 -10.76 -3.24 -97.21
C GLU F 169 -12.16 -3.67 -96.80
N GLY F 170 -12.41 -3.72 -95.49
CA GLY F 170 -13.70 -4.10 -94.98
C GLY F 170 -13.96 -5.58 -94.86
N TYR F 171 -12.98 -6.42 -95.19
CA TYR F 171 -13.11 -7.87 -95.10
C TYR F 171 -12.16 -8.39 -94.03
N VAL F 172 -12.71 -9.09 -93.05
CA VAL F 172 -11.92 -9.64 -91.95
C VAL F 172 -11.43 -11.03 -92.34
N LEU F 173 -10.24 -11.40 -91.85
CA LEU F 173 -9.69 -12.72 -92.08
C LEU F 173 -9.75 -13.52 -90.79
N PRO F 174 -10.80 -14.33 -90.59
CA PRO F 174 -10.94 -15.04 -89.31
C PRO F 174 -9.83 -16.04 -89.03
N HIS F 175 -9.13 -16.51 -90.05
CA HIS F 175 -8.10 -17.53 -89.84
C HIS F 175 -6.81 -16.90 -89.35
N ALA F 176 -6.75 -15.57 -89.27
CA ALA F 176 -5.56 -14.86 -88.84
C ALA F 176 -5.84 -14.00 -87.62
N ILE F 177 -6.76 -14.45 -86.76
CA ILE F 177 -7.12 -13.74 -85.54
C ILE F 177 -6.46 -14.44 -84.36
N ASN F 178 -5.76 -13.68 -83.53
CA ASN F 178 -5.05 -14.23 -82.38
C ASN F 178 -5.62 -13.68 -81.09
N ARG F 179 -5.52 -14.48 -80.02
CA ARG F 179 -6.01 -14.07 -78.71
C ARG F 179 -5.20 -14.79 -77.63
N ILE F 180 -4.67 -14.02 -76.67
CA ILE F 180 -3.96 -14.58 -75.54
C ILE F 180 -4.45 -13.88 -74.26
N ASP F 181 -4.44 -14.63 -73.16
CA ASP F 181 -4.92 -14.12 -71.87
C ASP F 181 -3.69 -13.66 -71.07
N MET F 182 -3.24 -12.45 -71.40
CA MET F 182 -2.12 -11.84 -70.69
C MET F 182 -2.25 -10.33 -70.83
N ALA F 183 -2.59 -9.66 -69.74
CA ALA F 183 -2.94 -8.24 -69.79
C ALA F 183 -2.51 -7.59 -68.48
N GLY F 184 -3.11 -6.43 -68.18
CA GLY F 184 -2.61 -5.60 -67.09
C GLY F 184 -2.68 -6.27 -65.73
N ARG F 185 -3.56 -7.26 -65.56
CA ARG F 185 -3.66 -7.95 -64.28
C ARG F 185 -2.39 -8.74 -63.99
N ASP F 186 -1.86 -9.44 -64.99
CA ASP F 186 -0.60 -10.14 -64.81
C ASP F 186 0.55 -9.17 -64.57
N LEU F 187 0.51 -7.99 -65.21
CA LEU F 187 1.50 -6.97 -64.93
C LEU F 187 1.41 -6.48 -63.49
N THR F 188 0.19 -6.33 -62.96
CA THR F 188 0.04 -5.92 -61.56
C THR F 188 0.60 -6.99 -60.62
N TYR F 189 0.32 -8.27 -60.92
CA TYR F 189 0.88 -9.34 -60.11
C TYR F 189 2.40 -9.35 -60.16
N HIS F 190 2.97 -9.13 -61.35
CA HIS F 190 4.42 -9.06 -61.48
C HIS F 190 4.99 -7.87 -60.71
N MET F 191 4.29 -6.74 -60.73
CA MET F 191 4.74 -5.57 -59.98
C MET F 191 4.72 -5.85 -58.48
N MET F 192 3.68 -6.54 -58.00
CA MET F 192 3.63 -6.92 -56.59
C MET F 192 4.79 -7.85 -56.24
N LYS F 193 5.07 -8.83 -57.10
CA LYS F 193 6.18 -9.74 -56.85
C LYS F 193 7.51 -9.01 -56.82
N LEU F 194 7.70 -8.04 -57.72
CA LEU F 194 8.92 -7.23 -57.71
C LEU F 194 9.01 -6.39 -56.43
N PHE F 195 7.89 -5.82 -55.99
CA PHE F 195 7.86 -5.05 -54.75
C PHE F 195 8.18 -5.91 -53.52
N THR F 196 7.85 -7.20 -53.56
CA THR F 196 8.18 -8.06 -52.42
C THR F 196 9.69 -8.18 -52.22
N GLU F 197 10.47 -7.91 -53.26
CA GLU F 197 11.93 -7.97 -53.15
C GLU F 197 12.52 -6.73 -52.49
N ARG F 198 11.76 -5.65 -52.37
CA ARG F 198 12.24 -4.43 -51.74
C ARG F 198 11.97 -4.37 -50.25
N GLY F 199 10.98 -5.12 -49.77
CA GLY F 199 10.64 -5.12 -48.36
C GLY F 199 9.17 -4.90 -48.12
N HIS F 200 8.47 -4.37 -49.12
CA HIS F 200 7.05 -4.10 -49.01
C HIS F 200 6.24 -5.29 -49.49
N THR F 201 5.23 -5.67 -48.72
CA THR F 201 4.39 -6.83 -49.02
C THR F 201 2.95 -6.36 -49.19
N PHE F 202 2.34 -6.70 -50.32
CA PHE F 202 0.95 -6.38 -50.61
C PHE F 202 0.21 -7.65 -50.91
N THR F 203 -0.86 -7.91 -50.16
CA THR F 203 -1.65 -9.13 -50.35
C THR F 203 -3.14 -8.87 -50.51
N THR F 204 -3.69 -7.89 -49.78
CA THR F 204 -5.12 -7.67 -49.80
C THR F 204 -5.55 -6.97 -51.09
N THR F 205 -6.87 -6.95 -51.30
CA THR F 205 -7.42 -6.35 -52.51
C THR F 205 -7.16 -4.85 -52.55
N ALA F 206 -7.28 -4.17 -51.41
CA ALA F 206 -6.96 -2.75 -51.36
C ALA F 206 -5.52 -2.49 -51.71
N GLU F 207 -4.60 -3.32 -51.20
CA GLU F 207 -3.20 -3.21 -51.59
C GLU F 207 -3.02 -3.48 -53.08
N ARG F 208 -3.82 -4.40 -53.65
CA ARG F 208 -3.75 -4.64 -55.08
CA ARG F 208 -3.75 -4.64 -55.08
C ARG F 208 -4.16 -3.40 -55.86
N GLU F 209 -5.22 -2.71 -55.43
CA GLU F 209 -5.62 -1.47 -56.09
C GLU F 209 -4.55 -0.39 -55.95
N ILE F 210 -3.91 -0.31 -54.78
CA ILE F 210 -2.82 0.64 -54.60
C ILE F 210 -1.68 0.35 -55.56
N VAL F 211 -1.31 -0.92 -55.71
CA VAL F 211 -0.24 -1.29 -56.63
C VAL F 211 -0.64 -0.98 -58.06
N ARG F 212 -1.91 -1.20 -58.40
CA ARG F 212 -2.38 -0.85 -59.74
C ARG F 212 -2.25 0.64 -60.01
N ASP F 213 -2.62 1.46 -59.03
CA ASP F 213 -2.47 2.91 -59.19
C ASP F 213 -1.02 3.30 -59.34
N ILE F 214 -0.13 2.68 -58.56
CA ILE F 214 1.30 2.97 -58.67
C ILE F 214 1.80 2.62 -60.07
N LYS F 215 1.38 1.46 -60.58
CA LYS F 215 1.78 1.05 -61.93
C LYS F 215 1.26 2.02 -62.98
N GLU F 216 0.01 2.47 -62.84
CA GLU F 216 -0.55 3.42 -63.80
C GLU F 216 0.19 4.74 -63.77
N LYS F 217 0.61 5.21 -62.60
CA LYS F 217 1.19 6.53 -62.48
C LYS F 217 2.70 6.59 -62.71
N LEU F 218 3.43 5.50 -62.47
CA LEU F 218 4.89 5.57 -62.48
C LEU F 218 5.53 4.43 -63.27
N CYS F 219 5.07 4.15 -64.49
CA CYS F 219 5.67 3.13 -65.33
C CYS F 219 5.91 3.67 -66.73
N TYR F 220 6.97 3.16 -67.36
CA TYR F 220 7.31 3.51 -68.73
C TYR F 220 8.09 2.36 -69.36
N ILE F 221 8.16 2.37 -70.68
CA ILE F 221 8.80 1.30 -71.45
C ILE F 221 10.16 1.78 -71.91
N ALA F 222 11.20 1.00 -71.62
CA ALA F 222 12.56 1.35 -71.99
C ALA F 222 12.85 0.91 -73.41
N MET F 223 13.48 1.79 -74.19
CA MET F 223 13.84 1.45 -75.57
C MET F 223 14.86 0.32 -75.59
N ASP F 224 15.88 0.40 -74.73
CA ASP F 224 16.91 -0.62 -74.61
C ASP F 224 16.86 -1.16 -73.19
N TYR F 225 16.34 -2.38 -73.04
CA TYR F 225 16.17 -2.96 -71.72
C TYR F 225 17.52 -3.21 -71.04
N ASP F 226 18.50 -3.73 -71.80
CA ASP F 226 19.79 -4.07 -71.21
C ASP F 226 20.52 -2.82 -70.74
N GLU F 227 20.50 -1.76 -71.55
CA GLU F 227 21.21 -0.54 -71.17
C GLU F 227 20.62 0.09 -69.91
N GLU F 228 19.29 0.16 -69.82
CA GLU F 228 18.67 0.71 -68.62
C GLU F 228 18.86 -0.19 -67.41
N LEU F 229 18.90 -1.51 -67.62
CA LEU F 229 19.22 -2.42 -66.52
C LEU F 229 20.63 -2.20 -66.01
N LYS F 230 21.59 -1.97 -66.92
CA LYS F 230 22.95 -1.65 -66.50
C LYS F 230 23.00 -0.32 -65.74
N ARG F 231 22.27 0.68 -66.23
CA ARG F 231 22.24 1.99 -65.58
CA ARG F 231 22.26 1.98 -65.57
C ARG F 231 21.51 1.95 -64.25
N SER F 232 20.66 0.94 -64.01
CA SER F 232 19.91 0.87 -62.77
C SER F 232 20.85 0.66 -61.58
N GLU F 233 21.97 -0.02 -61.79
CA GLU F 233 22.91 -0.35 -60.72
C GLU F 233 24.01 0.70 -60.59
N GLU F 234 23.95 1.75 -61.42
CA GLU F 234 24.97 2.79 -61.38
C GLU F 234 24.40 4.21 -61.28
N HIS F 235 23.19 4.47 -61.75
CA HIS F 235 22.59 5.80 -61.68
C HIS F 235 21.18 5.70 -61.12
N SER F 236 21.01 4.97 -60.02
CA SER F 236 19.68 4.74 -59.46
C SER F 236 19.01 6.03 -59.03
N ASP F 237 19.81 7.06 -58.71
CA ASP F 237 19.23 8.33 -58.26
C ASP F 237 18.34 8.95 -59.34
N GLU F 238 18.68 8.73 -60.61
CA GLU F 238 17.88 9.28 -61.70
C GLU F 238 16.55 8.55 -61.82
N ILE F 239 16.53 7.26 -61.50
CA ILE F 239 15.33 6.45 -61.72
C ILE F 239 14.41 6.45 -60.50
N GLU F 240 14.96 6.70 -59.31
CA GLU F 240 14.17 6.64 -58.09
C GLU F 240 13.05 7.68 -58.10
N GLU F 241 11.88 7.28 -57.59
CA GLU F 241 10.71 8.16 -57.52
C GLU F 241 10.01 7.92 -56.20
N ILE F 242 9.56 8.99 -55.56
CA ILE F 242 8.89 8.88 -54.27
C ILE F 242 7.38 8.85 -54.50
N TYR F 243 6.71 7.91 -53.82
CA TYR F 243 5.26 7.79 -53.89
C TYR F 243 4.70 7.77 -52.48
N GLU F 244 3.57 8.43 -52.28
CA GLU F 244 2.96 8.57 -50.96
C GLU F 244 1.81 7.57 -50.84
N LEU F 245 1.93 6.64 -49.89
CA LEU F 245 0.86 5.70 -49.62
C LEU F 245 -0.29 6.40 -48.93
N PRO F 246 -1.51 5.84 -49.01
CA PRO F 246 -2.67 6.50 -48.38
C PRO F 246 -2.55 6.66 -46.88
N ASP F 247 -1.77 5.80 -46.23
CA ASP F 247 -1.58 5.91 -44.79
C ASP F 247 -0.48 6.90 -44.41
N GLY F 248 0.19 7.52 -45.38
CA GLY F 248 1.18 8.53 -45.12
C GLY F 248 2.62 8.09 -45.27
N ASN F 249 2.87 6.78 -45.44
CA ASN F 249 4.23 6.31 -45.62
C ASN F 249 4.71 6.59 -47.04
N LEU F 250 6.03 6.61 -47.21
CA LEU F 250 6.66 6.88 -48.49
C LEU F 250 7.34 5.62 -49.01
N ILE F 251 7.24 5.40 -50.32
CA ILE F 251 7.83 4.25 -50.99
C ILE F 251 8.66 4.71 -52.16
N THR F 252 9.84 4.12 -52.32
CA THR F 252 10.78 4.48 -53.38
C THR F 252 10.67 3.46 -54.50
N VAL F 253 10.18 3.91 -55.65
CA VAL F 253 10.08 3.06 -56.83
C VAL F 253 11.29 3.36 -57.71
N GLY F 254 12.15 2.36 -57.90
CA GLY F 254 13.36 2.53 -58.67
C GLY F 254 13.38 1.73 -59.95
N SER F 255 14.08 0.60 -59.94
CA SER F 255 14.23 -0.23 -61.13
C SER F 255 12.93 -0.89 -61.57
N GLU F 256 11.88 -0.85 -60.75
CA GLU F 256 10.61 -1.49 -61.07
C GLU F 256 9.76 -0.67 -62.02
N ARG F 257 10.23 0.53 -62.43
CA ARG F 257 9.45 1.36 -63.33
C ARG F 257 9.35 0.76 -64.73
N PHE F 258 10.43 0.17 -65.23
CA PHE F 258 10.44 -0.41 -66.57
C PHE F 258 10.49 -1.93 -66.59
N ARG F 259 10.82 -2.57 -65.47
CA ARG F 259 10.85 -4.03 -65.42
C ARG F 259 9.45 -4.64 -65.40
N CYS F 260 8.44 -3.88 -65.00
CA CYS F 260 7.07 -4.39 -64.95
C CYS F 260 6.43 -4.42 -66.35
N PRO F 261 6.47 -3.33 -67.13
CA PRO F 261 5.86 -3.40 -68.47
C PRO F 261 6.67 -4.21 -69.47
N GLU F 262 7.90 -4.61 -69.13
CA GLU F 262 8.72 -5.37 -70.06
C GLU F 262 8.18 -6.77 -70.31
N ALA F 263 7.27 -7.26 -69.46
CA ALA F 263 6.70 -8.59 -69.65
C ALA F 263 5.84 -8.70 -70.91
N LEU F 264 5.40 -7.58 -71.47
CA LEU F 264 4.65 -7.63 -72.72
C LEU F 264 5.49 -8.13 -73.88
N PHE F 265 6.74 -7.68 -73.96
CA PHE F 265 7.64 -8.08 -75.04
C PHE F 265 8.44 -9.33 -74.70
N ASN F 266 8.35 -9.83 -73.47
CA ASN F 266 9.07 -11.04 -73.06
C ASN F 266 8.25 -11.73 -71.98
N PRO F 267 7.24 -12.51 -72.38
CA PRO F 267 6.36 -13.16 -71.39
C PRO F 267 7.04 -14.23 -70.54
N THR F 268 8.29 -14.58 -70.83
CA THR F 268 8.99 -15.59 -70.02
C THR F 268 9.31 -15.07 -68.63
N LEU F 269 9.28 -13.76 -68.40
CA LEU F 269 9.52 -13.22 -67.07
C LEU F 269 8.43 -13.63 -66.09
N ILE F 270 7.18 -13.66 -66.53
CA ILE F 270 6.06 -14.04 -65.68
C ILE F 270 5.71 -15.52 -65.83
N GLY F 271 6.62 -16.32 -66.39
CA GLY F 271 6.38 -17.75 -66.54
C GLY F 271 5.27 -18.10 -67.51
N ARG F 272 5.22 -17.44 -68.65
CA ARG F 272 4.25 -17.72 -69.69
C ARG F 272 4.96 -18.13 -70.97
N GLU F 273 4.48 -19.20 -71.59
CA GLU F 273 5.08 -19.73 -72.81
C GLU F 273 4.57 -19.03 -74.07
N CYS F 274 3.55 -18.18 -73.96
CA CYS F 274 3.02 -17.49 -75.12
C CYS F 274 4.05 -16.47 -75.63
N PRO F 275 4.04 -16.20 -76.93
CA PRO F 275 4.99 -15.22 -77.48
C PRO F 275 4.61 -13.80 -77.08
N GLY F 276 5.52 -12.88 -77.38
CA GLY F 276 5.33 -11.48 -77.04
C GLY F 276 4.30 -10.78 -77.91
N LEU F 277 4.31 -9.45 -77.90
CA LEU F 277 3.35 -8.67 -78.67
C LEU F 277 3.79 -8.49 -80.12
N HIS F 278 5.05 -8.09 -80.34
CA HIS F 278 5.55 -7.93 -81.69
C HIS F 278 5.58 -9.25 -82.45
N ILE F 279 5.97 -10.34 -81.76
CA ILE F 279 5.99 -11.65 -82.39
C ILE F 279 4.58 -12.06 -82.78
N THR F 280 3.60 -11.81 -81.91
CA THR F 280 2.22 -12.15 -82.21
C THR F 280 1.71 -11.35 -83.41
N ALA F 281 2.03 -10.05 -83.46
CA ALA F 281 1.63 -9.22 -84.59
C ALA F 281 2.25 -9.72 -85.89
N TYR F 282 3.54 -10.06 -85.85
CA TYR F 282 4.22 -10.54 -87.05
C TYR F 282 3.61 -11.86 -87.52
N GLN F 283 3.31 -12.76 -86.58
CA GLN F 283 2.69 -14.03 -86.95
C GLN F 283 1.31 -13.81 -87.55
N SER F 284 0.55 -12.86 -86.99
CA SER F 284 -0.77 -12.56 -87.53
C SER F 284 -0.69 -11.95 -88.92
N ILE F 285 0.32 -11.13 -89.19
CA ILE F 285 0.48 -10.56 -90.53
C ILE F 285 0.87 -11.62 -91.55
N MET F 286 1.77 -12.53 -91.19
CA MET F 286 2.24 -13.56 -92.11
C MET F 286 1.19 -14.61 -92.45
N LYS F 287 0.05 -14.68 -91.78
CA LYS F 287 -0.99 -15.64 -92.11
C LYS F 287 -1.94 -15.15 -93.20
N CYS F 288 -1.77 -13.91 -93.66
CA CYS F 288 -2.59 -13.36 -94.73
C CYS F 288 -1.91 -13.60 -96.08
N ASP F 289 -2.56 -13.12 -97.13
CA ASP F 289 -2.01 -13.27 -98.47
C ASP F 289 -0.81 -12.34 -98.68
N ILE F 290 -0.01 -12.65 -99.69
CA ILE F 290 1.24 -11.92 -99.90
C ILE F 290 0.97 -10.47 -100.25
N ASP F 291 -0.04 -10.21 -101.09
CA ASP F 291 -0.31 -8.85 -101.54
C ASP F 291 -1.01 -8.01 -100.47
N ILE F 292 -1.46 -8.63 -99.38
CA ILE F 292 -2.20 -7.90 -98.34
C ILE F 292 -1.23 -7.37 -97.29
N ARG F 293 -0.07 -8.02 -97.18
CA ARG F 293 0.85 -7.71 -96.09
C ARG F 293 1.38 -6.29 -96.16
N LYS F 294 1.55 -5.77 -97.38
CA LYS F 294 2.12 -4.44 -97.54
C LYS F 294 1.25 -3.36 -96.90
N GLU F 295 -0.07 -3.46 -97.10
CA GLU F 295 -0.98 -2.48 -96.50
C GLU F 295 -1.12 -2.69 -95.00
N LEU F 296 -1.03 -3.95 -94.54
CA LEU F 296 -1.14 -4.19 -93.10
C LEU F 296 0.07 -3.68 -92.35
N TYR F 297 1.26 -3.74 -92.96
CA TYR F 297 2.46 -3.24 -92.31
C TYR F 297 2.42 -1.73 -92.09
N ASN F 298 1.55 -1.01 -92.80
CA ASN F 298 1.52 0.45 -92.74
C ASN F 298 0.34 0.99 -91.94
N ASN F 299 -0.49 0.12 -91.37
CA ASN F 299 -1.68 0.56 -90.65
C ASN F 299 -1.83 -0.21 -89.33
N ILE F 300 -0.75 -0.26 -88.56
CA ILE F 300 -0.77 -0.91 -87.25
C ILE F 300 -1.42 0.02 -86.24
N VAL F 301 -2.64 -0.33 -85.82
CA VAL F 301 -3.40 0.52 -84.90
C VAL F 301 -3.33 -0.08 -83.50
N LEU F 302 -3.02 0.75 -82.51
CA LEU F 302 -2.97 0.33 -81.12
C LEU F 302 -4.23 0.80 -80.40
N SER F 303 -4.77 -0.05 -79.53
CA SER F 303 -5.96 0.28 -78.77
C SER F 303 -5.94 -0.45 -77.44
N GLY F 304 -6.68 0.08 -76.47
CA GLY F 304 -6.76 -0.53 -75.16
C GLY F 304 -6.08 0.27 -74.08
N GLY F 305 -6.41 -0.01 -72.82
CA GLY F 305 -5.80 0.72 -71.73
C GLY F 305 -4.38 0.30 -71.41
N THR F 306 -4.03 -0.95 -71.74
CA THR F 306 -2.69 -1.45 -71.47
C THR F 306 -1.63 -0.87 -72.39
N THR F 307 -2.04 -0.18 -73.46
CA THR F 307 -1.12 0.45 -74.40
C THR F 307 -0.91 1.93 -74.11
N MET F 308 -1.19 2.38 -72.88
CA MET F 308 -1.08 3.77 -72.50
C MET F 308 0.24 4.08 -71.80
N TYR F 309 1.28 3.29 -72.06
CA TYR F 309 2.59 3.54 -71.47
C TYR F 309 3.32 4.60 -72.29
N ASN F 310 4.56 4.90 -71.90
CA ASN F 310 5.38 5.86 -72.60
C ASN F 310 6.43 5.15 -73.44
N ASN F 311 6.72 5.74 -74.61
CA ASN F 311 7.69 5.20 -75.55
C ASN F 311 7.34 3.78 -75.96
N ILE F 312 6.05 3.50 -76.15
CA ILE F 312 5.62 2.18 -76.59
C ILE F 312 5.58 2.08 -78.10
N GLY F 313 5.13 3.15 -78.78
CA GLY F 313 5.10 3.13 -80.23
C GLY F 313 6.48 3.03 -80.85
N GLU F 314 7.45 3.77 -80.31
CA GLU F 314 8.81 3.69 -80.83
C GLU F 314 9.41 2.31 -80.62
N ARG F 315 9.18 1.71 -79.44
CA ARG F 315 9.68 0.37 -79.19
C ARG F 315 9.06 -0.64 -80.13
N LEU F 316 7.74 -0.54 -80.34
CA LEU F 316 7.06 -1.45 -81.27
C LEU F 316 7.58 -1.28 -82.68
N THR F 317 7.80 -0.04 -83.12
CA THR F 317 8.34 0.21 -84.45
C THR F 317 9.74 -0.39 -84.59
N LYS F 318 10.58 -0.21 -83.58
CA LYS F 318 11.93 -0.77 -83.64
C LYS F 318 11.89 -2.29 -83.68
N GLU F 319 11.00 -2.91 -82.91
CA GLU F 319 10.91 -4.37 -82.92
C GLU F 319 10.39 -4.88 -84.26
N MET F 320 9.40 -4.20 -84.84
CA MET F 320 8.85 -4.64 -86.12
C MET F 320 9.86 -4.43 -87.26
N THR F 321 10.71 -3.41 -87.14
CA THR F 321 11.70 -3.15 -88.18
C THR F 321 12.67 -4.32 -88.32
N ASN F 322 13.10 -4.90 -87.21
CA ASN F 322 14.05 -6.00 -87.24
C ASN F 322 13.44 -7.30 -87.76
N LEU F 323 12.11 -7.39 -87.88
CA LEU F 323 11.46 -8.59 -88.38
C LEU F 323 10.94 -8.42 -89.80
N ALA F 324 10.33 -7.27 -90.10
CA ALA F 324 9.81 -7.02 -91.44
C ALA F 324 10.96 -6.85 -92.43
N PRO F 325 10.71 -7.12 -93.71
CA PRO F 325 11.75 -6.92 -94.72
C PRO F 325 12.17 -5.45 -94.81
N SER F 326 13.42 -5.25 -95.22
CA SER F 326 14.03 -3.93 -95.23
C SER F 326 13.49 -3.01 -96.33
N SER F 327 12.46 -3.44 -97.07
CA SER F 327 11.85 -2.61 -98.10
C SER F 327 10.43 -2.19 -97.75
N MET F 328 9.98 -2.45 -96.53
CA MET F 328 8.64 -2.09 -96.10
C MET F 328 8.67 -0.87 -95.19
N LYS F 329 7.52 -0.20 -95.11
CA LYS F 329 7.35 0.98 -94.26
CA LYS F 329 7.35 0.98 -94.26
C LYS F 329 6.44 0.61 -93.10
N ILE F 330 6.95 0.74 -91.88
CA ILE F 330 6.19 0.43 -90.68
C ILE F 330 5.78 1.73 -90.00
N LYS F 331 4.49 1.88 -89.75
CA LYS F 331 3.96 3.07 -89.09
C LYS F 331 2.95 2.64 -88.04
N VAL F 332 3.32 2.82 -86.77
CA VAL F 332 2.44 2.48 -85.65
C VAL F 332 1.54 3.68 -85.36
N ILE F 333 0.25 3.42 -85.24
CA ILE F 333 -0.76 4.45 -85.04
C ILE F 333 -1.20 4.36 -83.58
N ALA F 334 -0.77 5.32 -82.77
CA ALA F 334 -1.15 5.41 -81.36
C ALA F 334 -1.73 6.79 -81.10
N PRO F 335 -2.99 7.03 -81.49
CA PRO F 335 -3.58 8.35 -81.30
C PRO F 335 -3.88 8.60 -79.84
N PRO F 336 -4.02 9.86 -79.43
CA PRO F 336 -4.45 10.14 -78.05
C PRO F 336 -5.85 9.63 -77.80
N GLU F 337 -6.25 9.64 -76.52
CA GLU F 337 -7.55 9.18 -76.03
C GLU F 337 -7.93 7.81 -76.56
N ARG F 338 -6.95 6.97 -76.91
CA ARG F 338 -7.19 5.65 -77.45
C ARG F 338 -7.73 4.68 -76.41
N LYS F 339 -7.73 5.04 -75.13
CA LYS F 339 -8.30 4.18 -74.09
C LYS F 339 -9.81 4.04 -74.20
N TYR F 340 -10.49 4.98 -74.87
CA TYR F 340 -11.92 4.90 -75.08
C TYR F 340 -12.26 4.73 -76.55
N SER F 341 -11.35 4.14 -77.33
CA SER F 341 -11.58 4.03 -78.77
C SER F 341 -12.77 3.12 -79.09
N VAL F 342 -12.94 2.04 -78.31
CA VAL F 342 -14.03 1.11 -78.57
C VAL F 342 -15.38 1.80 -78.41
N TRP F 343 -15.54 2.60 -77.36
CA TRP F 343 -16.80 3.30 -77.14
C TRP F 343 -17.08 4.31 -78.25
N ILE F 344 -16.04 5.03 -78.68
CA ILE F 344 -16.22 6.01 -79.75
C ILE F 344 -16.62 5.31 -81.04
N GLY F 345 -15.97 4.19 -81.35
CA GLY F 345 -16.35 3.43 -82.53
C GLY F 345 -17.77 2.91 -82.47
N GLY F 346 -18.19 2.42 -81.30
CA GLY F 346 -19.56 1.99 -81.15
C GLY F 346 -20.56 3.11 -81.32
N SER F 347 -20.24 4.29 -80.77
CA SER F 347 -21.12 5.44 -80.94
C SER F 347 -21.22 5.85 -82.40
N ILE F 348 -20.09 5.83 -83.11
CA ILE F 348 -20.10 6.17 -84.53
C ILE F 348 -20.93 5.17 -85.32
N LEU F 349 -20.76 3.88 -85.02
CA LEU F 349 -21.51 2.84 -85.74
C LEU F 349 -23.00 2.95 -85.48
N SER F 350 -23.39 3.22 -84.22
CA SER F 350 -24.80 3.26 -83.87
C SER F 350 -25.51 4.48 -84.44
N SER F 351 -24.78 5.47 -84.94
CA SER F 351 -25.37 6.69 -85.46
C SER F 351 -25.47 6.69 -86.98
N LEU F 352 -25.33 5.53 -87.62
CA LEU F 352 -25.40 5.41 -89.07
C LEU F 352 -26.78 4.92 -89.48
N SER F 353 -27.30 5.48 -90.57
CA SER F 353 -28.61 5.09 -91.07
C SER F 353 -28.62 3.67 -91.60
N THR F 354 -27.51 3.22 -92.20
CA THR F 354 -27.44 1.87 -92.74
C THR F 354 -27.48 0.82 -91.63
N PHE F 355 -27.07 1.18 -90.41
CA PHE F 355 -27.08 0.26 -89.29
C PHE F 355 -28.43 0.12 -88.63
N GLN F 356 -29.40 0.97 -88.98
CA GLN F 356 -30.71 0.97 -88.33
C GLN F 356 -31.54 -0.27 -88.65
N GLN F 357 -31.04 -1.17 -89.49
CA GLN F 357 -31.74 -2.40 -89.83
C GLN F 357 -31.18 -3.64 -89.13
N MET F 358 -29.88 -3.65 -88.82
CA MET F 358 -29.23 -4.80 -88.19
C MET F 358 -29.45 -4.75 -86.67
N TRP F 359 -30.69 -5.03 -86.27
CA TRP F 359 -31.06 -5.10 -84.87
C TRP F 359 -31.83 -6.38 -84.62
N ILE F 360 -31.78 -6.84 -83.37
CA ILE F 360 -32.56 -8.01 -82.96
C ILE F 360 -33.79 -7.53 -82.21
N THR F 361 -34.93 -7.53 -82.88
CA THR F 361 -36.16 -7.07 -82.27
C THR F 361 -36.72 -8.11 -81.32
N LYS F 362 -37.71 -7.70 -80.52
CA LYS F 362 -38.31 -8.60 -79.54
C LYS F 362 -39.01 -9.77 -80.23
N GLU F 363 -39.71 -9.50 -81.35
CA GLU F 363 -40.46 -10.55 -82.03
C GLU F 363 -39.52 -11.62 -82.57
N GLU F 364 -38.39 -11.22 -83.16
CA GLU F 364 -37.45 -12.18 -83.71
C GLU F 364 -36.87 -13.08 -82.62
N TYR F 365 -36.50 -12.47 -81.48
CA TYR F 365 -35.97 -13.26 -80.38
C TYR F 365 -37.03 -14.21 -79.82
N GLU F 366 -38.27 -13.74 -79.70
CA GLU F 366 -39.33 -14.58 -79.18
C GLU F 366 -39.68 -15.74 -80.11
N ASP F 367 -39.60 -15.54 -81.42
CA ASP F 367 -39.95 -16.59 -82.37
C ASP F 367 -38.78 -17.55 -82.58
N SER F 368 -37.65 -17.03 -83.03
CA SER F 368 -36.51 -17.89 -83.34
C SER F 368 -35.87 -18.49 -82.09
N GLY F 369 -35.73 -17.70 -81.03
CA GLY F 369 -35.10 -18.17 -79.82
C GLY F 369 -33.77 -17.48 -79.56
N PRO F 370 -33.08 -17.88 -78.49
CA PRO F 370 -31.80 -17.25 -78.15
C PRO F 370 -30.69 -17.49 -79.17
N SER F 371 -30.83 -18.49 -80.04
CA SER F 371 -29.78 -18.81 -81.00
C SER F 371 -29.67 -17.81 -82.14
N ILE F 372 -30.64 -16.90 -82.28
CA ILE F 372 -30.62 -15.94 -83.37
C ILE F 372 -29.39 -15.06 -83.32
N VAL F 373 -28.82 -14.85 -82.13
CA VAL F 373 -27.60 -14.05 -81.99
C VAL F 373 -26.42 -14.66 -82.74
N HIS F 374 -26.51 -15.93 -83.12
CA HIS F 374 -25.46 -16.59 -83.88
C HIS F 374 -25.64 -16.44 -85.38
N ARG F 375 -26.68 -15.74 -85.82
CA ARG F 375 -26.92 -15.54 -87.25
CA ARG F 375 -26.95 -15.53 -87.24
C ARG F 375 -27.00 -14.08 -87.67
N LYS F 376 -27.28 -13.15 -86.75
CA LYS F 376 -27.37 -11.74 -87.10
C LYS F 376 -26.29 -10.87 -86.46
N CYS F 377 -25.56 -11.40 -85.48
CA CYS F 377 -24.51 -10.66 -84.79
C CYS F 377 -23.18 -11.36 -85.04
N PHE F 378 -22.17 -10.59 -85.45
CA PHE F 378 -20.83 -11.11 -85.67
C PHE F 378 -19.78 -10.15 -85.16
#